data_3LWH
# 
_entry.id   3LWH 
# 
_audit_conform.dict_name       mmcif_pdbx.dic 
_audit_conform.dict_version    5.380 
_audit_conform.dict_location   http://mmcif.pdb.org/dictionaries/ascii/mmcif_pdbx.dic 
# 
loop_
_database_2.database_id 
_database_2.database_code 
_database_2.pdbx_database_accession 
_database_2.pdbx_DOI 
PDB   3LWH         pdb_00003lwh 10.2210/pdb3lwh/pdb 
NDB   NA0459       ?            ?                   
RCSB  RCSB057816   ?            ?                   
WWPDB D_1000057816 ?            ?                   
# 
_pdbx_database_related.db_name        PDB 
_pdbx_database_related.db_id          3LWI 
_pdbx_database_related.details        . 
_pdbx_database_related.content_type   unspecified 
# 
_pdbx_database_status.status_code                     REL 
_pdbx_database_status.entry_id                        3LWH 
_pdbx_database_status.recvd_initial_deposition_date   2010-02-23 
_pdbx_database_status.deposit_site                    RCSB 
_pdbx_database_status.process_site                    PDBJ 
_pdbx_database_status.status_code_sf                  REL 
_pdbx_database_status.status_code_mr                  ? 
_pdbx_database_status.SG_entry                        ? 
_pdbx_database_status.status_code_cs                  ? 
_pdbx_database_status.pdb_format_compatible           Y 
_pdbx_database_status.status_code_nmr_data            ? 
_pdbx_database_status.methods_development_category    ? 
# 
loop_
_audit_author.name 
_audit_author.pdbx_ordinal 
'Zhang, Z.F.' 1 
'Gong, Y.'    2 
'Guo, L.'     3 
'Jiang, T.'   4 
'Huang, L.'   5 
# 
_citation.id                        primary 
_citation.title                     'Structural insights into the interaction of the crenarchaeal chromatin protein Cren7 with DNA' 
_citation.journal_abbrev            Mol.Microbiol. 
_citation.journal_volume            76 
_citation.page_first                749 
_citation.page_last                 759 
_citation.year                      2010 
_citation.journal_id_ASTM           MOMIEE 
_citation.country                   UK 
_citation.journal_id_ISSN           0950-382X 
_citation.journal_id_CSD            2007 
_citation.book_publisher            ? 
_citation.pdbx_database_id_PubMed   20345658 
_citation.pdbx_database_id_DOI      10.1111/j.1365-2958.2010.07136.x 
# 
loop_
_citation_author.citation_id 
_citation_author.name 
_citation_author.ordinal 
_citation_author.identifier_ORCID 
primary 'Zhang, Z.F.' 1 ? 
primary 'Gong, Y.'    2 ? 
primary 'Guo, L.'     3 ? 
primary 'Jiang, T.'   4 ? 
primary 'Huang, L.'   5 ? 
# 
_cell.entry_id           3LWH 
_cell.length_a           49.693 
_cell.length_b           52.354 
_cell.length_c           88.617 
_cell.angle_alpha        90.00 
_cell.angle_beta         90.00 
_cell.angle_gamma        90.00 
_cell.Z_PDB              16 
_cell.pdbx_unique_axis   ? 
_cell.length_a_esd       ? 
_cell.length_b_esd       ? 
_cell.length_c_esd       ? 
_cell.angle_alpha_esd    ? 
_cell.angle_beta_esd     ? 
_cell.angle_gamma_esd    ? 
# 
_symmetry.entry_id                         3LWH 
_symmetry.space_group_name_H-M             'C 2 2 21' 
_symmetry.pdbx_full_space_group_name_H-M   ? 
_symmetry.cell_setting                     ? 
_symmetry.Int_Tables_number                20 
_symmetry.space_group_name_Hall            ? 
# 
loop_
_entity.id 
_entity.type 
_entity.src_method 
_entity.pdbx_description 
_entity.formula_weight 
_entity.pdbx_number_of_molecules 
_entity.pdbx_ec 
_entity.pdbx_mutation 
_entity.pdbx_fragment 
_entity.details 
1 polymer man 'Chromatin protein Cren7'                6677.914 1  ? ? ? ? 
2 polymer syn 
;DNA (5'-D(*GP*TP*AP*AP*TP*TP*AP*C)-3')
;
2425.629 2  ? ? ? ? 
3 water   nat water                                    18.015   78 ? ? ? ? 
# 
loop_
_entity_poly.entity_id 
_entity_poly.type 
_entity_poly.nstd_linkage 
_entity_poly.nstd_monomer 
_entity_poly.pdbx_seq_one_letter_code 
_entity_poly.pdbx_seq_one_letter_code_can 
_entity_poly.pdbx_strand_id 
_entity_poly.pdbx_target_identifier 
1 'polypeptide(L)'        no no MSSGKKPVKVKTPAGKEAELVPEKVWALAPKGRKGVKIGLFKDPETGKYFRHKLPDDYPI 
MSSGKKPVKVKTPAGKEAELVPEKVWALAPKGRKGVKIGLFKDPETGKYFRHKLPDDYPI A   ? 
2 polydeoxyribonucleotide no no '(DG)(DT)(DA)(DA)(DT)(DT)(DA)(DC)'                           GTAATTAC B,C ? 
# 
loop_
_entity_poly_seq.entity_id 
_entity_poly_seq.num 
_entity_poly_seq.mon_id 
_entity_poly_seq.hetero 
1 1  MET n 
1 2  SER n 
1 3  SER n 
1 4  GLY n 
1 5  LYS n 
1 6  LYS n 
1 7  PRO n 
1 8  VAL n 
1 9  LYS n 
1 10 VAL n 
1 11 LYS n 
1 12 THR n 
1 13 PRO n 
1 14 ALA n 
1 15 GLY n 
1 16 LYS n 
1 17 GLU n 
1 18 ALA n 
1 19 GLU n 
1 20 LEU n 
1 21 VAL n 
1 22 PRO n 
1 23 GLU n 
1 24 LYS n 
1 25 VAL n 
1 26 TRP n 
1 27 ALA n 
1 28 LEU n 
1 29 ALA n 
1 30 PRO n 
1 31 LYS n 
1 32 GLY n 
1 33 ARG n 
1 34 LYS n 
1 35 GLY n 
1 36 VAL n 
1 37 LYS n 
1 38 ILE n 
1 39 GLY n 
1 40 LEU n 
1 41 PHE n 
1 42 LYS n 
1 43 ASP n 
1 44 PRO n 
1 45 GLU n 
1 46 THR n 
1 47 GLY n 
1 48 LYS n 
1 49 TYR n 
1 50 PHE n 
1 51 ARG n 
1 52 HIS n 
1 53 LYS n 
1 54 LEU n 
1 55 PRO n 
1 56 ASP n 
1 57 ASP n 
1 58 TYR n 
1 59 PRO n 
1 60 ILE n 
2 1  DG  n 
2 2  DT  n 
2 3  DA  n 
2 4  DA  n 
2 5  DT  n 
2 6  DT  n 
2 7  DA  n 
2 8  DC  n 
# 
_entity_src_gen.entity_id                          1 
_entity_src_gen.pdbx_src_id                        1 
_entity_src_gen.pdbx_alt_source_flag               sample 
_entity_src_gen.pdbx_seq_type                      ? 
_entity_src_gen.pdbx_beg_seq_num                   ? 
_entity_src_gen.pdbx_end_seq_num                   ? 
_entity_src_gen.gene_src_common_name               ? 
_entity_src_gen.gene_src_genus                     ? 
_entity_src_gen.pdbx_gene_src_gene                 'creN7, SSO6901' 
_entity_src_gen.gene_src_species                   ? 
_entity_src_gen.gene_src_strain                    P2 
_entity_src_gen.gene_src_tissue                    ? 
_entity_src_gen.gene_src_tissue_fraction           ? 
_entity_src_gen.gene_src_details                   ? 
_entity_src_gen.pdbx_gene_src_fragment             ? 
_entity_src_gen.pdbx_gene_src_scientific_name      'Sulfolobus solfataricus' 
_entity_src_gen.pdbx_gene_src_ncbi_taxonomy_id     273057 
_entity_src_gen.pdbx_gene_src_variant              ? 
_entity_src_gen.pdbx_gene_src_cell_line            ? 
_entity_src_gen.pdbx_gene_src_atcc                 ? 
_entity_src_gen.pdbx_gene_src_organ                ? 
_entity_src_gen.pdbx_gene_src_organelle            ? 
_entity_src_gen.pdbx_gene_src_cell                 ? 
_entity_src_gen.pdbx_gene_src_cellular_location    ? 
_entity_src_gen.host_org_common_name               ? 
_entity_src_gen.pdbx_host_org_scientific_name      'Escherichia coli' 
_entity_src_gen.pdbx_host_org_ncbi_taxonomy_id     562 
_entity_src_gen.host_org_genus                     ? 
_entity_src_gen.pdbx_host_org_gene                 ? 
_entity_src_gen.pdbx_host_org_organ                ? 
_entity_src_gen.host_org_species                   ? 
_entity_src_gen.pdbx_host_org_tissue               ? 
_entity_src_gen.pdbx_host_org_tissue_fraction      ? 
_entity_src_gen.pdbx_host_org_strain               'Rosetta 2 (DE3) plysS' 
_entity_src_gen.pdbx_host_org_variant              ? 
_entity_src_gen.pdbx_host_org_cell_line            ? 
_entity_src_gen.pdbx_host_org_atcc                 ? 
_entity_src_gen.pdbx_host_org_culture_collection   ? 
_entity_src_gen.pdbx_host_org_cell                 ? 
_entity_src_gen.pdbx_host_org_organelle            ? 
_entity_src_gen.pdbx_host_org_cellular_location    ? 
_entity_src_gen.pdbx_host_org_vector_type          PLASMID 
_entity_src_gen.pdbx_host_org_vector               ? 
_entity_src_gen.host_org_details                   ? 
_entity_src_gen.expression_system_id               ? 
_entity_src_gen.plasmid_name                       pET30a 
_entity_src_gen.plasmid_details                    ? 
_entity_src_gen.pdbx_description                   ? 
# 
loop_
_struct_ref.id 
_struct_ref.db_name 
_struct_ref.db_code 
_struct_ref.pdbx_db_accession 
_struct_ref.entity_id 
_struct_ref.pdbx_seq_one_letter_code 
_struct_ref.pdbx_align_begin 
_struct_ref.pdbx_db_isoform 
1 UNP CREN7_SULSO Q97ZE3 1 MSSGKKPVKVKTPAGKEAELVPEKVWALAPKGRKGVKIGLFKDPETGKYFRHKLPDDYPI 1 ? 
2 PDB 3LWH        3LWH   2 ?                                                            ? ? 
# 
loop_
_struct_ref_seq.align_id 
_struct_ref_seq.ref_id 
_struct_ref_seq.pdbx_PDB_id_code 
_struct_ref_seq.pdbx_strand_id 
_struct_ref_seq.seq_align_beg 
_struct_ref_seq.pdbx_seq_align_beg_ins_code 
_struct_ref_seq.seq_align_end 
_struct_ref_seq.pdbx_seq_align_end_ins_code 
_struct_ref_seq.pdbx_db_accession 
_struct_ref_seq.db_align_beg 
_struct_ref_seq.pdbx_db_align_beg_ins_code 
_struct_ref_seq.db_align_end 
_struct_ref_seq.pdbx_db_align_end_ins_code 
_struct_ref_seq.pdbx_auth_seq_align_beg 
_struct_ref_seq.pdbx_auth_seq_align_end 
1 1 3LWH A 1 ? 60 ? Q97ZE3 1   ? 60  ? 1   60  
2 2 3LWH B 1 ? 8  ? 3LWH   101 ? 108 ? 101 108 
3 2 3LWH C 1 ? 8  ? 3LWH   109 ? 116 ? 109 116 
# 
loop_
_chem_comp.id 
_chem_comp.type 
_chem_comp.mon_nstd_flag 
_chem_comp.name 
_chem_comp.pdbx_synonyms 
_chem_comp.formula 
_chem_comp.formula_weight 
ALA 'L-peptide linking' y ALANINE                              ? 'C3 H7 N O2'      89.093  
ARG 'L-peptide linking' y ARGININE                             ? 'C6 H15 N4 O2 1'  175.209 
ASP 'L-peptide linking' y 'ASPARTIC ACID'                      ? 'C4 H7 N O4'      133.103 
DA  'DNA linking'       y "2'-DEOXYADENOSINE-5'-MONOPHOSPHATE" ? 'C10 H14 N5 O6 P' 331.222 
DC  'DNA linking'       y "2'-DEOXYCYTIDINE-5'-MONOPHOSPHATE"  ? 'C9 H14 N3 O7 P'  307.197 
DG  'DNA linking'       y "2'-DEOXYGUANOSINE-5'-MONOPHOSPHATE" ? 'C10 H14 N5 O7 P' 347.221 
DT  'DNA linking'       y "THYMIDINE-5'-MONOPHOSPHATE"         ? 'C10 H15 N2 O8 P' 322.208 
GLU 'L-peptide linking' y 'GLUTAMIC ACID'                      ? 'C5 H9 N O4'      147.129 
GLY 'peptide linking'   y GLYCINE                              ? 'C2 H5 N O2'      75.067  
HIS 'L-peptide linking' y HISTIDINE                            ? 'C6 H10 N3 O2 1'  156.162 
HOH non-polymer         . WATER                                ? 'H2 O'            18.015  
ILE 'L-peptide linking' y ISOLEUCINE                           ? 'C6 H13 N O2'     131.173 
LEU 'L-peptide linking' y LEUCINE                              ? 'C6 H13 N O2'     131.173 
LYS 'L-peptide linking' y LYSINE                               ? 'C6 H15 N2 O2 1'  147.195 
MET 'L-peptide linking' y METHIONINE                           ? 'C5 H11 N O2 S'   149.211 
PHE 'L-peptide linking' y PHENYLALANINE                        ? 'C9 H11 N O2'     165.189 
PRO 'L-peptide linking' y PROLINE                              ? 'C5 H9 N O2'      115.130 
SER 'L-peptide linking' y SERINE                               ? 'C3 H7 N O3'      105.093 
THR 'L-peptide linking' y THREONINE                            ? 'C4 H9 N O3'      119.119 
TRP 'L-peptide linking' y TRYPTOPHAN                           ? 'C11 H12 N2 O2'   204.225 
TYR 'L-peptide linking' y TYROSINE                             ? 'C9 H11 N O3'     181.189 
VAL 'L-peptide linking' y VALINE                               ? 'C5 H11 N O2'     117.146 
# 
_exptl.entry_id          3LWH 
_exptl.method            'X-RAY DIFFRACTION' 
_exptl.crystals_number   1 
# 
_exptl_crystal.id                    1 
_exptl_crystal.density_meas          ? 
_exptl_crystal.density_Matthews      2.50 
_exptl_crystal.density_percent_sol   50.79 
_exptl_crystal.description           ? 
_exptl_crystal.F_000                 ? 
_exptl_crystal.preparation           ? 
# 
_exptl_crystal_grow.crystal_id      1 
_exptl_crystal_grow.method          'VAPOR DIFFUSION' 
_exptl_crystal_grow.temp            293.0 
_exptl_crystal_grow.temp_details    ? 
_exptl_crystal_grow.pH              6.8 
_exptl_crystal_grow.pdbx_details    '30% PEG1500, pH 6.8, VAPOR DIFFUSION, temperature 293.0K' 
_exptl_crystal_grow.pdbx_pH_range   . 
# 
_diffrn.id                     1 
_diffrn.ambient_temp           100 
_diffrn.ambient_temp_details   ? 
_diffrn.crystal_id             1 
# 
_diffrn_detector.diffrn_id              1 
_diffrn_detector.detector               CCD 
_diffrn_detector.type                   'MARMOSAIC 225 mm CCD' 
_diffrn_detector.pdbx_collection_date   2009-11-28 
_diffrn_detector.details                ? 
# 
_diffrn_radiation.diffrn_id                        1 
_diffrn_radiation.wavelength_id                    1 
_diffrn_radiation.pdbx_monochromatic_or_laue_m_l   M 
_diffrn_radiation.monochromator                    ? 
_diffrn_radiation.pdbx_diffrn_protocol             'SINGLE WAVELENGTH' 
_diffrn_radiation.pdbx_scattering_type             x-ray 
# 
_diffrn_radiation_wavelength.id           1 
_diffrn_radiation_wavelength.wavelength   0.97947 
_diffrn_radiation_wavelength.wt           1.0 
# 
_diffrn_source.diffrn_id                   1 
_diffrn_source.source                      SYNCHROTRON 
_diffrn_source.type                        'SSRF BEAMLINE BL17U' 
_diffrn_source.pdbx_synchrotron_site       SSRF 
_diffrn_source.pdbx_synchrotron_beamline   BL17U 
_diffrn_source.pdbx_wavelength             ? 
_diffrn_source.pdbx_wavelength_list        0.97947 
# 
_reflns.entry_id                     3LWH 
_reflns.observed_criterion_sigma_I   2.0 
_reflns.observed_criterion_sigma_F   2.0 
_reflns.d_resolution_low             30.0 
_reflns.d_resolution_high            1.9 
_reflns.number_obs                   9660 
_reflns.number_all                   ? 
_reflns.percent_possible_obs         99.5 
_reflns.pdbx_Rmerge_I_obs            0.05 
_reflns.pdbx_Rsym_value              0.05 
_reflns.pdbx_netI_over_sigmaI        44.0 
_reflns.B_iso_Wilson_estimate        ? 
_reflns.pdbx_redundancy              7.7 
_reflns.R_free_details               ? 
_reflns.limit_h_max                  ? 
_reflns.limit_h_min                  ? 
_reflns.limit_k_max                  ? 
_reflns.limit_k_min                  ? 
_reflns.limit_l_max                  ? 
_reflns.limit_l_min                  ? 
_reflns.observed_criterion_F_max     ? 
_reflns.observed_criterion_F_min     ? 
_reflns.pdbx_chi_squared             ? 
_reflns.pdbx_scaling_rejects         ? 
_reflns.pdbx_ordinal                 1 
_reflns.pdbx_diffrn_id               1 
# 
_reflns_shell.d_res_high             1.90 
_reflns_shell.d_res_low              1.98 
_reflns_shell.percent_possible_all   100 
_reflns_shell.Rmerge_I_obs           0.34 
_reflns_shell.pdbx_Rsym_value        ? 
_reflns_shell.meanI_over_sigI_obs    8.7 
_reflns_shell.pdbx_redundancy        7.8 
_reflns_shell.percent_possible_obs   ? 
_reflns_shell.number_unique_all      ? 
_reflns_shell.number_measured_all    ? 
_reflns_shell.number_measured_obs    ? 
_reflns_shell.number_unique_obs      ? 
_reflns_shell.pdbx_chi_squared       ? 
_reflns_shell.pdbx_ordinal           1 
_reflns_shell.pdbx_diffrn_id         1 
# 
_refine.entry_id                                 3LWH 
_refine.ls_number_reflns_obs                     8918 
_refine.ls_number_reflns_all                     8918 
_refine.pdbx_ls_sigma_I                          0.0 
_refine.pdbx_ls_sigma_F                          0.0 
_refine.pdbx_data_cutoff_high_absF               ? 
_refine.pdbx_data_cutoff_low_absF                ? 
_refine.pdbx_data_cutoff_high_rms_absF           ? 
_refine.ls_d_res_low                             30.00 
_refine.ls_d_res_high                            1.90 
_refine.ls_percent_reflns_obs                    99.47 
_refine.ls_R_factor_obs                          0.21774 
_refine.ls_R_factor_all                          0.21774 
_refine.ls_R_factor_R_work                       0.21634 
_refine.ls_R_factor_R_free                       0.24640 
_refine.ls_R_factor_R_free_error                 ? 
_refine.ls_R_factor_R_free_error_details         ? 
_refine.ls_percent_reflns_R_free                 4.8 
_refine.ls_number_reflns_R_free                  452 
_refine.ls_number_parameters                     ? 
_refine.ls_number_restraints                     ? 
_refine.occupancy_min                            ? 
_refine.occupancy_max                            ? 
_refine.correlation_coeff_Fo_to_Fc               0.954 
_refine.correlation_coeff_Fo_to_Fc_free          0.951 
_refine.B_iso_mean                               40.672 
_refine.aniso_B[1][1]                            2.18 
_refine.aniso_B[2][2]                            -0.57 
_refine.aniso_B[3][3]                            -1.61 
_refine.aniso_B[1][2]                            0.00 
_refine.aniso_B[1][3]                            0.00 
_refine.aniso_B[2][3]                            0.00 
_refine.solvent_model_details                    MASK 
_refine.solvent_model_param_ksol                 ? 
_refine.solvent_model_param_bsol                 ? 
_refine.pdbx_solvent_vdw_probe_radii             1.20 
_refine.pdbx_solvent_ion_probe_radii             0.80 
_refine.pdbx_solvent_shrinkage_radii             0.80 
_refine.pdbx_ls_cross_valid_method               THROUGHOUT 
_refine.details                                  ? 
_refine.pdbx_starting_model                      'PDB ENTRY 2JTM' 
_refine.pdbx_method_to_determine_struct          'MOLECULAR REPLACEMENT' 
_refine.pdbx_isotropic_thermal_model             ? 
_refine.pdbx_stereochemistry_target_values       'MAXIMUM LIKELIHOOD' 
_refine.pdbx_stereochem_target_val_spec_case     ? 
_refine.pdbx_R_Free_selection_details            RANDOM 
_refine.pdbx_overall_ESU_R                       0.166 
_refine.pdbx_overall_ESU_R_Free                  0.148 
_refine.overall_SU_ML                            0.115 
_refine.overall_SU_B                             6.771 
_refine.ls_redundancy_reflns_obs                 ? 
_refine.B_iso_min                                ? 
_refine.B_iso_max                                ? 
_refine.overall_SU_R_Cruickshank_DPI             ? 
_refine.overall_SU_R_free                        ? 
_refine.ls_wR_factor_R_free                      ? 
_refine.ls_wR_factor_R_work                      ? 
_refine.overall_FOM_free_R_set                   ? 
_refine.overall_FOM_work_R_set                   ? 
_refine.pdbx_refine_id                           'X-RAY DIFFRACTION' 
_refine.pdbx_overall_phase_error                 ? 
_refine.pdbx_TLS_residual_ADP_flag               'LIKELY RESIDUAL' 
_refine.pdbx_diffrn_id                           1 
_refine.pdbx_overall_SU_R_free_Cruickshank_DPI   ? 
_refine.pdbx_overall_SU_R_Blow_DPI               ? 
_refine.pdbx_overall_SU_R_free_Blow_DPI          ? 
# 
_refine_hist.pdbx_refine_id                   'X-RAY DIFFRACTION' 
_refine_hist.cycle_id                         LAST 
_refine_hist.pdbx_number_atoms_protein        463 
_refine_hist.pdbx_number_atoms_nucleic_acid   322 
_refine_hist.pdbx_number_atoms_ligand         0 
_refine_hist.number_atoms_solvent             78 
_refine_hist.number_atoms_total               863 
_refine_hist.d_res_high                       1.90 
_refine_hist.d_res_low                        30.00 
# 
loop_
_refine_ls_restr.type 
_refine_ls_restr.dev_ideal 
_refine_ls_restr.dev_ideal_target 
_refine_ls_restr.weight 
_refine_ls_restr.number 
_refine_ls_restr.pdbx_refine_id 
_refine_ls_restr.pdbx_restraint_function 
r_bond_refined_d             0.008  0.022  ? 836  'X-RAY DIFFRACTION' ? 
r_bond_other_d               ?      ?      ? ?    'X-RAY DIFFRACTION' ? 
r_angle_refined_deg          1.386  2.476  ? 1192 'X-RAY DIFFRACTION' ? 
r_angle_other_deg            ?      ?      ? ?    'X-RAY DIFFRACTION' ? 
r_dihedral_angle_1_deg       5.418  5.000  ? 58   'X-RAY DIFFRACTION' ? 
r_dihedral_angle_2_deg       31.010 23.333 ? 15   'X-RAY DIFFRACTION' ? 
r_dihedral_angle_3_deg       18.992 15.000 ? 92   'X-RAY DIFFRACTION' ? 
r_dihedral_angle_4_deg       23.284 15.000 ? 2    'X-RAY DIFFRACTION' ? 
r_chiral_restr               0.065  0.200  ? 128  'X-RAY DIFFRACTION' ? 
r_gen_planes_refined         0.005  0.020  ? 510  'X-RAY DIFFRACTION' ? 
r_gen_planes_other           ?      ?      ? ?    'X-RAY DIFFRACTION' ? 
r_nbd_refined                0.171  0.200  ? 313  'X-RAY DIFFRACTION' ? 
r_nbd_other                  ?      ?      ? ?    'X-RAY DIFFRACTION' ? 
r_nbtor_refined              0.306  0.200  ? 506  'X-RAY DIFFRACTION' ? 
r_nbtor_other                ?      ?      ? ?    'X-RAY DIFFRACTION' ? 
r_xyhbond_nbd_refined        0.130  0.200  ? 69   'X-RAY DIFFRACTION' ? 
r_xyhbond_nbd_other          ?      ?      ? ?    'X-RAY DIFFRACTION' ? 
r_metal_ion_refined          ?      ?      ? ?    'X-RAY DIFFRACTION' ? 
r_metal_ion_other            ?      ?      ? ?    'X-RAY DIFFRACTION' ? 
r_symmetry_vdw_refined       0.191  0.200  ? 32   'X-RAY DIFFRACTION' ? 
r_symmetry_vdw_other         ?      ?      ? ?    'X-RAY DIFFRACTION' ? 
r_symmetry_hbond_refined     0.172  0.200  ? 6    'X-RAY DIFFRACTION' ? 
r_symmetry_hbond_other       ?      ?      ? ?    'X-RAY DIFFRACTION' ? 
r_symmetry_metal_ion_refined ?      ?      ? ?    'X-RAY DIFFRACTION' ? 
r_symmetry_metal_ion_other   ?      ?      ? ?    'X-RAY DIFFRACTION' ? 
r_mcbond_it                  0.637  1.500  ? 298  'X-RAY DIFFRACTION' ? 
r_mcbond_other               ?      ?      ? ?    'X-RAY DIFFRACTION' ? 
r_mcangle_it                 1.174  2.000  ? 479  'X-RAY DIFFRACTION' ? 
r_scbond_it                  1.534  3.000  ? 696  'X-RAY DIFFRACTION' ? 
r_scangle_it                 1.928  4.500  ? 713  'X-RAY DIFFRACTION' ? 
r_rigid_bond_restr           ?      ?      ? ?    'X-RAY DIFFRACTION' ? 
r_sphericity_free            ?      ?      ? ?    'X-RAY DIFFRACTION' ? 
r_sphericity_bonded          ?      ?      ? ?    'X-RAY DIFFRACTION' ? 
# 
_refine_ls_shell.pdbx_total_number_of_bins_used   20 
_refine_ls_shell.d_res_high                       1.900 
_refine_ls_shell.d_res_low                        1.949 
_refine_ls_shell.number_reflns_R_work             634 
_refine_ls_shell.R_factor_R_work                  0.274 
_refine_ls_shell.percent_reflns_obs               100.00 
_refine_ls_shell.R_factor_R_free                  0.357 
_refine_ls_shell.R_factor_R_free_error            ? 
_refine_ls_shell.percent_reflns_R_free            ? 
_refine_ls_shell.number_reflns_R_free             39 
_refine_ls_shell.number_reflns_all                ? 
_refine_ls_shell.R_factor_all                     ? 
_refine_ls_shell.number_reflns_obs                ? 
_refine_ls_shell.redundancy_reflns_obs            ? 
_refine_ls_shell.pdbx_refine_id                   'X-RAY DIFFRACTION' 
# 
_struct.entry_id                  3LWH 
_struct.title                     'Crystal structure of Cren7-dsDNA complex' 
_struct.pdbx_model_details        ? 
_struct.pdbx_CASP_flag            ? 
_struct.pdbx_model_type_details   ? 
# 
_struct_keywords.entry_id        3LWH 
_struct_keywords.pdbx_keywords   'DNA BINDING PROTEIN/DNA' 
_struct_keywords.text            'Protein-DNA complex, beta-sheet, DNA-binding, Methylation, DNA BINDING PROTEIN-DNA complex' 
# 
loop_
_struct_asym.id 
_struct_asym.pdbx_blank_PDB_chainid_flag 
_struct_asym.pdbx_modified 
_struct_asym.entity_id 
_struct_asym.details 
A N N 1 ? 
B N N 2 ? 
C N N 2 ? 
D N N 3 ? 
E N N 3 ? 
F N N 3 ? 
# 
_struct_biol.id        1 
_struct_biol.details   ? 
# 
loop_
_struct_conn.id 
_struct_conn.conn_type_id 
_struct_conn.pdbx_leaving_atom_flag 
_struct_conn.pdbx_PDB_id 
_struct_conn.ptnr1_label_asym_id 
_struct_conn.ptnr1_label_comp_id 
_struct_conn.ptnr1_label_seq_id 
_struct_conn.ptnr1_label_atom_id 
_struct_conn.pdbx_ptnr1_label_alt_id 
_struct_conn.pdbx_ptnr1_PDB_ins_code 
_struct_conn.pdbx_ptnr1_standard_comp_id 
_struct_conn.ptnr1_symmetry 
_struct_conn.ptnr2_label_asym_id 
_struct_conn.ptnr2_label_comp_id 
_struct_conn.ptnr2_label_seq_id 
_struct_conn.ptnr2_label_atom_id 
_struct_conn.pdbx_ptnr2_label_alt_id 
_struct_conn.pdbx_ptnr2_PDB_ins_code 
_struct_conn.ptnr1_auth_asym_id 
_struct_conn.ptnr1_auth_comp_id 
_struct_conn.ptnr1_auth_seq_id 
_struct_conn.ptnr2_auth_asym_id 
_struct_conn.ptnr2_auth_comp_id 
_struct_conn.ptnr2_auth_seq_id 
_struct_conn.ptnr2_symmetry 
_struct_conn.pdbx_ptnr3_label_atom_id 
_struct_conn.pdbx_ptnr3_label_seq_id 
_struct_conn.pdbx_ptnr3_label_comp_id 
_struct_conn.pdbx_ptnr3_label_asym_id 
_struct_conn.pdbx_ptnr3_label_alt_id 
_struct_conn.pdbx_ptnr3_PDB_ins_code 
_struct_conn.details 
_struct_conn.pdbx_dist_value 
_struct_conn.pdbx_value_order 
_struct_conn.pdbx_role 
hydrog1  hydrog ? ? B DG 1 N1 ? ? ? 1_555 C DC 8 N3 ? ? B DG 101 C DC 116 1_555 ? ? ? ? ? ? WATSON-CRICK ? ? ? 
hydrog2  hydrog ? ? B DG 1 N2 ? ? ? 1_555 C DC 8 O2 ? ? B DG 101 C DC 116 1_555 ? ? ? ? ? ? WATSON-CRICK ? ? ? 
hydrog3  hydrog ? ? B DG 1 O6 ? ? ? 1_555 C DC 8 N4 ? ? B DG 101 C DC 116 1_555 ? ? ? ? ? ? WATSON-CRICK ? ? ? 
hydrog4  hydrog ? ? B DT 2 N3 ? ? ? 1_555 C DA 7 N1 ? ? B DT 102 C DA 115 1_555 ? ? ? ? ? ? WATSON-CRICK ? ? ? 
hydrog5  hydrog ? ? B DT 2 O4 ? ? ? 1_555 C DA 7 N6 ? ? B DT 102 C DA 115 1_555 ? ? ? ? ? ? WATSON-CRICK ? ? ? 
hydrog6  hydrog ? ? B DA 3 N1 ? ? ? 1_555 C DT 6 N3 ? ? B DA 103 C DT 114 1_555 ? ? ? ? ? ? WATSON-CRICK ? ? ? 
hydrog7  hydrog ? ? B DA 3 N6 ? ? ? 1_555 C DT 6 O4 ? ? B DA 103 C DT 114 1_555 ? ? ? ? ? ? WATSON-CRICK ? ? ? 
hydrog8  hydrog ? ? B DA 4 N1 ? ? ? 1_555 C DT 5 N3 ? ? B DA 104 C DT 113 1_555 ? ? ? ? ? ? WATSON-CRICK ? ? ? 
hydrog9  hydrog ? ? B DA 4 N6 ? ? ? 1_555 C DT 5 O4 ? ? B DA 104 C DT 113 1_555 ? ? ? ? ? ? WATSON-CRICK ? ? ? 
hydrog10 hydrog ? ? B DT 5 N3 ? ? ? 1_555 C DA 4 N1 ? ? B DT 105 C DA 112 1_555 ? ? ? ? ? ? WATSON-CRICK ? ? ? 
hydrog11 hydrog ? ? B DT 5 O4 ? ? ? 1_555 C DA 4 N6 ? ? B DT 105 C DA 112 1_555 ? ? ? ? ? ? WATSON-CRICK ? ? ? 
hydrog12 hydrog ? ? B DT 6 N3 ? ? ? 1_555 C DA 3 N1 ? ? B DT 106 C DA 111 1_555 ? ? ? ? ? ? WATSON-CRICK ? ? ? 
hydrog13 hydrog ? ? B DT 6 O4 ? ? ? 1_555 C DA 3 N6 ? ? B DT 106 C DA 111 1_555 ? ? ? ? ? ? WATSON-CRICK ? ? ? 
hydrog14 hydrog ? ? B DA 7 N1 ? ? ? 1_555 C DT 2 N3 ? ? B DA 107 C DT 110 1_555 ? ? ? ? ? ? WATSON-CRICK ? ? ? 
hydrog15 hydrog ? ? B DA 7 N6 ? ? ? 1_555 C DT 2 O4 ? ? B DA 107 C DT 110 1_555 ? ? ? ? ? ? WATSON-CRICK ? ? ? 
hydrog16 hydrog ? ? B DC 8 N3 ? ? ? 1_555 C DG 1 N1 ? ? B DC 108 C DG 109 1_555 ? ? ? ? ? ? WATSON-CRICK ? ? ? 
hydrog17 hydrog ? ? B DC 8 N4 ? ? ? 1_555 C DG 1 O6 ? ? B DC 108 C DG 109 1_555 ? ? ? ? ? ? WATSON-CRICK ? ? ? 
hydrog18 hydrog ? ? B DC 8 O2 ? ? ? 1_555 C DG 1 N2 ? ? B DC 108 C DG 109 1_555 ? ? ? ? ? ? WATSON-CRICK ? ? ? 
# 
_struct_conn_type.id          hydrog 
_struct_conn_type.criteria    ? 
_struct_conn_type.reference   ? 
# 
loop_
_struct_sheet.id 
_struct_sheet.type 
_struct_sheet.number_strands 
_struct_sheet.details 
A ? 2 ? 
B ? 3 ? 
# 
loop_
_struct_sheet_order.sheet_id 
_struct_sheet_order.range_id_1 
_struct_sheet_order.range_id_2 
_struct_sheet_order.offset 
_struct_sheet_order.sense 
A 1 2 ? anti-parallel 
B 1 2 ? anti-parallel 
B 2 3 ? anti-parallel 
# 
loop_
_struct_sheet_range.sheet_id 
_struct_sheet_range.id 
_struct_sheet_range.beg_label_comp_id 
_struct_sheet_range.beg_label_asym_id 
_struct_sheet_range.beg_label_seq_id 
_struct_sheet_range.pdbx_beg_PDB_ins_code 
_struct_sheet_range.end_label_comp_id 
_struct_sheet_range.end_label_asym_id 
_struct_sheet_range.end_label_seq_id 
_struct_sheet_range.pdbx_end_PDB_ins_code 
_struct_sheet_range.beg_auth_comp_id 
_struct_sheet_range.beg_auth_asym_id 
_struct_sheet_range.beg_auth_seq_id 
_struct_sheet_range.end_auth_comp_id 
_struct_sheet_range.end_auth_asym_id 
_struct_sheet_range.end_auth_seq_id 
A 1 VAL A 8  ? LYS A 11 ? VAL A 8  LYS A 11 
A 2 GLU A 17 ? LEU A 20 ? GLU A 17 LEU A 20 
B 1 LYS A 24 ? LEU A 28 ? LYS A 24 LEU A 28 
B 2 VAL A 36 ? LYS A 42 ? VAL A 36 LYS A 42 
B 3 TYR A 49 ? LYS A 53 ? TYR A 49 LYS A 53 
# 
loop_
_pdbx_struct_sheet_hbond.sheet_id 
_pdbx_struct_sheet_hbond.range_id_1 
_pdbx_struct_sheet_hbond.range_id_2 
_pdbx_struct_sheet_hbond.range_1_label_atom_id 
_pdbx_struct_sheet_hbond.range_1_label_comp_id 
_pdbx_struct_sheet_hbond.range_1_label_asym_id 
_pdbx_struct_sheet_hbond.range_1_label_seq_id 
_pdbx_struct_sheet_hbond.range_1_PDB_ins_code 
_pdbx_struct_sheet_hbond.range_1_auth_atom_id 
_pdbx_struct_sheet_hbond.range_1_auth_comp_id 
_pdbx_struct_sheet_hbond.range_1_auth_asym_id 
_pdbx_struct_sheet_hbond.range_1_auth_seq_id 
_pdbx_struct_sheet_hbond.range_2_label_atom_id 
_pdbx_struct_sheet_hbond.range_2_label_comp_id 
_pdbx_struct_sheet_hbond.range_2_label_asym_id 
_pdbx_struct_sheet_hbond.range_2_label_seq_id 
_pdbx_struct_sheet_hbond.range_2_PDB_ins_code 
_pdbx_struct_sheet_hbond.range_2_auth_atom_id 
_pdbx_struct_sheet_hbond.range_2_auth_comp_id 
_pdbx_struct_sheet_hbond.range_2_auth_asym_id 
_pdbx_struct_sheet_hbond.range_2_auth_seq_id 
A 1 2 N VAL A 10 ? N VAL A 10 O ALA A 18 ? O ALA A 18 
B 1 2 N LEU A 28 ? N LEU A 28 O VAL A 36 ? O VAL A 36 
B 2 3 N PHE A 41 ? N PHE A 41 O PHE A 50 ? O PHE A 50 
# 
_atom_sites.entry_id                    3LWH 
_atom_sites.fract_transf_matrix[1][1]   0.01878832 
_atom_sites.fract_transf_matrix[1][2]   -0.00499337 
_atom_sites.fract_transf_matrix[1][3]   0.00520008 
_atom_sites.fract_transf_matrix[2][1]   0.00444894 
_atom_sites.fract_transf_matrix[2][2]   -0.00243755 
_atom_sites.fract_transf_matrix[2][3]   -0.01841503 
_atom_sites.fract_transf_matrix[3][1]   0.00307172 
_atom_sites.fract_transf_matrix[3][2]   0.01083681 
_atom_sites.fract_transf_matrix[3][3]   -0.00069234 
_atom_sites.fract_transf_vector[1]      0.286968 
_atom_sites.fract_transf_vector[2]      0.156123 
_atom_sites.fract_transf_vector[3]      0.062492 
# 
loop_
_atom_type.symbol 
C 
N 
O 
P 
# 
loop_
_atom_site.group_PDB 
_atom_site.id 
_atom_site.type_symbol 
_atom_site.label_atom_id 
_atom_site.label_alt_id 
_atom_site.label_comp_id 
_atom_site.label_asym_id 
_atom_site.label_entity_id 
_atom_site.label_seq_id 
_atom_site.pdbx_PDB_ins_code 
_atom_site.Cartn_x 
_atom_site.Cartn_y 
_atom_site.Cartn_z 
_atom_site.occupancy 
_atom_site.B_iso_or_equiv 
_atom_site.pdbx_formal_charge 
_atom_site.auth_seq_id 
_atom_site.auth_comp_id 
_atom_site.auth_asym_id 
_atom_site.auth_atom_id 
_atom_site.pdbx_PDB_model_num 
ATOM   1   N N     . SER A 1 2  ? -11.252 4.196   1.880   1.00 54.55 ? 2   SER A N     1 
ATOM   2   C CA    . SER A 1 2  ? -11.506 2.744   2.074   1.00 54.45 ? 2   SER A CA    1 
ATOM   3   C C     . SER A 1 2  ? -10.293 2.029   2.670   1.00 54.17 ? 2   SER A C     1 
ATOM   4   O O     . SER A 1 2  ? -9.169  2.176   2.185   1.00 54.07 ? 2   SER A O     1 
ATOM   5   C CB    . SER A 1 2  ? -11.908 2.094   0.750   1.00 54.63 ? 2   SER A CB    1 
ATOM   6   O OG    . SER A 1 2  ? -10.882 2.232   -0.222  1.00 55.31 ? 2   SER A OG    1 
ATOM   7   N N     . SER A 1 3  ? -10.537 1.254   3.724   1.00 53.64 ? 3   SER A N     1 
ATOM   8   C CA    . SER A 1 3  ? -9.496  0.451   4.359   1.00 52.94 ? 3   SER A CA    1 
ATOM   9   C C     . SER A 1 3  ? -9.151  -0.776  3.505   1.00 52.13 ? 3   SER A C     1 
ATOM   10  O O     . SER A 1 3  ? -9.918  -1.163  2.618   1.00 52.20 ? 3   SER A O     1 
ATOM   11  C CB    . SER A 1 3  ? -9.930  0.038   5.769   1.00 53.05 ? 3   SER A CB    1 
ATOM   12  O OG    . SER A 1 3  ? -11.017 -0.869  5.728   1.00 53.80 ? 3   SER A OG    1 
ATOM   13  N N     . GLY A 1 4  ? -7.987  -1.366  3.762   1.00 51.01 ? 4   GLY A N     1 
ATOM   14  C CA    . GLY A 1 4  ? -7.551  -2.558  3.042   1.00 49.41 ? 4   GLY A CA    1 
ATOM   15  C C     . GLY A 1 4  ? -8.079  -3.819  3.691   1.00 48.23 ? 4   GLY A C     1 
ATOM   16  O O     . GLY A 1 4  ? -8.503  -3.800  4.847   1.00 48.60 ? 4   GLY A O     1 
ATOM   17  N N     . LYS A 1 5  ? -8.070  -4.918  2.945   1.00 46.79 ? 5   LYS A N     1 
ATOM   18  C CA    . LYS A 1 5  ? -8.512  -6.192  3.505   1.00 45.33 ? 5   LYS A CA    1 
ATOM   19  C C     . LYS A 1 5  ? -7.339  -7.153  3.595   1.00 43.52 ? 5   LYS A C     1 
ATOM   20  O O     . LYS A 1 5  ? -6.790  -7.347  4.679   1.00 43.16 ? 5   LYS A O     1 
ATOM   21  C CB    . LYS A 1 5  ? -9.682  -6.810  2.715   1.00 45.75 ? 5   LYS A CB    1 
ATOM   22  C CG    . LYS A 1 5  ? -10.339 -5.917  1.657   1.00 46.93 ? 5   LYS A CG    1 
ATOM   23  C CD    . LYS A 1 5  ? -9.518  -5.898  0.360   1.00 48.43 ? 5   LYS A CD    1 
ATOM   24  C CE    . LYS A 1 5  ? -9.142  -7.310  -0.059  1.00 48.66 ? 5   LYS A CE    1 
ATOM   25  N NZ    . LYS A 1 5  ? -7.821  -7.383  -0.718  1.00 49.10 ? 5   LYS A NZ    1 
ATOM   26  N N     . LYS A 1 6  ? -6.939  -7.719  2.457   1.00 41.38 ? 6   LYS A N     1 
ATOM   27  C CA    . LYS A 1 6  ? -5.887  -8.737  2.416   1.00 39.62 ? 6   LYS A CA    1 
ATOM   28  C C     . LYS A 1 6  ? -4.484  -8.139  2.560   1.00 38.39 ? 6   LYS A C     1 
ATOM   29  O O     . LYS A 1 6  ? -4.241  -7.018  2.106   1.00 36.99 ? 6   LYS A O     1 
ATOM   30  C CB    . LYS A 1 6  ? -5.980  -9.575  1.134   1.00 39.90 ? 6   LYS A CB    1 
ATOM   31  C CG    . LYS A 1 6  ? -7.268  -10.422 1.019   1.00 40.68 ? 6   LYS A CG    1 
ATOM   32  C CD    . LYS A 1 6  ? -7.047  -11.912 1.236   1.00 42.10 ? 6   LYS A CD    1 
ATOM   33  C CE    . LYS A 1 6  ? -6.877  -12.266 2.700   1.00 43.42 ? 6   LYS A CE    1 
ATOM   34  N NZ    . LYS A 1 6  ? -7.523  -13.568 3.089   1.00 44.68 ? 6   LYS A NZ    1 
ATOM   35  N N     . PRO A 1 7  ? -3.564  -8.888  3.204   1.00 37.59 ? 7   PRO A N     1 
ATOM   36  C CA    . PRO A 1 7  ? -2.167  -8.476  3.322   1.00 37.59 ? 7   PRO A CA    1 
ATOM   37  C C     . PRO A 1 7  ? -1.479  -8.331  1.962   1.00 38.26 ? 7   PRO A C     1 
ATOM   38  O O     . PRO A 1 7  ? -1.775  -9.071  1.020   1.00 37.52 ? 7   PRO A O     1 
ATOM   39  C CB    . PRO A 1 7  ? -1.519  -9.620  4.106   1.00 37.18 ? 7   PRO A CB    1 
ATOM   40  C CG    . PRO A 1 7  ? -2.632  -10.316 4.789   1.00 37.13 ? 7   PRO A CG    1 
ATOM   41  C CD    . PRO A 1 7  ? -3.806  -10.182 3.869   1.00 37.65 ? 7   PRO A CD    1 
ATOM   42  N N     . VAL A 1 8  ? -0.558  -7.378  1.892   1.00 39.48 ? 8   VAL A N     1 
ATOM   43  C CA    . VAL A 1 8  ? 0.212   -7.056  0.684   1.00 40.64 ? 8   VAL A CA    1 
ATOM   44  C C     . VAL A 1 8  ? 1.694   -7.241  1.043   1.00 40.70 ? 8   VAL A C     1 
ATOM   45  O O     . VAL A 1 8  ? 2.122   -6.790  2.100   1.00 40.39 ? 8   VAL A O     1 
ATOM   46  C CB    . VAL A 1 8  ? -0.033  -5.571  0.275   1.00 40.63 ? 8   VAL A CB    1 
ATOM   47  C CG1   . VAL A 1 8  ? 0.757   -5.189  -0.983  1.00 42.26 ? 8   VAL A CG1   1 
ATOM   48  C CG2   . VAL A 1 8  ? -1.522  -5.309  0.067   1.00 42.84 ? 8   VAL A CG2   1 
ATOM   49  N N     . LYS A 1 9  ? 2.465   -7.906  0.177   1.00 41.04 ? 9   LYS A N     1 
ATOM   50  C CA    . LYS A 1 9  ? 3.923   -7.946  0.331   1.00 41.30 ? 9   LYS A CA    1 
ATOM   51  C C     . LYS A 1 9  ? 4.526   -6.607  -0.058  1.00 40.84 ? 9   LYS A C     1 
ATOM   52  O O     . LYS A 1 9  ? 4.390   -6.148  -1.206  1.00 40.58 ? 9   LYS A O     1 
ATOM   53  C CB    . LYS A 1 9  ? 4.557   -9.084  -0.488  1.00 41.99 ? 9   LYS A CB    1 
ATOM   54  C CG    . LYS A 1 9  ? 4.461   -10.432 0.186   1.00 44.81 ? 9   LYS A CG    1 
ATOM   55  C CD    . LYS A 1 9  ? 4.783   -11.585 -0.750  1.00 48.71 ? 9   LYS A CD    1 
ATOM   56  C CE    . LYS A 1 9  ? 4.513   -12.926 -0.073  1.00 50.89 ? 9   LYS A CE    1 
ATOM   57  N NZ    . LYS A 1 9  ? 5.382   -13.142 1.128   1.00 52.69 ? 9   LYS A NZ    1 
ATOM   58  N N     . VAL A 1 10 ? 5.182   -5.961  0.901   1.00 40.26 ? 10  VAL A N     1 
ATOM   59  C CA    . VAL A 1 10 ? 5.781   -4.648  0.657   1.00 40.02 ? 10  VAL A CA    1 
ATOM   60  C C     . VAL A 1 10 ? 7.204   -4.606  1.184   1.00 39.65 ? 10  VAL A C     1 
ATOM   61  O O     . VAL A 1 10 ? 7.591   -5.437  1.999   1.00 39.03 ? 10  VAL A O     1 
ATOM   62  C CB    . VAL A 1 10 ? 4.933   -3.488  1.283   1.00 40.50 ? 10  VAL A CB    1 
ATOM   63  C CG1   . VAL A 1 10 ? 3.501   -3.504  0.725   1.00 40.66 ? 10  VAL A CG1   1 
ATOM   64  C CG2   . VAL A 1 10 ? 4.910   -3.582  2.794   1.00 40.12 ? 10  VAL A CG2   1 
ATOM   65  N N     . LYS A 1 11 ? 7.994   -3.660  0.685   1.00 40.02 ? 11  LYS A N     1 
ATOM   66  C CA    . LYS A 1 11 ? 9.293   -3.365  1.279   1.00 40.95 ? 11  LYS A CA    1 
ATOM   67  C C     . LYS A 1 11 ? 9.089   -2.178  2.210   1.00 41.09 ? 11  LYS A C     1 
ATOM   68  O O     . LYS A 1 11 ? 8.475   -1.174  1.820   1.00 41.25 ? 11  LYS A O     1 
ATOM   69  C CB    . LYS A 1 11 ? 10.345  -3.056  0.210   1.00 41.34 ? 11  LYS A CB    1 
ATOM   70  C CG    . LYS A 1 11 ? 11.624  -2.439  0.760   1.00 43.80 ? 11  LYS A CG    1 
ATOM   71  C CD    . LYS A 1 11 ? 12.753  -3.446  0.949   1.00 46.74 ? 11  LYS A CD    1 
ATOM   72  C CE    . LYS A 1 11 ? 13.703  -3.415  -0.235  1.00 47.73 ? 11  LYS A CE    1 
ATOM   73  N NZ    . LYS A 1 11 ? 14.635  -2.236  -0.229  1.00 50.63 ? 11  LYS A NZ    1 
ATOM   74  N N     . THR A 1 12 ? 9.553   -2.312  3.450   1.00 40.35 ? 12  THR A N     1 
ATOM   75  C CA    . THR A 1 12 ? 9.358   -1.257  4.447   1.00 40.60 ? 12  THR A CA    1 
ATOM   76  C C     . THR A 1 12 ? 10.423  -0.179  4.247   1.00 40.19 ? 12  THR A C     1 
ATOM   77  O O     . THR A 1 12 ? 11.415  -0.420  3.551   1.00 40.42 ? 12  THR A O     1 
ATOM   78  C CB    . THR A 1 12 ? 9.424   -1.807  5.906   1.00 40.62 ? 12  THR A CB    1 
ATOM   79  O OG1   . THR A 1 12 ? 10.760  -2.250  6.189   1.00 41.21 ? 12  THR A OG1   1 
ATOM   80  C CG2   . THR A 1 12 ? 8.421   -2.943  6.116   1.00 41.39 ? 12  THR A CG2   1 
ATOM   81  N N     . PRO A 1 13 ? 10.234  1.017   4.840   1.00 40.36 ? 13  PRO A N     1 
ATOM   82  C CA    . PRO A 1 13 ? 11.290  2.033   4.721   1.00 40.71 ? 13  PRO A CA    1 
ATOM   83  C C     . PRO A 1 13 ? 12.593  1.641   5.433   1.00 41.33 ? 13  PRO A C     1 
ATOM   84  O O     . PRO A 1 13 ? 13.655  2.156   5.089   1.00 41.55 ? 13  PRO A O     1 
ATOM   85  C CB    . PRO A 1 13 ? 10.676  3.268   5.394   1.00 40.83 ? 13  PRO A CB    1 
ATOM   86  C CG    . PRO A 1 13 ? 9.204   3.015   5.422   1.00 39.89 ? 13  PRO A CG    1 
ATOM   87  C CD    . PRO A 1 13 ? 9.081   1.528   5.603   1.00 40.17 ? 13  PRO A CD    1 
ATOM   88  N N     . ALA A 1 14 ? 12.502  0.753   6.418   1.00 41.99 ? 14  ALA A N     1 
ATOM   89  C CA    . ALA A 1 14 ? 13.684  0.229   7.110   1.00 43.03 ? 14  ALA A CA    1 
ATOM   90  C C     . ALA A 1 14 ? 14.416  -0.812  6.251   1.00 43.77 ? 14  ALA A C     1 
ATOM   91  O O     . ALA A 1 14 ? 15.498  -1.284  6.626   1.00 44.28 ? 14  ALA A O     1 
ATOM   92  C CB    . ALA A 1 14 ? 13.294  -0.359  8.456   1.00 42.90 ? 14  ALA A CB    1 
ATOM   93  N N     . GLY A 1 15 ? 13.812  -1.170  5.115   1.00 44.07 ? 15  GLY A N     1 
ATOM   94  C CA    . GLY A 1 15 ? 14.422  -2.078  4.145   1.00 44.21 ? 15  GLY A CA    1 
ATOM   95  C C     . GLY A 1 15 ? 14.089  -3.549  4.338   1.00 44.21 ? 15  GLY A C     1 
ATOM   96  O O     . GLY A 1 15 ? 14.791  -4.416  3.823   1.00 44.07 ? 15  GLY A O     1 
ATOM   97  N N     . LYS A 1 16 ? 13.021  -3.838  5.077   1.00 44.39 ? 16  LYS A N     1 
ATOM   98  C CA    . LYS A 1 16 ? 12.602  -5.221  5.303   1.00 44.79 ? 16  LYS A CA    1 
ATOM   99  C C     . LYS A 1 16 ? 11.376  -5.565  4.462   1.00 44.57 ? 16  LYS A C     1 
ATOM   100 O O     . LYS A 1 16 ? 10.516  -4.720  4.251   1.00 44.76 ? 16  LYS A O     1 
ATOM   101 C CB    . LYS A 1 16 ? 12.295  -5.473  6.780   1.00 44.80 ? 16  LYS A CB    1 
ATOM   102 C CG    . LYS A 1 16 ? 13.475  -5.239  7.720   1.00 46.73 ? 16  LYS A CG    1 
ATOM   103 C CD    . LYS A 1 16 ? 13.525  -6.284  8.824   1.00 49.53 ? 16  LYS A CD    1 
ATOM   104 C CE    . LYS A 1 16 ? 12.147  -6.592  9.373   1.00 49.76 ? 16  LYS A CE    1 
ATOM   105 N NZ    . LYS A 1 16 ? 12.172  -7.786  10.253  1.00 52.20 ? 16  LYS A NZ    1 
ATOM   106 N N     . GLU A 1 17 ? 11.305  -6.803  3.980   1.00 44.19 ? 17  GLU A N     1 
ATOM   107 C CA    . GLU A 1 17 ? 10.100  -7.274  3.299   1.00 43.81 ? 17  GLU A CA    1 
ATOM   108 C C     . GLU A 1 17 ? 9.102   -7.724  4.344   1.00 43.34 ? 17  GLU A C     1 
ATOM   109 O O     . GLU A 1 17 ? 9.458   -8.474  5.263   1.00 42.91 ? 17  GLU A O     1 
ATOM   110 C CB    . GLU A 1 17 ? 10.404  -8.441  2.365   1.00 44.34 ? 17  GLU A CB    1 
ATOM   111 C CG    . GLU A 1 17 ? 11.390  -8.117  1.274   1.00 46.10 ? 17  GLU A CG    1 
ATOM   112 C CD    . GLU A 1 17 ? 11.676  -9.298  0.373   1.00 49.59 ? 17  GLU A CD    1 
ATOM   113 O OE1   . GLU A 1 17 ? 11.514  -10.465 0.806   1.00 50.27 ? 17  GLU A OE1   1 
ATOM   114 O OE2   . GLU A 1 17 ? 12.085  -9.048  -0.782  1.00 52.98 ? 17  GLU A OE2   1 
ATOM   115 N N     . ALA A 1 18 ? 7.857   -7.284  4.188   1.00 42.84 ? 18  ALA A N     1 
ATOM   116 C CA    . ALA A 1 18 ? 6.788   -7.587  5.148   1.00 42.42 ? 18  ALA A CA    1 
ATOM   117 C C     . ALA A 1 18 ? 5.438   -7.727  4.444   1.00 42.68 ? 18  ALA A C     1 
ATOM   118 O O     . ALA A 1 18 ? 5.178   -7.034  3.461   1.00 42.57 ? 18  ALA A O     1 
ATOM   119 C CB    . ALA A 1 18 ? 6.723   -6.501  6.188   1.00 42.38 ? 18  ALA A CB    1 
ATOM   120 N N     . GLU A 1 19 ? 4.599   -8.639  4.945   1.00 42.46 ? 19  GLU A N     1 
ATOM   121 C CA    . GLU A 1 19 ? 3.226   -8.808  4.472   1.00 42.29 ? 19  GLU A CA    1 
ATOM   122 C C     . GLU A 1 19 ? 2.314   -8.039  5.406   1.00 41.55 ? 19  GLU A C     1 
ATOM   123 O O     . GLU A 1 19 ? 2.079   -8.470  6.534   1.00 41.45 ? 19  GLU A O     1 
ATOM   124 C CB    . GLU A 1 19 ? 2.808   -10.275 4.520   1.00 42.82 ? 19  GLU A CB    1 
ATOM   125 C CG    . GLU A 1 19 ? 2.875   -11.017 3.222   1.00 44.22 ? 19  GLU A CG    1 
ATOM   126 C CD    . GLU A 1 19 ? 2.182   -12.363 3.318   1.00 45.25 ? 19  GLU A CD    1 
ATOM   127 O OE1   . GLU A 1 19 ? 1.090   -12.513 2.727   1.00 46.26 ? 19  GLU A OE1   1 
ATOM   128 O OE2   . GLU A 1 19 ? 2.710   -13.256 4.009   1.00 46.34 ? 19  GLU A OE2   1 
ATOM   129 N N     . LEU A 1 20 ? 1.811   -6.905  4.940   1.00 40.58 ? 20  LEU A N     1 
ATOM   130 C CA    . LEU A 1 20 ? 1.028   -6.019  5.794   1.00 40.58 ? 20  LEU A CA    1 
ATOM   131 C C     . LEU A 1 20 ? -0.343  -5.745  5.219   1.00 41.20 ? 20  LEU A C     1 
ATOM   132 O O     . LEU A 1 20 ? -0.514  -5.657  4.002   1.00 40.49 ? 20  LEU A O     1 
ATOM   133 C CB    . LEU A 1 20 ? 1.757   -4.684  5.985   1.00 40.53 ? 20  LEU A CB    1 
ATOM   134 C CG    . LEU A 1 20 ? 3.202   -4.711  6.500   1.00 40.83 ? 20  LEU A CG    1 
ATOM   135 C CD1   . LEU A 1 20 ? 3.865   -3.319  6.403   1.00 41.90 ? 20  LEU A CD1   1 
ATOM   136 C CD2   . LEU A 1 20 ? 3.282   -5.275  7.940   1.00 40.49 ? 20  LEU A CD2   1 
ATOM   137 N N     . VAL A 1 21 ? -1.313  -5.575  6.113   1.00 40.96 ? 21  VAL A N     1 
ATOM   138 C CA    . VAL A 1 21 ? -2.618  -5.070  5.725   1.00 40.63 ? 21  VAL A CA    1 
ATOM   139 C C     . VAL A 1 21 ? -2.543  -3.530  5.684   1.00 40.40 ? 21  VAL A C     1 
ATOM   140 O O     . VAL A 1 21 ? -2.095  -2.899  6.659   1.00 40.37 ? 21  VAL A O     1 
ATOM   141 C CB    . VAL A 1 21 ? -3.699  -5.554  6.707   1.00 40.86 ? 21  VAL A CB    1 
ATOM   142 C CG1   . VAL A 1 21 ? -5.078  -4.997  6.323   1.00 41.08 ? 21  VAL A CG1   1 
ATOM   143 C CG2   . VAL A 1 21 ? -3.728  -7.091  6.749   1.00 40.23 ? 21  VAL A CG2   1 
ATOM   144 N N     . PRO A 1 22 ? -2.924  -2.919  4.540   1.00 40.27 ? 22  PRO A N     1 
ATOM   145 C CA    . PRO A 1 22 ? -2.916  -1.467  4.482   1.00 39.93 ? 22  PRO A CA    1 
ATOM   146 C C     . PRO A 1 22 ? -4.051  -0.901  5.314   1.00 40.07 ? 22  PRO A C     1 
ATOM   147 O O     . PRO A 1 22 ? -5.121  -1.512  5.418   1.00 40.49 ? 22  PRO A O     1 
ATOM   148 C CB    . PRO A 1 22 ? -3.110  -1.157  2.979   1.00 40.12 ? 22  PRO A CB    1 
ATOM   149 C CG    . PRO A 1 22 ? -3.780  -2.372  2.416   1.00 40.20 ? 22  PRO A CG    1 
ATOM   150 C CD    . PRO A 1 22 ? -3.337  -3.540  3.261   1.00 40.01 ? 22  PRO A CD    1 
ATOM   151 N N     . GLU A 1 23 ? -3.802  0.246   5.922   1.00 40.31 ? 23  GLU A N     1 
ATOM   152 C CA    . GLU A 1 23 ? -4.813  0.957   6.693   1.00 40.65 ? 23  GLU A CA    1 
ATOM   153 C C     . GLU A 1 23 ? -5.815  1.619   5.749   1.00 40.68 ? 23  GLU A C     1 
ATOM   154 O O     . GLU A 1 23 ? -7.013  1.740   6.061   1.00 41.18 ? 23  GLU A O     1 
ATOM   155 C CB    . GLU A 1 23 ? -4.123  2.019   7.546   1.00 40.62 ? 23  GLU A CB    1 
ATOM   156 C CG    . GLU A 1 23 ? -5.055  2.964   8.266   1.00 41.75 ? 23  GLU A CG    1 
ATOM   157 C CD    . GLU A 1 23 ? -4.336  3.802   9.289   1.00 41.80 ? 23  GLU A CD    1 
ATOM   158 O OE1   . GLU A 1 23 ? -3.368  3.305   9.909   1.00 42.31 ? 23  GLU A OE1   1 
ATOM   159 O OE2   . GLU A 1 23 ? -4.744  4.960   9.474   1.00 43.75 ? 23  GLU A OE2   1 
ATOM   160 N N     . LYS A 1 24 ? -5.310  2.070   4.608   1.00 40.23 ? 24  LYS A N     1 
ATOM   161 C CA    . LYS A 1 24 ? -6.128  2.786   3.638   1.00 40.65 ? 24  LYS A CA    1 
ATOM   162 C C     . LYS A 1 24 ? -5.604  2.523   2.238   1.00 40.08 ? 24  LYS A C     1 
ATOM   163 O O     . LYS A 1 24 ? -4.394  2.428   2.016   1.00 40.18 ? 24  LYS A O     1 
ATOM   164 C CB    . LYS A 1 24 ? -6.155  4.287   3.953   1.00 40.28 ? 24  LYS A CB    1 
ATOM   165 C CG    . LYS A 1 24 ? -7.448  4.977   3.564   1.00 43.84 ? 24  LYS A CG    1 
ATOM   166 C CD    . LYS A 1 24 ? -7.343  5.614   2.196   1.00 45.92 ? 24  LYS A CD    1 
ATOM   167 C CE    . LYS A 1 24 ? -8.694  5.714   1.494   1.00 45.94 ? 24  LYS A CE    1 
ATOM   168 N NZ    . LYS A 1 24 ? -9.664  6.612   2.171   1.00 47.22 ? 24  LYS A NZ    1 
ATOM   169 N N     . VAL A 1 25 ? -6.523  2.383   1.317   1.00 39.49 ? 25  VAL A N     1 
ATOM   170 C CA    . VAL A 1 25 ? -6.166  2.109   -0.068  1.00 39.06 ? 25  VAL A CA    1 
ATOM   171 C C     . VAL A 1 25 ? -6.937  3.018   -1.021  1.00 39.17 ? 25  VAL A C     1 
ATOM   172 O O     . VAL A 1 25 ? -8.080  3.368   -0.769  1.00 37.94 ? 25  VAL A O     1 
ATOM   173 C CB    . VAL A 1 25 ? -6.432  0.636   -0.441  1.00 39.76 ? 25  VAL A CB    1 
ATOM   174 C CG1   . VAL A 1 25 ? -5.584  -0.290  0.416   1.00 40.41 ? 25  VAL A CG1   1 
ATOM   175 C CG2   . VAL A 1 25 ? -7.910  0.304   -0.293  1.00 38.50 ? 25  VAL A CG2   1 
ATOM   176 N N     . TRP A 1 26 ? -6.304  3.437   -2.102  1.00 37.35 ? 26  TRP A N     1 
ATOM   177 C CA    . TRP A 1 26 ? -6.963  4.289   -3.092  1.00 36.32 ? 26  TRP A CA    1 
ATOM   178 C C     . TRP A 1 26 ? -6.248  4.271   -4.427  1.00 35.68 ? 26  TRP A C     1 
ATOM   179 O O     . TRP A 1 26 ? -5.096  3.852   -4.525  1.00 35.93 ? 26  TRP A O     1 
ATOM   180 C CB    . TRP A 1 26 ? -7.113  5.740   -2.593  1.00 35.98 ? 26  TRP A CB    1 
ATOM   181 C CG    . TRP A 1 26 ? -5.819  6.498   -2.443  1.00 35.38 ? 26  TRP A CG    1 
ATOM   182 C CD1   . TRP A 1 26 ? -5.264  7.373   -3.343  1.00 36.14 ? 26  TRP A CD1   1 
ATOM   183 C CD2   . TRP A 1 26 ? -4.924  6.458   -1.323  1.00 35.66 ? 26  TRP A CD2   1 
ATOM   184 N NE1   . TRP A 1 26 ? -4.078  7.878   -2.851  1.00 34.03 ? 26  TRP A NE1   1 
ATOM   185 C CE2   . TRP A 1 26 ? -3.846  7.329   -1.616  1.00 35.59 ? 26  TRP A CE2   1 
ATOM   186 C CE3   . TRP A 1 26 ? -4.925  5.764   -0.102  1.00 35.38 ? 26  TRP A CE3   1 
ATOM   187 C CZ2   . TRP A 1 26 ? -2.779  7.534   -0.724  1.00 36.20 ? 26  TRP A CZ2   1 
ATOM   188 C CZ3   . TRP A 1 26 ? -3.862  5.969   0.788   1.00 35.79 ? 26  TRP A CZ3   1 
ATOM   189 C CH2   . TRP A 1 26 ? -2.809  6.845   0.469   1.00 34.97 ? 26  TRP A CH2   1 
ATOM   190 N N     . ALA A 1 27 ? -6.938  4.756   -5.453  1.00 34.42 ? 27  ALA A N     1 
ATOM   191 C CA    . ALA A 1 27 ? -6.347  4.867   -6.768  1.00 33.36 ? 27  ALA A CA    1 
ATOM   192 C C     . ALA A 1 27 ? -5.627  6.201   -6.944  1.00 32.85 ? 27  ALA A C     1 
ATOM   193 O O     . ALA A 1 27 ? -6.154  7.268   -6.605  1.00 32.33 ? 27  ALA A O     1 
ATOM   194 C CB    . ALA A 1 27 ? -7.414  4.677   -7.847  1.00 33.78 ? 27  ALA A CB    1 
ATOM   195 N N     . LEU A 1 28 ? -4.416  6.128   -7.487  1.00 32.35 ? 28  LEU A N     1 
ATOM   196 C CA    . LEU A 1 28 ? -3.657  7.320   -7.848  1.00 32.18 ? 28  LEU A CA    1 
ATOM   197 C C     . LEU A 1 28 ? -3.428  7.359   -9.357  1.00 32.31 ? 28  LEU A C     1 
ATOM   198 O O     . LEU A 1 28 ? -2.493  6.737   -9.866  1.00 32.08 ? 28  LEU A O     1 
ATOM   199 C CB    . LEU A 1 28 ? -2.318  7.368   -7.085  1.00 31.50 ? 28  LEU A CB    1 
ATOM   200 C CG    . LEU A 1 28 ? -1.437  8.600   -7.314  1.00 31.59 ? 28  LEU A CG    1 
ATOM   201 C CD1   . LEU A 1 28 ? -2.167  9.873   -6.921  1.00 31.65 ? 28  LEU A CD1   1 
ATOM   202 C CD2   . LEU A 1 28 ? -0.114  8.472   -6.551  1.00 32.49 ? 28  LEU A CD2   1 
ATOM   203 N N     . ALA A 1 29 ? -4.288  8.095   -10.059 1.00 32.75 ? 29  ALA A N     1 
ATOM   204 C CA    . ALA A 1 29 ? -4.276  8.133   -11.520 1.00 33.44 ? 29  ALA A CA    1 
ATOM   205 C C     . ALA A 1 29 ? -4.549  9.527   -12.061 1.00 33.77 ? 29  ALA A C     1 
ATOM   206 O O     . ALA A 1 29 ? -5.542  10.151  -11.691 1.00 32.90 ? 29  ALA A O     1 
ATOM   207 C CB    . ALA A 1 29 ? -5.304  7.150   -12.088 1.00 33.37 ? 29  ALA A CB    1 
ATOM   208 N N     . PRO A 1 30 ? -3.671  10.018  -12.950 1.00 34.82 ? 30  PRO A N     1 
ATOM   209 C CA    . PRO A 1 30 ? -3.994  11.254  -13.651 1.00 36.01 ? 30  PRO A CA    1 
ATOM   210 C C     . PRO A 1 30 ? -5.164  10.971  -14.589 1.00 36.71 ? 30  PRO A C     1 
ATOM   211 O O     . PRO A 1 30 ? -5.473  9.807   -14.848 1.00 36.77 ? 30  PRO A O     1 
ATOM   212 C CB    . PRO A 1 30 ? -2.724  11.564  -14.452 1.00 35.64 ? 30  PRO A CB    1 
ATOM   213 C CG    . PRO A 1 30 ? -1.673  10.641  -13.945 1.00 36.18 ? 30  PRO A CG    1 
ATOM   214 C CD    . PRO A 1 30 ? -2.378  9.460   -13.370 1.00 35.06 ? 30  PRO A CD    1 
ATOM   215 N N     . LYS A 1 31 ? -5.819  12.023  -15.061 1.00 37.98 ? 31  LYS A N     1 
ATOM   216 C CA    . LYS A 1 31 ? -6.977  11.871  -15.935 1.00 38.57 ? 31  LYS A CA    1 
ATOM   217 C C     . LYS A 1 31 ? -6.600  11.107  -17.190 1.00 38.17 ? 31  LYS A C     1 
ATOM   218 O O     . LYS A 1 31 ? -5.541  11.343  -17.775 1.00 38.55 ? 31  LYS A O     1 
ATOM   219 C CB    . LYS A 1 31 ? -7.572  13.235  -16.270 1.00 38.97 ? 31  LYS A CB    1 
ATOM   220 C CG    . LYS A 1 31 ? -8.777  13.626  -15.414 1.00 41.26 ? 31  LYS A CG    1 
ATOM   221 C CD    . LYS A 1 31 ? -8.417  13.951  -13.976 1.00 44.43 ? 31  LYS A CD    1 
ATOM   222 C CE    . LYS A 1 31 ? -9.493  14.798  -13.322 1.00 45.39 ? 31  LYS A CE    1 
ATOM   223 N NZ    . LYS A 1 31 ? -8.943  15.585  -12.190 1.00 47.82 ? 31  LYS A NZ    1 
ATOM   224 N N     . GLY A 1 32 ? -7.451  10.156  -17.572 1.00 38.45 ? 32  GLY A N     1 
ATOM   225 C CA    . GLY A 1 32 ? -7.224  9.330   -18.766 1.00 38.09 ? 32  GLY A CA    1 
ATOM   226 C C     . GLY A 1 32 ? -6.048  8.372   -18.703 1.00 38.08 ? 32  GLY A C     1 
ATOM   227 O O     . GLY A 1 32 ? -5.602  7.862   -19.729 1.00 37.70 ? 32  GLY A O     1 
ATOM   228 N N     . ARG A 1 33 ? -5.536  8.123   -17.496 1.00 38.01 ? 33  ARG A N     1 
ATOM   229 C CA    . ARG A 1 33 ? -4.408  7.208   -17.318 1.00 37.93 ? 33  ARG A CA    1 
ATOM   230 C C     . ARG A 1 33 ? -4.842  6.090   -16.369 1.00 37.28 ? 33  ARG A C     1 
ATOM   231 O O     . ARG A 1 33 ? -5.730  6.287   -15.540 1.00 37.15 ? 33  ARG A O     1 
ATOM   232 C CB    . ARG A 1 33 ? -3.177  7.941   -16.756 1.00 38.73 ? 33  ARG A CB    1 
ATOM   233 C CG    . ARG A 1 33 ? -2.838  9.263   -17.444 1.00 40.55 ? 33  ARG A CG    1 
ATOM   234 C CD    . ARG A 1 33 ? -1.473  9.257   -18.111 1.00 44.94 ? 33  ARG A CD    1 
ATOM   235 N NE    . ARG A 1 33 ? -1.475  8.626   -19.433 1.00 48.64 ? 33  ARG A NE    1 
ATOM   236 C CZ    . ARG A 1 33 ? -0.669  8.982   -20.433 1.00 49.31 ? 33  ARG A CZ    1 
ATOM   237 N NH1   . ARG A 1 33 ? 0.200   9.973   -20.274 1.00 50.39 ? 33  ARG A NH1   1 
ATOM   238 N NH2   . ARG A 1 33 ? -0.730  8.348   -21.598 1.00 50.14 ? 33  ARG A NH2   1 
ATOM   239 N N     . LYS A 1 34 ? -4.235  4.920   -16.520 1.00 36.79 ? 34  LYS A N     1 
ATOM   240 C CA    . LYS A 1 34 ? -4.522  3.774   -15.663 1.00 37.24 ? 34  LYS A CA    1 
ATOM   241 C C     . LYS A 1 34 ? -4.128  4.086   -14.207 1.00 37.30 ? 34  LYS A C     1 
ATOM   242 O O     . LYS A 1 34 ? -4.880  3.803   -13.269 1.00 36.95 ? 34  LYS A O     1 
ATOM   243 C CB    . LYS A 1 34 ? -3.758  2.555   -16.166 1.00 37.00 ? 34  LYS A CB    1 
ATOM   244 C CG    . LYS A 1 34 ? -4.108  1.265   -15.460 1.00 38.41 ? 34  LYS A CG    1 
ATOM   245 C CD    . LYS A 1 34 ? -3.055  0.215   -15.733 1.00 39.81 ? 34  LYS A CD    1 
ATOM   246 C CE    . LYS A 1 34 ? -3.392  -1.095  -15.045 1.00 41.53 ? 34  LYS A CE    1 
ATOM   247 N NZ    . LYS A 1 34 ? -2.194  -1.977  -15.005 1.00 42.57 ? 34  LYS A NZ    1 
ATOM   248 N N     . GLY A 1 35 ? -2.950  4.682   -14.042 1.00 37.47 ? 35  GLY A N     1 
ATOM   249 C CA    . GLY A 1 35 ? -2.451  5.061   -12.716 1.00 38.04 ? 35  GLY A CA    1 
ATOM   250 C C     . GLY A 1 35 ? -2.000  3.851   -11.928 1.00 38.20 ? 35  GLY A C     1 
ATOM   251 O O     . GLY A 1 35 ? -1.698  2.804   -12.501 1.00 37.96 ? 35  GLY A O     1 
ATOM   252 N N     . VAL A 1 36 ? -1.904  4.007   -10.613 1.00 39.17 ? 36  VAL A N     1 
ATOM   253 C CA    . VAL A 1 36 ? -1.589  2.880   -9.764  1.00 39.35 ? 36  VAL A CA    1 
ATOM   254 C C     . VAL A 1 36 ? -2.562  2.873   -8.595  1.00 40.16 ? 36  VAL A C     1 
ATOM   255 O O     . VAL A 1 36 ? -3.420  3.755   -8.486  1.00 40.27 ? 36  VAL A O     1 
ATOM   256 C CB    . VAL A 1 36 ? -0.114  2.919   -9.266  1.00 39.81 ? 36  VAL A CB    1 
ATOM   257 C CG1   . VAL A 1 36 ? 0.848   2.666   -10.440 1.00 38.24 ? 36  VAL A CG1   1 
ATOM   258 C CG2   . VAL A 1 36 ? 0.208   4.239   -8.567  1.00 38.77 ? 36  VAL A CG2   1 
ATOM   259 N N     . LYS A 1 37 ? -2.436  1.859   -7.740  1.00 39.68 ? 37  LYS A N     1 
ATOM   260 C CA    . LYS A 1 37 ? -3.185  1.807   -6.502  1.00 39.19 ? 37  LYS A CA    1 
ATOM   261 C C     . LYS A 1 37 ? -2.141  1.949   -5.427  1.00 39.61 ? 37  LYS A C     1 
ATOM   262 O O     . LYS A 1 37 ? -1.059  1.373   -5.545  1.00 39.54 ? 37  LYS A O     1 
ATOM   263 C CB    . LYS A 1 37 ? -3.930  0.484   -6.358  1.00 38.97 ? 37  LYS A CB    1 
ATOM   264 C CG    . LYS A 1 37 ? -5.094  0.350   -7.364  1.00 37.39 ? 37  LYS A CG    1 
ATOM   265 C CD    . LYS A 1 37 ? -5.686  -1.026  -7.341  1.00 36.72 ? 37  LYS A CD    1 
ATOM   266 C CE    . LYS A 1 37 ? -6.878  -1.098  -8.317  1.00 37.14 ? 37  LYS A CE    1 
ATOM   267 N NZ    . LYS A 1 37 ? -7.343  -2.504  -8.426  1.00 39.60 ? 37  LYS A NZ    1 
ATOM   268 N N     . ILE A 1 38 ? -2.463  2.760   -4.423  1.00 39.41 ? 38  ILE A N     1 
ATOM   269 C CA    . ILE A 1 38 ? -1.551  3.077   -3.335  1.00 40.29 ? 38  ILE A CA    1 
ATOM   270 C C     . ILE A 1 38 ? -2.184  2.630   -2.020  1.00 40.66 ? 38  ILE A C     1 
ATOM   271 O O     . ILE A 1 38 ? -3.391  2.761   -1.821  1.00 40.13 ? 38  ILE A O     1 
ATOM   272 C CB    . ILE A 1 38 ? -1.228  4.610   -3.264  1.00 40.26 ? 38  ILE A CB    1 
ATOM   273 C CG1   . ILE A 1 38 ? -0.506  5.102   -4.532  1.00 40.36 ? 38  ILE A CG1   1 
ATOM   274 C CG2   . ILE A 1 38 ? -0.382  4.966   -1.991  1.00 40.18 ? 38  ILE A CG2   1 
ATOM   275 C CD1   . ILE A 1 38 ? 0.851   4.421   -4.812  1.00 38.15 ? 38  ILE A CD1   1 
ATOM   276 N N     . GLY A 1 39 ? -1.354  2.100   -1.133  1.00 41.89 ? 39  GLY A N     1 
ATOM   277 C CA    . GLY A 1 39 ? -1.777  1.814   0.224   1.00 41.96 ? 39  GLY A CA    1 
ATOM   278 C C     . GLY A 1 39 ? -0.963  2.607   1.230   1.00 42.71 ? 39  GLY A C     1 
ATOM   279 O O     . GLY A 1 39 ? 0.195   2.936   0.985   1.00 42.78 ? 39  GLY A O     1 
ATOM   280 N N     . LEU A 1 40 ? -1.604  2.926   2.349   1.00 42.66 ? 40  LEU A N     1 
ATOM   281 C CA    . LEU A 1 40 ? -0.967  3.577   3.477   1.00 42.81 ? 40  LEU A CA    1 
ATOM   282 C C     . LEU A 1 40 ? -0.675  2.462   4.471   1.00 42.70 ? 40  LEU A C     1 
ATOM   283 O O     . LEU A 1 40 ? -1.586  1.739   4.878   1.00 43.25 ? 40  LEU A O     1 
ATOM   284 C CB    . LEU A 1 40 ? -1.914  4.631   4.081   1.00 42.17 ? 40  LEU A CB    1 
ATOM   285 C CG    . LEU A 1 40 ? -1.429  5.303   5.377   1.00 42.72 ? 40  LEU A CG    1 
ATOM   286 C CD1   . LEU A 1 40 ? -0.129  6.093   5.153   1.00 42.97 ? 40  LEU A CD1   1 
ATOM   287 C CD2   . LEU A 1 40 ? -2.527  6.187   6.011   1.00 42.41 ? 40  LEU A CD2   1 
ATOM   288 N N     . PHE A 1 41 ? 0.594   2.288   4.810   1.00 42.30 ? 41  PHE A N     1 
ATOM   289 C CA    . PHE A 1 41 ? 1.000   1.203   5.693   1.00 42.02 ? 41  PHE A CA    1 
ATOM   290 C C     . PHE A 1 41 ? 1.715   1.755   6.907   1.00 42.05 ? 41  PHE A C     1 
ATOM   291 O O     . PHE A 1 41 ? 2.268   2.858   6.875   1.00 42.59 ? 41  PHE A O     1 
ATOM   292 C CB    . PHE A 1 41 ? 1.978   0.246   4.989   1.00 42.11 ? 41  PHE A CB    1 
ATOM   293 C CG    . PHE A 1 41 ? 1.395   -0.467  3.806   1.00 41.92 ? 41  PHE A CG    1 
ATOM   294 C CD1   . PHE A 1 41 ? 0.898   -1.760  3.943   1.00 43.01 ? 41  PHE A CD1   1 
ATOM   295 C CD2   . PHE A 1 41 ? 1.366   0.141   2.549   1.00 42.90 ? 41  PHE A CD2   1 
ATOM   296 C CE1   . PHE A 1 41 ? 0.355   -2.443  2.860   1.00 41.70 ? 41  PHE A CE1   1 
ATOM   297 C CE2   . PHE A 1 41 ? 0.835   -0.540  1.454   1.00 40.74 ? 41  PHE A CE2   1 
ATOM   298 C CZ    . PHE A 1 41 ? 0.335   -1.830  1.605   1.00 41.90 ? 41  PHE A CZ    1 
ATOM   299 N N     . LYS A 1 42 ? 1.743   0.956   7.960   1.00 41.57 ? 42  LYS A N     1 
ATOM   300 C CA    . LYS A 1 42 ? 2.566   1.260   9.113   1.00 42.01 ? 42  LYS A CA    1 
ATOM   301 C C     . LYS A 1 42 ? 3.620   0.179   9.249   1.00 41.73 ? 42  LYS A C     1 
ATOM   302 O O     . LYS A 1 42 ? 3.319   -1.016  9.222   1.00 42.14 ? 42  LYS A O     1 
ATOM   303 C CB    . LYS A 1 42 ? 1.738   1.364   10.395  1.00 42.50 ? 42  LYS A CB    1 
ATOM   304 C CG    . LYS A 1 42 ? 2.468   2.129   11.517  1.00 42.73 ? 42  LYS A CG    1 
ATOM   305 C CD    . LYS A 1 42 ? 1.493   2.638   12.554  1.00 43.99 ? 42  LYS A CD    1 
ATOM   306 C CE    . LYS A 1 42 ? 2.173   3.504   13.605  1.00 44.38 ? 42  LYS A CE    1 
ATOM   307 N NZ    . LYS A 1 42 ? 1.191   3.957   14.600  1.00 43.81 ? 42  LYS A NZ    1 
ATOM   308 N N     . ASP A 1 43 ? 4.870   0.608   9.335   1.00 41.08 ? 43  ASP A N     1 
ATOM   309 C CA    . ASP A 1 43 ? 5.965   -0.316  9.572   1.00 39.91 ? 43  ASP A CA    1 
ATOM   310 C C     . ASP A 1 43 ? 5.755   -1.003  10.935  1.00 39.01 ? 43  ASP A C     1 
ATOM   311 O O     . ASP A 1 43 ? 5.605   -0.305  11.952  1.00 40.83 ? 43  ASP A O     1 
ATOM   312 C CB    . ASP A 1 43 ? 7.302   0.434   9.490   1.00 39.73 ? 43  ASP A CB    1 
ATOM   313 C CG    . ASP A 1 43 ? 8.497   -0.484  9.608   1.00 42.58 ? 43  ASP A CG    1 
ATOM   314 O OD1   . ASP A 1 43 ? 8.502   -1.317  10.528  1.00 43.09 ? 43  ASP A OD1   1 
ATOM   315 O OD2   . ASP A 1 43 ? 9.446   -0.341  8.803   1.00 43.22 ? 43  ASP A OD2   1 
ATOM   316 N N     . PRO A 1 44 ? 5.701   -2.355  10.951  1.00 36.73 ? 44  PRO A N     1 
ATOM   317 C CA    . PRO A 1 44 ? 5.282   -3.066  12.156  1.00 36.26 ? 44  PRO A CA    1 
ATOM   318 C C     . PRO A 1 44 ? 6.307   -2.959  13.285  1.00 35.84 ? 44  PRO A C     1 
ATOM   319 O O     . PRO A 1 44 ? 5.958   -3.192  14.444  1.00 35.54 ? 44  PRO A O     1 
ATOM   320 C CB    . PRO A 1 44 ? 5.176   -4.518  11.683  1.00 35.39 ? 44  PRO A CB    1 
ATOM   321 C CG    . PRO A 1 44 ? 6.164   -4.617  10.582  1.00 36.15 ? 44  PRO A CG    1 
ATOM   322 C CD    . PRO A 1 44 ? 6.035   -3.297  9.864   1.00 36.35 ? 44  PRO A CD    1 
ATOM   323 N N     . GLU A 1 45 ? 7.541   -2.597  12.928  1.00 35.61 ? 45  GLU A N     1 
ATOM   324 C CA    . GLU A 1 45 ? 8.654   -2.496  13.874  1.00 36.59 ? 45  GLU A CA    1 
ATOM   325 C C     . GLU A 1 45 ? 9.024   -1.068  14.269  1.00 36.38 ? 45  GLU A C     1 
ATOM   326 O O     . GLU A 1 45 ? 9.385   -0.825  15.419  1.00 36.59 ? 45  GLU A O     1 
ATOM   327 C CB    . GLU A 1 45 ? 9.895   -3.186  13.306  1.00 36.54 ? 45  GLU A CB    1 
ATOM   328 C CG    . GLU A 1 45 ? 9.787   -4.690  13.270  1.00 39.95 ? 45  GLU A CG    1 
ATOM   329 C CD    . GLU A 1 45 ? 11.114  -5.379  12.992  1.00 43.38 ? 45  GLU A CD    1 
ATOM   330 O OE1   . GLU A 1 45 ? 12.159  -4.701  12.869  1.00 43.94 ? 45  GLU A OE1   1 
ATOM   331 O OE2   . GLU A 1 45 ? 11.101  -6.622  12.904  1.00 46.87 ? 45  GLU A OE2   1 
ATOM   332 N N     . THR A 1 46 ? 8.957   -0.132  13.322  1.00 36.23 ? 46  THR A N     1 
ATOM   333 C CA    . THR A 1 46 ? 9.394   1.242   13.584  1.00 36.41 ? 46  THR A CA    1 
ATOM   334 C C     . THR A 1 46 ? 8.245   2.184   13.928  1.00 37.72 ? 46  THR A C     1 
ATOM   335 O O     . THR A 1 46 ? 8.463   3.266   14.471  1.00 37.28 ? 46  THR A O     1 
ATOM   336 C CB    . THR A 1 46 ? 10.170  1.847   12.394  1.00 36.34 ? 46  THR A CB    1 
ATOM   337 O OG1   . THR A 1 46 ? 9.259   2.113   11.317  1.00 33.58 ? 46  THR A OG1   1 
ATOM   338 C CG2   . THR A 1 46 ? 11.293  0.917   11.928  1.00 34.69 ? 46  THR A CG2   1 
ATOM   339 N N     . GLY A 1 47 ? 7.030   1.773   13.581  1.00 39.94 ? 47  GLY A N     1 
ATOM   340 C CA    . GLY A 1 47 ? 5.854   2.633   13.680  1.00 41.40 ? 47  GLY A CA    1 
ATOM   341 C C     . GLY A 1 47 ? 5.761   3.678   12.578  1.00 42.16 ? 47  GLY A C     1 
ATOM   342 O O     . GLY A 1 47 ? 4.816   4.471   12.551  1.00 42.68 ? 47  GLY A O     1 
ATOM   343 N N     . LYS A 1 48 ? 6.727   3.695   11.662  1.00 42.08 ? 48  LYS A N     1 
ATOM   344 C CA    . LYS A 1 48 ? 6.717   4.693   10.590  1.00 41.72 ? 48  LYS A CA    1 
ATOM   345 C C     . LYS A 1 48 ? 5.614   4.439   9.542   1.00 41.41 ? 48  LYS A C     1 
ATOM   346 O O     . LYS A 1 48 ? 5.498   3.348   8.979   1.00 41.13 ? 48  LYS A O     1 
ATOM   347 C CB    . LYS A 1 48 ? 8.094   4.819   9.917   1.00 42.06 ? 48  LYS A CB    1 
ATOM   348 C CG    . LYS A 1 48 ? 8.148   5.938   8.862   1.00 43.28 ? 48  LYS A CG    1 
ATOM   349 C CD    . LYS A 1 48 ? 9.517   6.547   8.642   1.00 47.26 ? 48  LYS A CD    1 
ATOM   350 C CE    . LYS A 1 48 ? 9.407   7.667   7.590   1.00 48.71 ? 48  LYS A CE    1 
ATOM   351 N NZ    . LYS A 1 48 ? 10.730  8.270   7.269   1.00 51.41 ? 48  LYS A NZ    1 
ATOM   352 N N     . TYR A 1 49 ? 4.803   5.460   9.281   1.00 41.17 ? 49  TYR A N     1 
ATOM   353 C CA    . TYR A 1 49 ? 3.830   5.370   8.188   1.00 40.96 ? 49  TYR A CA    1 
ATOM   354 C C     . TYR A 1 49 ? 4.532   5.522   6.856   1.00 41.38 ? 49  TYR A C     1 
ATOM   355 O O     . TYR A 1 49 ? 5.442   6.337   6.724   1.00 41.80 ? 49  TYR A O     1 
ATOM   356 C CB    . TYR A 1 49 ? 2.743   6.445   8.340   1.00 40.75 ? 49  TYR A CB    1 
ATOM   357 C CG    . TYR A 1 49 ? 1.560   5.992   9.162   1.00 40.65 ? 49  TYR A CG    1 
ATOM   358 C CD1   . TYR A 1 49 ? 0.592   5.139   8.617   1.00 41.11 ? 49  TYR A CD1   1 
ATOM   359 C CD2   . TYR A 1 49 ? 1.406   6.406   10.485  1.00 40.79 ? 49  TYR A CD2   1 
ATOM   360 C CE1   . TYR A 1 49 ? -0.503  4.713   9.370   1.00 40.75 ? 49  TYR A CE1   1 
ATOM   361 C CE2   . TYR A 1 49 ? 0.318   5.990   11.247  1.00 41.77 ? 49  TYR A CE2   1 
ATOM   362 C CZ    . TYR A 1 49 ? -0.630  5.141   10.687  1.00 41.13 ? 49  TYR A CZ    1 
ATOM   363 O OH    . TYR A 1 49 ? -1.715  4.738   11.449  1.00 41.56 ? 49  TYR A OH    1 
ATOM   364 N N     . PHE A 1 50 ? 4.104   4.750   5.864   1.00 41.95 ? 50  PHE A N     1 
ATOM   365 C CA    . PHE A 1 50 ? 4.617   4.910   4.511   1.00 42.55 ? 50  PHE A CA    1 
ATOM   366 C C     . PHE A 1 50 ? 3.580   4.507   3.483   1.00 42.10 ? 50  PHE A C     1 
ATOM   367 O O     . PHE A 1 50 ? 2.640   3.760   3.785   1.00 42.68 ? 50  PHE A O     1 
ATOM   368 C CB    . PHE A 1 50 ? 5.907   4.096   4.312   1.00 42.36 ? 50  PHE A CB    1 
ATOM   369 C CG    . PHE A 1 50 ? 5.727   2.592   4.451   1.00 43.18 ? 50  PHE A CG    1 
ATOM   370 C CD1   . PHE A 1 50 ? 5.662   1.778   3.313   1.00 41.42 ? 50  PHE A CD1   1 
ATOM   371 C CD2   . PHE A 1 50 ? 5.652   1.983   5.711   1.00 41.71 ? 50  PHE A CD2   1 
ATOM   372 C CE1   . PHE A 1 50 ? 5.520   0.404   3.437   1.00 42.35 ? 50  PHE A CE1   1 
ATOM   373 C CE2   . PHE A 1 50 ? 5.517   0.595   5.832   1.00 41.73 ? 50  PHE A CE2   1 
ATOM   374 C CZ    . PHE A 1 50 ? 5.438   -0.191  4.694   1.00 42.47 ? 50  PHE A CZ    1 
ATOM   375 N N     . ARG A 1 51 ? 3.775   4.987   2.264   1.00 42.24 ? 51  ARG A N     1 
ATOM   376 C CA    . ARG A 1 51 ? 2.898   4.665   1.153   1.00 42.41 ? 51  ARG A CA    1 
ATOM   377 C C     . ARG A 1 51 ? 3.632   3.731   0.192   1.00 42.49 ? 51  ARG A C     1 
ATOM   378 O O     . ARG A 1 51 ? 4.833   3.850   0.022   1.00 42.16 ? 51  ARG A O     1 
ATOM   379 C CB    . ARG A 1 51 ? 2.420   5.959   0.478   1.00 42.60 ? 51  ARG A CB    1 
ATOM   380 C CG    . ARG A 1 51 ? 1.537   6.761   1.453   1.00 45.13 ? 51  ARG A CG    1 
ATOM   381 C CD    . ARG A 1 51 ? 1.494   8.267   1.240   1.00 49.29 ? 51  ARG A CD    1 
ATOM   382 N NE    . ARG A 1 51 ? 1.553   8.929   2.557   1.00 51.16 ? 51  ARG A NE    1 
ATOM   383 C CZ    . ARG A 1 51 ? 0.518   9.431   3.229   1.00 53.99 ? 51  ARG A CZ    1 
ATOM   384 N NH1   . ARG A 1 51 ? -0.726  9.399   2.723   1.00 54.46 ? 51  ARG A NH1   1 
ATOM   385 N NH2   . ARG A 1 51 ? 0.736   9.997   4.420   1.00 54.47 ? 51  ARG A NH2   1 
ATOM   386 N N     . HIS A 1 52 ? 2.905   2.797   -0.414  1.00 42.49 ? 52  HIS A N     1 
ATOM   387 C CA    . HIS A 1 52 ? 3.526   1.764   -1.226  1.00 42.43 ? 52  HIS A CA    1 
ATOM   388 C C     . HIS A 1 52 ? 2.533   1.335   -2.300  1.00 41.94 ? 52  HIS A C     1 
ATOM   389 O O     . HIS A 1 52 ? 1.317   1.301   -2.061  1.00 41.90 ? 52  HIS A O     1 
ATOM   390 C CB    . HIS A 1 52 ? 3.919   0.575   -0.332  1.00 42.10 ? 52  HIS A CB    1 
ATOM   391 C CG    . HIS A 1 52 ? 4.853   -0.405  -0.980  1.00 41.54 ? 52  HIS A CG    1 
ATOM   392 N ND1   . HIS A 1 52 ? 4.446   -1.284  -1.960  1.00 41.31 ? 52  HIS A ND1   1 
ATOM   393 C CD2   . HIS A 1 52 ? 6.159   -0.678  -0.748  1.00 42.53 ? 52  HIS A CD2   1 
ATOM   394 C CE1   . HIS A 1 52 ? 5.469   -2.039  -2.323  1.00 42.71 ? 52  HIS A CE1   1 
ATOM   395 N NE2   . HIS A 1 52 ? 6.518   -1.695  -1.595  1.00 42.71 ? 52  HIS A NE2   1 
ATOM   396 N N     . LYS A 1 53 ? 3.045   1.031   -3.484  1.00 41.50 ? 53  LYS A N     1 
ATOM   397 C CA    . LYS A 1 53 ? 2.222   0.482   -4.566  1.00 40.32 ? 53  LYS A CA    1 
ATOM   398 C C     . LYS A 1 53 ? 1.543   -0.826  -4.133  1.00 40.25 ? 53  LYS A C     1 
ATOM   399 O O     . LYS A 1 53 ? 2.112   -1.621  -3.346  1.00 40.10 ? 53  LYS A O     1 
ATOM   400 C CB    . LYS A 1 53 ? 3.073   0.228   -5.815  1.00 40.83 ? 53  LYS A CB    1 
ATOM   401 C CG    . LYS A 1 53 ? 2.258   -0.008  -7.087  1.00 40.42 ? 53  LYS A CG    1 
ATOM   402 C CD    . LYS A 1 53 ? 3.097   -0.640  -8.174  1.00 42.23 ? 53  LYS A CD    1 
ATOM   403 C CE    . LYS A 1 53 ? 2.288   -0.892  -9.427  1.00 42.28 ? 53  LYS A CE    1 
ATOM   404 N NZ    . LYS A 1 53 ? 3.139   -1.477  -10.496 1.00 42.91 ? 53  LYS A NZ    1 
ATOM   405 N N     . LEU A 1 54 ? 0.319   -1.015  -4.616  1.00 38.59 ? 54  LEU A N     1 
ATOM   406 C CA    . LEU A 1 54 ? -0.453  -2.242  -4.413  1.00 38.00 ? 54  LEU A CA    1 
ATOM   407 C C     . LEU A 1 54 ? -0.496  -2.983  -5.749  1.00 38.37 ? 54  LEU A C     1 
ATOM   408 O O     . LEU A 1 54 ? -0.277  -2.362  -6.793  1.00 37.71 ? 54  LEU A O     1 
ATOM   409 C CB    . LEU A 1 54 ? -1.881  -1.901  -3.969  1.00 37.35 ? 54  LEU A CB    1 
ATOM   410 C CG    . LEU A 1 54 ? -2.033  -1.071  -2.694  1.00 36.17 ? 54  LEU A CG    1 
ATOM   411 C CD1   . LEU A 1 54 ? -3.485  -0.705  -2.438  1.00 32.78 ? 54  LEU A CD1   1 
ATOM   412 C CD2   . LEU A 1 54 ? -1.420  -1.805  -1.494  1.00 34.78 ? 54  LEU A CD2   1 
ATOM   413 N N     . PRO A 1 55 ? -0.763  -4.307  -5.729  1.00 39.14 ? 55  PRO A N     1 
ATOM   414 C CA    . PRO A 1 55 ? -0.985  -4.976  -7.017  1.00 39.89 ? 55  PRO A CA    1 
ATOM   415 C C     . PRO A 1 55 ? -2.109  -4.296  -7.807  1.00 40.47 ? 55  PRO A C     1 
ATOM   416 O O     . PRO A 1 55 ? -3.080  -3.805  -7.217  1.00 39.76 ? 55  PRO A O     1 
ATOM   417 C CB    . PRO A 1 55 ? -1.386  -6.397  -6.608  1.00 39.82 ? 55  PRO A CB    1 
ATOM   418 C CG    . PRO A 1 55 ? -0.722  -6.594  -5.284  1.00 39.86 ? 55  PRO A CG    1 
ATOM   419 C CD    . PRO A 1 55 ? -0.865  -5.256  -4.603  1.00 38.87 ? 55  PRO A CD    1 
ATOM   420 N N     . ASP A 1 56 ? -1.953  -4.250  -9.129  1.00 42.13 ? 56  ASP A N     1 
ATOM   421 C CA    . ASP A 1 56 ? -2.889  -3.528  -9.998  1.00 43.60 ? 56  ASP A CA    1 
ATOM   422 C C     . ASP A 1 56 ? -4.347  -3.941  -9.807  1.00 43.85 ? 56  ASP A C     1 
ATOM   423 O O     . ASP A 1 56 ? -5.247  -3.142  -10.035 1.00 44.26 ? 56  ASP A O     1 
ATOM   424 C CB    . ASP A 1 56 ? -2.484  -3.655  -11.474 1.00 43.97 ? 56  ASP A CB    1 
ATOM   425 C CG    . ASP A 1 56 ? -1.255  -2.831  -11.817 1.00 46.25 ? 56  ASP A CG    1 
ATOM   426 O OD1   . ASP A 1 56 ? -1.199  -1.638  -11.435 1.00 47.86 ? 56  ASP A OD1   1 
ATOM   427 O OD2   . ASP A 1 56 ? -0.344  -3.376  -12.478 1.00 48.36 ? 56  ASP A OD2   1 
ATOM   428 N N     . ASP A 1 57 ? -4.574  -5.176  -9.367  1.00 44.37 ? 57  ASP A N     1 
ATOM   429 C CA    . ASP A 1 57 ? -5.935  -5.693  -9.198  1.00 44.75 ? 57  ASP A CA    1 
ATOM   430 C C     . ASP A 1 57 ? -6.415  -5.808  -7.740  1.00 44.73 ? 57  ASP A C     1 
ATOM   431 O O     . ASP A 1 57 ? -7.345  -6.562  -7.438  1.00 44.70 ? 57  ASP A O     1 
ATOM   432 C CB    . ASP A 1 57 ? -6.078  -7.020  -9.948  1.00 44.98 ? 57  ASP A CB    1 
ATOM   433 C CG    . ASP A 1 57 ? -5.977  -6.839  -11.454 1.00 45.40 ? 57  ASP A CG    1 
ATOM   434 O OD1   . ASP A 1 57 ? -6.713  -5.982  -12.001 1.00 47.74 ? 57  ASP A OD1   1 
ATOM   435 O OD2   . ASP A 1 57 ? -5.156  -7.534  -12.087 1.00 46.02 ? 57  ASP A OD2   1 
ATOM   436 N N     . TYR A 1 58 ? -5.796  -5.028  -6.853  1.00 44.46 ? 58  TYR A N     1 
ATOM   437 C CA    . TYR A 1 58 ? -6.172  -4.977  -5.441  1.00 43.93 ? 58  TYR A CA    1 
ATOM   438 C C     . TYR A 1 58 ? -7.490  -4.224  -5.224  1.00 44.96 ? 58  TYR A C     1 
ATOM   439 O O     . TYR A 1 58 ? -7.650  -3.113  -5.715  1.00 45.27 ? 58  TYR A O     1 
ATOM   440 C CB    . TYR A 1 58 ? -5.053  -4.313  -4.626  1.00 42.99 ? 58  TYR A CB    1 
ATOM   441 C CG    . TYR A 1 58 ? -5.224  -4.472  -3.135  1.00 40.28 ? 58  TYR A CG    1 
ATOM   442 C CD1   . TYR A 1 58 ? -4.634  -5.541  -2.464  1.00 38.51 ? 58  TYR A CD1   1 
ATOM   443 C CD2   . TYR A 1 58 ? -5.988  -3.567  -2.400  1.00 37.65 ? 58  TYR A CD2   1 
ATOM   444 C CE1   . TYR A 1 58 ? -4.791  -5.701  -1.101  1.00 36.13 ? 58  TYR A CE1   1 
ATOM   445 C CE2   . TYR A 1 58 ? -6.157  -3.720  -1.034  1.00 36.38 ? 58  TYR A CE2   1 
ATOM   446 C CZ    . TYR A 1 58 ? -5.550  -4.787  -0.394  1.00 36.05 ? 58  TYR A CZ    1 
ATOM   447 O OH    . TYR A 1 58 ? -5.699  -4.938  0.954   1.00 34.96 ? 58  TYR A OH    1 
ATOM   448 N N     . PRO A 1 59 ? -8.427  -4.819  -4.462  1.00 45.90 ? 59  PRO A N     1 
ATOM   449 C CA    . PRO A 1 59 ? -9.750  -4.230  -4.186  1.00 46.64 ? 59  PRO A CA    1 
ATOM   450 C C     . PRO A 1 59 ? -9.728  -2.885  -3.444  1.00 47.28 ? 59  PRO A C     1 
ATOM   451 O O     . PRO A 1 59 ? -9.227  -2.807  -2.314  1.00 47.36 ? 59  PRO A O     1 
ATOM   452 C CB    . PRO A 1 59 ? -10.436 -5.292  -3.313  1.00 46.49 ? 59  PRO A CB    1 
ATOM   453 C CG    . PRO A 1 59 ? -9.683  -6.546  -3.558  1.00 46.52 ? 59  PRO A CG    1 
ATOM   454 C CD    . PRO A 1 59 ? -8.276  -6.137  -3.817  1.00 46.08 ? 59  PRO A CD    1 
ATOM   455 N N     . ILE A 1 60 ? -10.285 -1.847  -4.071  1.00 47.88 ? 60  ILE A N     1 
ATOM   456 C CA    . ILE A 1 60 ? -10.399 -0.514  -3.468  1.00 48.94 ? 60  ILE A CA    1 
ATOM   457 C C     . ILE A 1 60 ? -11.838 -0.234  -3.033  1.00 49.58 ? 60  ILE A C     1 
ATOM   458 O O     . ILE A 1 60 ? -12.784 -0.554  -3.761  1.00 50.11 ? 60  ILE A O     1 
ATOM   459 C CB    . ILE A 1 60 ? -9.962  0.617   -4.452  1.00 48.88 ? 60  ILE A CB    1 
ATOM   460 C CG1   . ILE A 1 60 ? -8.605  0.315   -5.109  1.00 48.87 ? 60  ILE A CG1   1 
ATOM   461 C CG2   . ILE A 1 60 ? -9.979  1.992   -3.758  1.00 49.47 ? 60  ILE A CG2   1 
ATOM   462 C CD1   . ILE A 1 60 ? -7.407  0.219   -4.151  1.00 48.15 ? 60  ILE A CD1   1 
ATOM   463 O OXT   . ILE A 1 60 ? -12.098 0.332   -1.964  1.00 50.01 ? 60  ILE A OXT   1 
ATOM   464 O "O5'" . DG  B 2 1  ? 5.672   20.532  -12.192 1.00 44.41 ? 101 DG  B "O5'" 1 
ATOM   465 C "C5'" . DG  B 2 1  ? 4.816   21.139  -13.147 1.00 41.92 ? 101 DG  B "C5'" 1 
ATOM   466 C "C4'" . DG  B 2 1  ? 3.549   20.317  -13.357 1.00 40.25 ? 101 DG  B "C4'" 1 
ATOM   467 O "O4'" . DG  B 2 1  ? 3.884   18.972  -13.773 1.00 38.77 ? 101 DG  B "O4'" 1 
ATOM   468 C "C3'" . DG  B 2 1  ? 2.601   20.164  -12.170 1.00 40.82 ? 101 DG  B "C3'" 1 
ATOM   469 O "O3'" . DG  B 2 1  ? 1.275   20.273  -12.698 1.00 42.60 ? 101 DG  B "O3'" 1 
ATOM   470 C "C2'" . DG  B 2 1  ? 2.919   18.768  -11.618 1.00 38.86 ? 101 DG  B "C2'" 1 
ATOM   471 C "C1'" . DG  B 2 1  ? 3.319   18.020  -12.890 1.00 38.23 ? 101 DG  B "C1'" 1 
ATOM   472 N N9    . DG  B 2 1  ? 4.327   16.975  -12.738 1.00 36.81 ? 101 DG  B N9    1 
ATOM   473 C C8    . DG  B 2 1  ? 5.474   16.997  -11.978 1.00 36.68 ? 101 DG  B C8    1 
ATOM   474 N N7    . DG  B 2 1  ? 6.181   15.904  -12.069 1.00 36.95 ? 101 DG  B N7    1 
ATOM   475 C C5    . DG  B 2 1  ? 5.459   15.109  -12.953 1.00 36.72 ? 101 DG  B C5    1 
ATOM   476 C C6    . DG  B 2 1  ? 5.722   13.806  -13.449 1.00 35.90 ? 101 DG  B C6    1 
ATOM   477 O O6    . DG  B 2 1  ? 6.682   13.077  -13.187 1.00 36.00 ? 101 DG  B O6    1 
ATOM   478 N N1    . DG  B 2 1  ? 4.734   13.362  -14.322 1.00 35.74 ? 101 DG  B N1    1 
ATOM   479 C C2    . DG  B 2 1  ? 3.626   14.097  -14.683 1.00 36.77 ? 101 DG  B C2    1 
ATOM   480 N N2    . DG  B 2 1  ? 2.775   13.526  -15.544 1.00 36.85 ? 101 DG  B N2    1 
ATOM   481 N N3    . DG  B 2 1  ? 3.365   15.317  -14.230 1.00 36.20 ? 101 DG  B N3    1 
ATOM   482 C C4    . DG  B 2 1  ? 4.316   15.756  -13.372 1.00 36.66 ? 101 DG  B C4    1 
ATOM   483 P P     . DT  B 2 2  ? -0.070  20.019  -11.856 1.00 44.09 ? 102 DT  B P     1 
ATOM   484 O OP1   . DT  B 2 2  ? -1.075  20.950  -12.419 1.00 45.10 ? 102 DT  B OP1   1 
ATOM   485 O OP2   . DT  B 2 2  ? 0.211   20.050  -10.402 1.00 44.97 ? 102 DT  B OP2   1 
ATOM   486 O "O5'" . DT  B 2 2  ? -0.447  18.516  -12.252 1.00 43.08 ? 102 DT  B "O5'" 1 
ATOM   487 C "C5'" . DT  B 2 2  ? -1.099  18.222  -13.484 1.00 41.19 ? 102 DT  B "C5'" 1 
ATOM   488 C "C4'" . DT  B 2 2  ? -1.353  16.729  -13.564 1.00 40.02 ? 102 DT  B "C4'" 1 
ATOM   489 O "O4'" . DT  B 2 2  ? -0.109  16.027  -13.313 1.00 38.52 ? 102 DT  B "O4'" 1 
ATOM   490 C "C3'" . DT  B 2 2  ? -2.339  16.153  -12.540 1.00 40.29 ? 102 DT  B "C3'" 1 
ATOM   491 O "O3'" . DT  B 2 2  ? -3.145  15.146  -13.154 1.00 42.02 ? 102 DT  B "O3'" 1 
ATOM   492 C "C2'" . DT  B 2 2  ? -1.448  15.483  -11.502 1.00 38.49 ? 102 DT  B "C2'" 1 
ATOM   493 C "C1'" . DT  B 2 2  ? -0.405  14.935  -12.462 1.00 37.03 ? 102 DT  B "C1'" 1 
ATOM   494 N N1    . DT  B 2 2  ? 0.875   14.490  -11.867 1.00 34.91 ? 102 DT  B N1    1 
ATOM   495 C C2    . DT  B 2 2  ? 1.395   13.298  -12.308 1.00 33.29 ? 102 DT  B C2    1 
ATOM   496 O O2    . DT  B 2 2  ? 0.836   12.600  -13.132 1.00 32.80 ? 102 DT  B O2    1 
ATOM   497 N N3    . DT  B 2 2  ? 2.589   12.952  -11.728 1.00 33.06 ? 102 DT  B N3    1 
ATOM   498 C C4    . DT  B 2 2  ? 3.288   13.693  -10.778 1.00 32.99 ? 102 DT  B C4    1 
ATOM   499 O O4    . DT  B 2 2  ? 4.351   13.295  -10.326 1.00 33.42 ? 102 DT  B O4    1 
ATOM   500 C C5    . DT  B 2 2  ? 2.682   14.941  -10.364 1.00 33.63 ? 102 DT  B C5    1 
ATOM   501 C C7    . DT  B 2 2  ? 3.283   15.789  -9.271  1.00 34.50 ? 102 DT  B C7    1 
ATOM   502 C C6    . DT  B 2 2  ? 1.517   15.282  -10.934 1.00 33.70 ? 102 DT  B C6    1 
ATOM   503 P P     . DA  B 2 3  ? -4.565  15.451  -13.831 1.00 41.46 ? 103 DA  B P     1 
ATOM   504 O OP1   . DA  B 2 3  ? -4.581  14.717  -15.120 1.00 41.86 ? 103 DA  B OP1   1 
ATOM   505 O OP2   . DA  B 2 3  ? -4.794  16.911  -13.791 1.00 42.66 ? 103 DA  B OP2   1 
ATOM   506 O "O5'" . DA  B 2 3  ? -5.608  14.735  -12.841 1.00 42.08 ? 103 DA  B "O5'" 1 
ATOM   507 C "C5'" . DA  B 2 3  ? -5.496  14.852  -11.414 1.00 40.22 ? 103 DA  B "C5'" 1 
ATOM   508 C "C4'" . DA  B 2 3  ? -5.279  13.493  -10.792 1.00 39.77 ? 103 DA  B "C4'" 1 
ATOM   509 O "O4'" . DA  B 2 3  ? -3.880  13.140  -10.899 1.00 38.01 ? 103 DA  B "O4'" 1 
ATOM   510 C "C3'" . DA  B 2 3  ? -5.532  13.433  -9.299  1.00 39.65 ? 103 DA  B "C3'" 1 
ATOM   511 O "O3'" . DA  B 2 3  ? -6.943  13.360  -9.058  1.00 41.28 ? 103 DA  B "O3'" 1 
ATOM   512 C "C2'" . DA  B 2 3  ? -4.768  12.167  -8.917  1.00 38.01 ? 103 DA  B "C2'" 1 
ATOM   513 C "C1'" . DA  B 2 3  ? -3.600  12.182  -9.906  1.00 36.90 ? 103 DA  B "C1'" 1 
ATOM   514 N N9    . DA  B 2 3  ? -2.298  12.510  -9.325  1.00 33.64 ? 103 DA  B N9    1 
ATOM   515 C C8    . DA  B 2 3  ? -1.986  13.561  -8.502  1.00 33.93 ? 103 DA  B C8    1 
ATOM   516 N N7    . DA  B 2 3  ? -0.727  13.600  -8.143  1.00 33.19 ? 103 DA  B N7    1 
ATOM   517 C C5    . DA  B 2 3  ? -0.177  12.488  -8.757  1.00 33.41 ? 103 DA  B C5    1 
ATOM   518 C C6    . DA  B 2 3  ? 1.126   11.955  -8.773  1.00 33.46 ? 103 DA  B C6    1 
ATOM   519 N N6    . DA  B 2 3  ? 2.157   12.498  -8.096  1.00 33.29 ? 103 DA  B N6    1 
ATOM   520 N N1    . DA  B 2 3  ? 1.326   10.826  -9.489  1.00 32.93 ? 103 DA  B N1    1 
ATOM   521 C C2    . DA  B 2 3  ? 0.308   10.268  -10.173 1.00 33.15 ? 103 DA  B C2    1 
ATOM   522 N N3    . DA  B 2 3  ? -0.956  10.687  -10.234 1.00 32.97 ? 103 DA  B N3    1 
ATOM   523 C C4    . DA  B 2 3  ? -1.134  11.810  -9.506  1.00 33.60 ? 103 DA  B C4    1 
ATOM   524 P P     . DA  B 2 4  ? -7.578  13.928  -7.700  1.00 41.92 ? 104 DA  B P     1 
ATOM   525 O OP1   . DA  B 2 4  ? -9.044  14.002  -7.883  1.00 43.29 ? 104 DA  B OP1   1 
ATOM   526 O OP2   . DA  B 2 4  ? -6.852  15.154  -7.310  1.00 42.49 ? 104 DA  B OP2   1 
ATOM   527 O "O5'" . DA  B 2 4  ? -7.228  12.802  -6.629  1.00 41.57 ? 104 DA  B "O5'" 1 
ATOM   528 C "C5'" . DA  B 2 4  ? -7.596  11.435  -6.805  1.00 40.84 ? 104 DA  B "C5'" 1 
ATOM   529 C "C4'" . DA  B 2 4  ? -7.445  10.637  -5.520  1.00 40.35 ? 104 DA  B "C4'" 1 
ATOM   530 O "O4'" . DA  B 2 4  ? -6.057  10.447  -5.111  1.00 40.14 ? 104 DA  B "O4'" 1 
ATOM   531 C "C3'" . DA  B 2 4  ? -8.128  11.238  -4.306  1.00 39.68 ? 104 DA  B "C3'" 1 
ATOM   532 O "O3'" . DA  B 2 4  ? -8.577  10.134  -3.542  1.00 40.58 ? 104 DA  B "O3'" 1 
ATOM   533 C "C2'" . DA  B 2 4  ? -7.004  12.030  -3.637  1.00 40.22 ? 104 DA  B "C2'" 1 
ATOM   534 C "C1'" . DA  B 2 4  ? -5.760  11.201  -3.950  1.00 38.86 ? 104 DA  B "C1'" 1 
ATOM   535 N N9    . DA  B 2 4  ? -4.549  11.955  -4.278  1.00 38.06 ? 104 DA  B N9    1 
ATOM   536 C C8    . DA  B 2 4  ? -4.464  13.161  -4.918  1.00 37.57 ? 104 DA  B C8    1 
ATOM   537 N N7    . DA  B 2 4  ? -3.235  13.584  -5.092  1.00 36.12 ? 104 DA  B N7    1 
ATOM   538 C C5    . DA  B 2 4  ? -2.454  12.578  -4.538  1.00 36.37 ? 104 DA  B C5    1 
ATOM   539 C C6    . DA  B 2 4  ? -1.051  12.419  -4.404  1.00 34.89 ? 104 DA  B C6    1 
ATOM   540 N N6    . DA  B 2 4  ? -0.170  13.323  -4.847  1.00 34.45 ? 104 DA  B N6    1 
ATOM   541 N N1    . DA  B 2 4  ? -0.595  11.294  -3.794  1.00 34.80 ? 104 DA  B N1    1 
ATOM   542 C C2    . DA  B 2 4  ? -1.482  10.386  -3.352  1.00 35.27 ? 104 DA  B C2    1 
ATOM   543 N N3    . DA  B 2 4  ? -2.822  10.440  -3.430  1.00 35.56 ? 104 DA  B N3    1 
ATOM   544 C C4    . DA  B 2 4  ? -3.248  11.567  -4.029  1.00 35.73 ? 104 DA  B C4    1 
ATOM   545 P P     . DT  B 2 5  ? -9.373  10.291  -2.170  1.00 41.00 ? 105 DT  B P     1 
ATOM   546 O OP1   . DT  B 2 5  ? -10.209 9.078   -2.005  1.00 41.40 ? 105 DT  B OP1   1 
ATOM   547 O OP2   . DT  B 2 5  ? -10.002 11.635  -2.168  1.00 40.88 ? 105 DT  B OP2   1 
ATOM   548 O "O5'" . DT  B 2 5  ? -8.233  10.285  -1.060  1.00 39.80 ? 105 DT  B "O5'" 1 
ATOM   549 C "C5'" . DT  B 2 5  ? -7.587  9.078   -0.713  1.00 38.21 ? 105 DT  B "C5'" 1 
ATOM   550 C "C4'" . DT  B 2 5  ? -6.342  9.389   0.085   1.00 39.16 ? 105 DT  B "C4'" 1 
ATOM   551 O "O4'" . DT  B 2 5  ? -5.483  10.286  -0.630  1.00 37.40 ? 105 DT  B "O4'" 1 
ATOM   552 C "C3'" . DT  B 2 5  ? -6.594  10.146  1.372   1.00 39.08 ? 105 DT  B "C3'" 1 
ATOM   553 O "O3'" . DT  B 2 5  ? -6.805  9.166   2.338   1.00 39.50 ? 105 DT  B "O3'" 1 
ATOM   554 C "C2'" . DT  B 2 5  ? -5.311  10.953  1.608   1.00 38.73 ? 105 DT  B "C2'" 1 
ATOM   555 C "C1'" . DT  B 2 5  ? -4.524  10.668  0.331   1.00 37.79 ? 105 DT  B "C1'" 1 
ATOM   556 N N1    . DT  B 2 5  ? -3.724  11.784  -0.261  1.00 36.68 ? 105 DT  B N1    1 
ATOM   557 C C2    . DT  B 2 5  ? -2.344  11.669  -0.283  1.00 35.88 ? 105 DT  B C2    1 
ATOM   558 O O2    . DT  B 2 5  ? -1.732  10.725  0.178   1.00 35.42 ? 105 DT  B O2    1 
ATOM   559 N N3    . DT  B 2 5  ? -1.698  12.719  -0.870  1.00 35.73 ? 105 DT  B N3    1 
ATOM   560 C C4    . DT  B 2 5  ? -2.269  13.852  -1.420  1.00 35.26 ? 105 DT  B C4    1 
ATOM   561 O O4    . DT  B 2 5  ? -1.586  14.741  -1.915  1.00 36.40 ? 105 DT  B O4    1 
ATOM   562 C C5    . DT  B 2 5  ? -3.712  13.915  -1.373  1.00 35.94 ? 105 DT  B C5    1 
ATOM   563 C C7    . DT  B 2 5  ? -4.436  15.150  -1.825  1.00 35.67 ? 105 DT  B C7    1 
ATOM   564 C C6    . DT  B 2 5  ? -4.364  12.885  -0.808  1.00 36.41 ? 105 DT  B C6    1 
ATOM   565 P P     . DT  B 2 6  ? -7.482  9.493   3.741   1.00 39.71 ? 106 DT  B P     1 
ATOM   566 O OP1   . DT  B 2 6  ? -8.014  8.219   4.265   1.00 38.92 ? 106 DT  B OP1   1 
ATOM   567 O OP2   . DT  B 2 6  ? -8.342  10.689  3.589   1.00 38.46 ? 106 DT  B OP2   1 
ATOM   568 O "O5'" . DT  B 2 6  ? -6.221  9.902   4.621   1.00 39.47 ? 106 DT  B "O5'" 1 
ATOM   569 C "C5'" . DT  B 2 6  ? -5.138  8.977   4.801   1.00 39.24 ? 106 DT  B "C5'" 1 
ATOM   570 C "C4'" . DT  B 2 6  ? -3.952  9.669   5.458   1.00 39.04 ? 106 DT  B "C4'" 1 
ATOM   571 O "O4'" . DT  B 2 6  ? -3.298  10.542  4.491   1.00 38.25 ? 106 DT  B "O4'" 1 
ATOM   572 C "C3'" . DT  B 2 6  ? -4.294  10.563  6.651   1.00 39.95 ? 106 DT  B "C3'" 1 
ATOM   573 O "O3'" . DT  B 2 6  ? -3.244  10.448  7.582   1.00 41.79 ? 106 DT  B "O3'" 1 
ATOM   574 C "C2'" . DT  B 2 6  ? -4.286  11.959  6.045   1.00 38.79 ? 106 DT  B "C2'" 1 
ATOM   575 C "C1'" . DT  B 2 6  ? -3.064  11.770  5.147   1.00 38.08 ? 106 DT  B "C1'" 1 
ATOM   576 N N1    . DT  B 2 6  ? -2.834  12.801  4.121   1.00 37.70 ? 106 DT  B N1    1 
ATOM   577 C C2    . DT  B 2 6  ? -1.549  12.946  3.639   1.00 36.70 ? 106 DT  B C2    1 
ATOM   578 O O2    . DT  B 2 6  ? -0.603  12.296  4.031   1.00 36.56 ? 106 DT  B O2    1 
ATOM   579 N N3    . DT  B 2 6  ? -1.416  13.917  2.685   1.00 36.26 ? 106 DT  B N3    1 
ATOM   580 C C4    . DT  B 2 6  ? -2.409  14.729  2.164   1.00 36.91 ? 106 DT  B C4    1 
ATOM   581 O O4    . DT  B 2 6  ? -2.143  15.560  1.311   1.00 36.58 ? 106 DT  B O4    1 
ATOM   582 C C5    . DT  B 2 6  ? -3.738  14.517  2.698   1.00 36.90 ? 106 DT  B C5    1 
ATOM   583 C C7    . DT  B 2 6  ? -4.925  15.300  2.208   1.00 36.72 ? 106 DT  B C7    1 
ATOM   584 C C6    . DT  B 2 6  ? -3.880  13.572  3.639   1.00 36.20 ? 106 DT  B C6    1 
ATOM   585 P P     . DA  B 2 7  ? -3.483  9.988   9.082   1.00 42.40 ? 107 DA  B P     1 
ATOM   586 O OP1   . DA  B 2 7  ? -4.222  8.709   9.047   1.00 43.13 ? 107 DA  B OP1   1 
ATOM   587 O OP2   . DA  B 2 7  ? -3.994  11.159  9.821   1.00 41.78 ? 107 DA  B OP2   1 
ATOM   588 O "O5'" . DA  B 2 7  ? -2.010  9.749   9.652   1.00 41.74 ? 107 DA  B "O5'" 1 
ATOM   589 C "C5'" . DA  B 2 7  ? -1.109  8.805   9.037   1.00 40.40 ? 107 DA  B "C5'" 1 
ATOM   590 C "C4'" . DA  B 2 7  ? 0.270   9.433   8.945   1.00 39.79 ? 107 DA  B "C4'" 1 
ATOM   591 O "O4'" . DA  B 2 7  ? 0.305   10.511  7.976   1.00 37.64 ? 107 DA  B "O4'" 1 
ATOM   592 C "C3'" . DA  B 2 7  ? 0.740   10.035  10.259  1.00 40.35 ? 107 DA  B "C3'" 1 
ATOM   593 O "O3'" . DA  B 2 7  ? 2.087   9.663   10.432  1.00 42.41 ? 107 DA  B "O3'" 1 
ATOM   594 C "C2'" . DA  B 2 7  ? 0.578   11.547  10.099  1.00 38.65 ? 107 DA  B "C2'" 1 
ATOM   595 C "C1'" . DA  B 2 7  ? 0.724   11.719  8.590   1.00 37.74 ? 107 DA  B "C1'" 1 
ATOM   596 N N9    . DA  B 2 7  ? -0.104  12.766  7.978   1.00 36.22 ? 107 DA  B N9    1 
ATOM   597 C C8    . DA  B 2 7  ? -1.433  13.011  8.178   1.00 37.54 ? 107 DA  B C8    1 
ATOM   598 N N7    . DA  B 2 7  ? -1.906  14.007  7.462   1.00 35.87 ? 107 DA  B N7    1 
ATOM   599 C C5    . DA  B 2 7  ? -0.805  14.438  6.741   1.00 35.45 ? 107 DA  B C5    1 
ATOM   600 C C6    . DA  B 2 7  ? -0.631  15.469  5.790   1.00 35.17 ? 107 DA  B C6    1 
ATOM   601 N N6    . DA  B 2 7  ? -1.627  16.273  5.412   1.00 34.26 ? 107 DA  B N6    1 
ATOM   602 N N1    . DA  B 2 7  ? 0.601   15.638  5.248   1.00 34.12 ? 107 DA  B N1    1 
ATOM   603 C C2    . DA  B 2 7  ? 1.595   14.829  5.646   1.00 34.93 ? 107 DA  B C2    1 
ATOM   604 N N3    . DA  B 2 7  ? 1.550   13.823  6.526   1.00 34.19 ? 107 DA  B N3    1 
ATOM   605 C C4    . DA  B 2 7  ? 0.311   13.681  7.044   1.00 35.27 ? 107 DA  B C4    1 
ATOM   606 P P     . DC  B 2 8  ? 2.762   9.839   11.863  1.00 43.44 ? 108 DC  B P     1 
ATOM   607 O OP1   . DC  B 2 8  ? 3.819   8.819   11.963  1.00 43.22 ? 108 DC  B OP1   1 
ATOM   608 O OP2   . DC  B 2 8  ? 1.702   9.903   12.894  1.00 42.38 ? 108 DC  B OP2   1 
ATOM   609 O "O5'" . DC  B 2 8  ? 3.464   11.278  11.715  1.00 42.73 ? 108 DC  B "O5'" 1 
ATOM   610 C "C5'" . DC  B 2 8  ? 4.368   11.527  10.624  1.00 40.00 ? 108 DC  B "C5'" 1 
ATOM   611 C "C4'" . DC  B 2 8  ? 4.617   13.014  10.396  1.00 39.26 ? 108 DC  B "C4'" 1 
ATOM   612 O "O4'" . DC  B 2 8  ? 3.548   13.558  9.597   1.00 38.22 ? 108 DC  B "O4'" 1 
ATOM   613 C "C3'" . DC  B 2 8  ? 4.614   13.912  11.623  1.00 37.64 ? 108 DC  B "C3'" 1 
ATOM   614 O "O3'" . DC  B 2 8  ? 5.905   13.954  12.199  1.00 38.64 ? 108 DC  B "O3'" 1 
ATOM   615 C "C2'" . DC  B 2 8  ? 4.245   15.282  11.060  1.00 38.35 ? 108 DC  B "C2'" 1 
ATOM   616 C "C1'" . DC  B 2 8  ? 3.591   14.964  9.719   1.00 38.08 ? 108 DC  B "C1'" 1 
ATOM   617 N N1    . DC  B 2 8  ? 2.206   15.501  9.575   1.00 37.34 ? 108 DC  B N1    1 
ATOM   618 C C2    . DC  B 2 8  ? 1.971   16.541  8.670   1.00 36.76 ? 108 DC  B C2    1 
ATOM   619 O O2    . DC  B 2 8  ? 2.917   16.997  8.018   1.00 37.02 ? 108 DC  B O2    1 
ATOM   620 N N3    . DC  B 2 8  ? 0.711   17.028  8.534   1.00 36.78 ? 108 DC  B N3    1 
ATOM   621 C C4    . DC  B 2 8  ? -0.281  16.519  9.258   1.00 36.30 ? 108 DC  B C4    1 
ATOM   622 N N4    . DC  B 2 8  ? -1.502  17.037  9.084   1.00 37.34 ? 108 DC  B N4    1 
ATOM   623 C C5    . DC  B 2 8  ? -0.068  15.460  10.189  1.00 37.11 ? 108 DC  B C5    1 
ATOM   624 C C6    . DC  B 2 8  ? 1.180   14.983  10.316  1.00 37.49 ? 108 DC  B C6    1 
ATOM   625 O "O5'" . DG  C 2 1  ? -0.540  27.336  4.553   1.00 47.02 ? 109 DG  C "O5'" 1 
ATOM   626 C "C5'" . DG  C 2 1  ? -0.508  26.310  3.567   1.00 45.21 ? 109 DG  C "C5'" 1 
ATOM   627 C "C4'" . DG  C 2 1  ? 0.879   25.694  3.491   1.00 43.87 ? 109 DG  C "C4'" 1 
ATOM   628 O "O4'" . DG  C 2 1  ? 1.008   24.647  4.486   1.00 42.88 ? 109 DG  C "O4'" 1 
ATOM   629 C "C3'" . DG  C 2 1  ? 1.213   25.021  2.166   1.00 44.22 ? 109 DG  C "C3'" 1 
ATOM   630 O "O3'" . DG  C 2 1  ? 2.626   25.061  1.944   1.00 44.85 ? 109 DG  C "O3'" 1 
ATOM   631 C "C2'" . DG  C 2 1  ? 0.700   23.602  2.395   1.00 42.81 ? 109 DG  C "C2'" 1 
ATOM   632 C "C1'" . DG  C 2 1  ? 1.056   23.383  3.859   1.00 41.77 ? 109 DG  C "C1'" 1 
ATOM   633 N N9    . DG  C 2 1  ? 0.121   22.515  4.553   1.00 40.39 ? 109 DG  C N9    1 
ATOM   634 C C8    . DG  C 2 1  ? -1.247  22.639  4.630   1.00 40.42 ? 109 DG  C C8    1 
ATOM   635 N N7    . DG  C 2 1  ? -1.810  21.697  5.338   1.00 40.38 ? 109 DG  C N7    1 
ATOM   636 C C5    . DG  C 2 1  ? -0.745  20.902  5.748   1.00 40.21 ? 109 DG  C C5    1 
ATOM   637 C C6    . DG  C 2 1  ? -0.722  19.734  6.542   1.00 40.25 ? 109 DG  C C6    1 
ATOM   638 O O6    . DG  C 2 1  ? -1.681  19.141  7.053   1.00 42.35 ? 109 DG  C O6    1 
ATOM   639 N N1    . DG  C 2 1  ? 0.571   19.242  6.724   1.00 39.52 ? 109 DG  C N1    1 
ATOM   640 C C2    . DG  C 2 1  ? 1.711   19.809  6.204   1.00 38.51 ? 109 DG  C C2    1 
ATOM   641 N N2    . DG  C 2 1  ? 2.876   19.215  6.486   1.00 37.52 ? 109 DG  C N2    1 
ATOM   642 N N3    . DG  C 2 1  ? 1.706   20.903  5.464   1.00 39.73 ? 109 DG  C N3    1 
ATOM   643 C C4    . DG  C 2 1  ? 0.450   21.392  5.275   1.00 40.50 ? 109 DG  C C4    1 
ATOM   644 P P     . DT  C 2 2  ? 3.310   24.335  0.688   1.00 46.24 ? 110 DT  C P     1 
ATOM   645 O OP1   . DT  C 2 2  ? 4.483   25.144  0.285   1.00 44.37 ? 110 DT  C OP1   1 
ATOM   646 O OP2   . DT  C 2 2  ? 2.273   23.952  -0.300  1.00 45.51 ? 110 DT  C OP2   1 
ATOM   647 O "O5'" . DT  C 2 2  ? 3.824   22.985  1.358   1.00 44.82 ? 110 DT  C "O5'" 1 
ATOM   648 C "C5'" . DT  C 2 2  ? 4.928   23.016  2.241   1.00 45.74 ? 110 DT  C "C5'" 1 
ATOM   649 C "C4'" . DT  C 2 2  ? 5.449   21.607  2.419   1.00 45.95 ? 110 DT  C "C4'" 1 
ATOM   650 O "O4'" . DT  C 2 2  ? 4.423   20.790  3.027   1.00 45.20 ? 110 DT  C "O4'" 1 
ATOM   651 C "C3'" . DT  C 2 2  ? 5.823   20.923  1.114   1.00 46.86 ? 110 DT  C "C3'" 1 
ATOM   652 O "O3'" . DT  C 2 2  ? 7.110   20.361  1.335   1.00 49.20 ? 110 DT  C "O3'" 1 
ATOM   653 C "C2'" . DT  C 2 2  ? 4.696   19.913  0.863   1.00 45.57 ? 110 DT  C "C2'" 1 
ATOM   654 C "C1'" . DT  C 2 2  ? 4.237   19.598  2.284   1.00 43.60 ? 110 DT  C "C1'" 1 
ATOM   655 N N1    . DT  C 2 2  ? 2.807   19.202  2.524   1.00 41.45 ? 110 DT  C N1    1 
ATOM   656 C C2    . DT  C 2 2  ? 2.561   18.095  3.315   1.00 40.18 ? 110 DT  C C2    1 
ATOM   657 O O2    . DT  C 2 2  ? 3.452   17.415  3.788   1.00 39.09 ? 110 DT  C O2    1 
ATOM   658 N N3    . DT  C 2 2  ? 1.225   17.815  3.520   1.00 40.03 ? 110 DT  C N3    1 
ATOM   659 C C4    . DT  C 2 2  ? 0.146   18.535  3.030   1.00 39.99 ? 110 DT  C C4    1 
ATOM   660 O O4    . DT  C 2 2  ? -1.015  18.216  3.261   1.00 39.88 ? 110 DT  C O4    1 
ATOM   661 C C5    . DT  C 2 2  ? 0.475   19.681  2.213   1.00 40.26 ? 110 DT  C C5    1 
ATOM   662 C C7    . DT  C 2 2  ? -0.601  20.390  1.442   1.00 40.81 ? 110 DT  C C7    1 
ATOM   663 C C6    . DT  C 2 2  ? 1.770   19.963  2.015   1.00 40.79 ? 110 DT  C C6    1 
ATOM   664 P P     . DA  C 2 3  ? 7.812   19.349  0.315   1.00 49.93 ? 111 DA  C P     1 
ATOM   665 O OP1   . DA  C 2 3  ? 9.265   19.661  0.378   1.00 49.89 ? 111 DA  C OP1   1 
ATOM   666 O OP2   . DA  C 2 3  ? 7.113   19.350  -0.994  1.00 50.15 ? 111 DA  C OP2   1 
ATOM   667 O "O5'" . DA  C 2 3  ? 7.511   17.955  1.044   1.00 48.42 ? 111 DA  C "O5'" 1 
ATOM   668 C "C5'" . DA  C 2 3  ? 8.088   17.630  2.315   1.00 46.30 ? 111 DA  C "C5'" 1 
ATOM   669 C "C4'" . DA  C 2 3  ? 8.062   16.126  2.564   1.00 43.92 ? 111 DA  C "C4'" 1 
ATOM   670 O "O4'" . DA  C 2 3  ? 6.697   15.667  2.700   1.00 43.24 ? 111 DA  C "O4'" 1 
ATOM   671 C "C3'" . DA  C 2 3  ? 8.677   15.237  1.488   1.00 43.32 ? 111 DA  C "C3'" 1 
ATOM   672 O "O3'" . DA  C 2 3  ? 9.368   14.162  2.124   1.00 42.07 ? 111 DA  C "O3'" 1 
ATOM   673 C "C2'" . DA  C 2 3  ? 7.479   14.754  0.667   1.00 42.35 ? 111 DA  C "C2'" 1 
ATOM   674 C "C1'" . DA  C 2 3  ? 6.328   14.764  1.672   1.00 41.22 ? 111 DA  C "C1'" 1 
ATOM   675 N N9    . DA  C 2 3  ? 5.051   15.293  1.192   1.00 39.57 ? 111 DA  C N9    1 
ATOM   676 C C8    . DA  C 2 3  ? 4.867   16.332  0.323   1.00 39.38 ? 111 DA  C C8    1 
ATOM   677 N N7    . DA  C 2 3  ? 3.608   16.611  0.088   1.00 39.09 ? 111 DA  C N7    1 
ATOM   678 C C5    . DA  C 2 3  ? 2.917   15.704  0.865   1.00 38.11 ? 111 DA  C C5    1 
ATOM   679 C C6    . DA  C 2 3  ? 1.540   15.495  1.066   1.00 37.75 ? 111 DA  C C6    1 
ATOM   680 N N6    . DA  C 2 3  ? 0.599   16.216  0.464   1.00 38.68 ? 111 DA  C N6    1 
ATOM   681 N N1    . DA  C 2 3  ? 1.169   14.509  1.906   1.00 38.60 ? 111 DA  C N1    1 
ATOM   682 C C2    . DA  C 2 3  ? 2.124   13.781  2.509   1.00 38.80 ? 111 DA  C C2    1 
ATOM   683 N N3    . DA  C 2 3  ? 3.452   13.893  2.406   1.00 38.37 ? 111 DA  C N3    1 
ATOM   684 C C4    . DA  C 2 3  ? 3.786   14.892  1.564   1.00 38.35 ? 111 DA  C C4    1 
ATOM   685 P P     . DA  C 2 4  ? 10.379  13.229  1.308   1.00 40.82 ? 112 DA  C P     1 
ATOM   686 O OP1   . DA  C 2 4  ? 11.305  12.626  2.291   1.00 39.39 ? 112 DA  C OP1   1 
ATOM   687 O OP2   . DA  C 2 4  ? 10.864  13.944  0.101   1.00 40.63 ? 112 DA  C OP2   1 
ATOM   688 O "O5'" . DA  C 2 4  ? 9.408   12.073  0.776   1.00 38.77 ? 112 DA  C "O5'" 1 
ATOM   689 C "C5'" . DA  C 2 4  ? 8.891   11.096  1.683   1.00 36.04 ? 112 DA  C "C5'" 1 
ATOM   690 C "C4'" . DA  C 2 4  ? 7.720   10.380  1.035   1.00 33.57 ? 112 DA  C "C4'" 1 
ATOM   691 O "O4'" . DA  C 2 4  ? 6.649   11.313  0.829   1.00 33.85 ? 112 DA  C "O4'" 1 
ATOM   692 C "C3'" . DA  C 2 4  ? 8.005   9.823   -0.351  1.00 33.56 ? 112 DA  C "C3'" 1 
ATOM   693 O "O3'" . DA  C 2 4  ? 8.445   8.475   -0.186  1.00 34.69 ? 112 DA  C "O3'" 1 
ATOM   694 C "C2'" . DA  C 2 4  ? 6.672   9.948   -1.092  1.00 33.44 ? 112 DA  C "C2'" 1 
ATOM   695 C "C1'" . DA  C 2 4  ? 5.787   10.738  -0.127  1.00 33.08 ? 112 DA  C "C1'" 1 
ATOM   696 N N9    . DA  C 2 4  ? 5.016   11.808  -0.751  1.00 34.68 ? 112 DA  C N9    1 
ATOM   697 C C8    . DA  C 2 4  ? 5.473   12.889  -1.464  1.00 33.62 ? 112 DA  C C8    1 
ATOM   698 N N7    . DA  C 2 4  ? 4.505   13.671  -1.897  1.00 33.26 ? 112 DA  C N7    1 
ATOM   699 C C5    . DA  C 2 4  ? 3.339   13.071  -1.449  1.00 34.36 ? 112 DA  C C5    1 
ATOM   700 C C6    . DA  C 2 4  ? 1.964   13.403  -1.571  1.00 33.54 ? 112 DA  C C6    1 
ATOM   701 N N6    . DA  C 2 4  ? 1.496   14.475  -2.223  1.00 33.42 ? 112 DA  C N6    1 
ATOM   702 N N1    . DA  C 2 4  ? 1.070   12.576  -0.998  1.00 34.60 ? 112 DA  C N1    1 
ATOM   703 C C2    . DA  C 2 4  ? 1.511   11.491  -0.338  1.00 34.64 ? 112 DA  C C2    1 
ATOM   704 N N3    . DA  C 2 4  ? 2.768   11.081  -0.145  1.00 34.96 ? 112 DA  C N3    1 
ATOM   705 C C4    . DA  C 2 4  ? 3.642   11.920  -0.733  1.00 34.93 ? 112 DA  C C4    1 
ATOM   706 P P     . DT  C 2 5  ? 8.921   7.566   -1.410  1.00 35.95 ? 113 DT  C P     1 
ATOM   707 O OP1   . DT  C 2 5  ? 9.645   6.413   -0.829  1.00 35.66 ? 113 DT  C OP1   1 
ATOM   708 O OP2   . DT  C 2 5  ? 9.563   8.436   -2.420  1.00 34.66 ? 113 DT  C OP2   1 
ATOM   709 O "O5'" . DT  C 2 5  ? 7.550   7.086   -2.051  1.00 34.47 ? 113 DT  C "O5'" 1 
ATOM   710 C "C5'" . DT  C 2 5  ? 6.723   6.144   -1.401  1.00 33.81 ? 113 DT  C "C5'" 1 
ATOM   711 C "C4'" . DT  C 2 5  ? 5.458   6.004   -2.216  1.00 31.94 ? 113 DT  C "C4'" 1 
ATOM   712 O "O4'" . DT  C 2 5  ? 4.735   7.237   -2.146  1.00 30.33 ? 113 DT  C "O4'" 1 
ATOM   713 C "C3'" . DT  C 2 5  ? 5.647   5.833   -3.718  1.00 34.14 ? 113 DT  C "C3'" 1 
ATOM   714 O "O3'" . DT  C 2 5  ? 5.955   4.487   -4.039  1.00 35.49 ? 113 DT  C "O3'" 1 
ATOM   715 C "C2'" . DT  C 2 5  ? 4.296   6.296   -4.279  1.00 31.58 ? 113 DT  C "C2'" 1 
ATOM   716 C "C1'" . DT  C 2 5  ? 3.771   7.223   -3.179  1.00 31.03 ? 113 DT  C "C1'" 1 
ATOM   717 N N1    . DT  C 2 5  ? 3.508   8.644   -3.579  1.00 30.12 ? 113 DT  C N1    1 
ATOM   718 C C2    . DT  C 2 5  ? 2.235   9.140   -3.380  1.00 32.52 ? 113 DT  C C2    1 
ATOM   719 O O2    . DT  C 2 5  ? 1.302   8.487   -2.925  1.00 33.70 ? 113 DT  C O2    1 
ATOM   720 N N3    . DT  C 2 5  ? 2.068   10.443  -3.772  1.00 34.16 ? 113 DT  C N3    1 
ATOM   721 C C4    . DT  C 2 5  ? 3.012   11.290  -4.313  1.00 32.26 ? 113 DT  C C4    1 
ATOM   722 O O4    . DT  C 2 5  ? 2.713   12.440  -4.613  1.00 32.06 ? 113 DT  C O4    1 
ATOM   723 C C5    . DT  C 2 5  ? 4.340   10.729  -4.462  1.00 31.75 ? 113 DT  C C5    1 
ATOM   724 C C7    . DT  C 2 5  ? 5.517   11.619  -4.758  1.00 31.47 ? 113 DT  C C7    1 
ATOM   725 C C6    . DT  C 2 5  ? 4.520   9.443   -4.095  1.00 30.96 ? 113 DT  C C6    1 
ATOM   726 P P     . DT  C 2 6  ? 6.962   4.203   -5.250  1.00 38.18 ? 114 DT  C P     1 
ATOM   727 O OP1   . DT  C 2 6  ? 7.488   2.856   -5.012  1.00 38.34 ? 114 DT  C OP1   1 
ATOM   728 O OP2   . DT  C 2 6  ? 7.871   5.356   -5.521  1.00 37.47 ? 114 DT  C OP2   1 
ATOM   729 O "O5'" . DT  C 2 6  ? 5.997   4.227   -6.534  1.00 36.81 ? 114 DT  C "O5'" 1 
ATOM   730 C "C5'" . DT  C 2 6  ? 4.942   3.309   -6.715  1.00 36.12 ? 114 DT  C "C5'" 1 
ATOM   731 C "C4'" . DT  C 2 6  ? 4.292   3.502   -8.083  1.00 33.46 ? 114 DT  C "C4'" 1 
ATOM   732 O "O4'" . DT  C 2 6  ? 3.693   4.814   -8.171  1.00 32.96 ? 114 DT  C "O4'" 1 
ATOM   733 C "C3'" . DT  C 2 6  ? 5.206   3.374   -9.293  1.00 34.90 ? 114 DT  C "C3'" 1 
ATOM   734 O "O3'" . DT  C 2 6  ? 4.666   2.325   -10.087 1.00 35.26 ? 114 DT  C "O3'" 1 
ATOM   735 C "C2'" . DT  C 2 6  ? 5.158   4.728   -10.020 1.00 33.91 ? 114 DT  C "C2'" 1 
ATOM   736 C "C1'" . DT  C 2 6  ? 3.947   5.432   -9.419  1.00 32.87 ? 114 DT  C "C1'" 1 
ATOM   737 N N1    . DT  C 2 6  ? 4.114   6.889   -9.099  1.00 31.77 ? 114 DT  C N1    1 
ATOM   738 C C2    . DT  C 2 6  ? 3.119   7.796   -9.435  1.00 31.34 ? 114 DT  C C2    1 
ATOM   739 O O2    . DT  C 2 6  ? 2.093   7.494   -10.011 1.00 31.65 ? 114 DT  C O2    1 
ATOM   740 N N3    . DT  C 2 6  ? 3.357   9.098   -9.064  1.00 30.21 ? 114 DT  C N3    1 
ATOM   741 C C4    . DT  C 2 6  ? 4.475   9.573   -8.404  1.00 31.05 ? 114 DT  C C4    1 
ATOM   742 O O4    . DT  C 2 6  ? 4.575   10.758  -8.130  1.00 31.14 ? 114 DT  C O4    1 
ATOM   743 C C5    . DT  C 2 6  ? 5.480   8.579   -8.063  1.00 31.60 ? 114 DT  C C5    1 
ATOM   744 C C7    . DT  C 2 6  ? 6.816   8.982   -7.499  1.00 32.85 ? 114 DT  C C7    1 
ATOM   745 C C6    . DT  C 2 6  ? 5.250   7.305   -8.415  1.00 31.40 ? 114 DT  C C6    1 
ATOM   746 P P     . DA  C 2 7  ? 5.468   1.735   -11.333 1.00 37.86 ? 115 DA  C P     1 
ATOM   747 O OP1   . DA  C 2 7  ? 5.013   0.338   -11.498 1.00 37.75 ? 115 DA  C OP1   1 
ATOM   748 O OP2   . DA  C 2 7  ? 6.911   2.053   -11.152 1.00 37.10 ? 115 DA  C OP2   1 
ATOM   749 O "O5'" . DA  C 2 7  ? 4.907   2.589   -12.559 1.00 36.35 ? 115 DA  C "O5'" 1 
ATOM   750 C "C5'" . DA  C 2 7  ? 3.507   2.603   -12.799 1.00 36.35 ? 115 DA  C "C5'" 1 
ATOM   751 C "C4'" . DA  C 2 7  ? 3.129   3.585   -13.890 1.00 35.77 ? 115 DA  C "C4'" 1 
ATOM   752 O "O4'" . DA  C 2 7  ? 3.151   4.935   -13.363 1.00 35.48 ? 115 DA  C "O4'" 1 
ATOM   753 C "C3'" . DA  C 2 7  ? 4.038   3.563   -15.111 1.00 36.05 ? 115 DA  C "C3'" 1 
ATOM   754 O "O3'" . DA  C 2 7  ? 3.191   3.339   -16.221 1.00 37.48 ? 115 DA  C "O3'" 1 
ATOM   755 C "C2'" . DA  C 2 7  ? 4.718   4.937   -15.118 1.00 35.61 ? 115 DA  C "C2'" 1 
ATOM   756 C "C1'" . DA  C 2 7  ? 3.788   5.799   -14.271 1.00 34.30 ? 115 DA  C "C1'" 1 
ATOM   757 N N9    . DA  C 2 7  ? 4.457   6.829   -13.478 1.00 34.40 ? 115 DA  C N9    1 
ATOM   758 C C8    . DA  C 2 7  ? 5.671   6.744   -12.849 1.00 33.06 ? 115 DA  C C8    1 
ATOM   759 N N7    . DA  C 2 7  ? 6.011   7.836   -12.204 1.00 33.57 ? 115 DA  C N7    1 
ATOM   760 C C5    . DA  C 2 7  ? 4.942   8.694   -12.418 1.00 33.42 ? 115 DA  C C5    1 
ATOM   761 C C6    . DA  C 2 7  ? 4.678   10.015  -12.002 1.00 33.35 ? 115 DA  C C6    1 
ATOM   762 N N6    . DA  C 2 7  ? 5.516   10.739  -11.247 1.00 32.68 ? 115 DA  C N6    1 
ATOM   763 N N1    . DA  C 2 7  ? 3.512   10.574  -12.401 1.00 34.91 ? 115 DA  C N1    1 
ATOM   764 C C2    . DA  C 2 7  ? 2.661   9.863   -13.159 1.00 34.51 ? 115 DA  C C2    1 
ATOM   765 N N3    . DA  C 2 7  ? 2.804   8.614   -13.612 1.00 34.23 ? 115 DA  C N3    1 
ATOM   766 C C4    . DA  C 2 7  ? 3.972   8.083   -13.205 1.00 33.83 ? 115 DA  C C4    1 
ATOM   767 P P     . DC  C 2 8  ? 3.714   3.138   -17.714 1.00 37.18 ? 116 DC  C P     1 
ATOM   768 O OP1   . DC  C 2 8  ? 2.805   2.180   -18.373 1.00 38.66 ? 116 DC  C OP1   1 
ATOM   769 O OP2   . DC  C 2 8  ? 5.176   2.921   -17.731 1.00 37.45 ? 116 DC  C OP2   1 
ATOM   770 O "O5'" . DC  C 2 8  ? 3.431   4.591   -18.306 1.00 39.21 ? 116 DC  C "O5'" 1 
ATOM   771 C "C5'" . DC  C 2 8  ? 2.101   5.111   -18.310 1.00 39.84 ? 116 DC  C "C5'" 1 
ATOM   772 C "C4'" . DC  C 2 8  ? 2.168   6.620   -18.424 1.00 40.04 ? 116 DC  C "C4'" 1 
ATOM   773 O "O4'" . DC  C 2 8  ? 2.849   7.153   -17.268 1.00 40.91 ? 116 DC  C "O4'" 1 
ATOM   774 C "C3'" . DC  C 2 8  ? 3.019   7.103   -19.578 1.00 39.99 ? 116 DC  C "C3'" 1 
ATOM   775 O "O3'" . DC  C 2 8  ? 2.230   7.126   -20.766 1.00 41.66 ? 116 DC  C "O3'" 1 
ATOM   776 C "C2'" . DC  C 2 8  ? 3.471   8.491   -19.127 1.00 40.27 ? 116 DC  C "C2'" 1 
ATOM   777 C "C1'" . DC  C 2 8  ? 3.218   8.470   -17.616 1.00 39.27 ? 116 DC  C "C1'" 1 
ATOM   778 N N1    . DC  C 2 8  ? 4.367   8.936   -16.767 1.00 38.17 ? 116 DC  C N1    1 
ATOM   779 C C2    . DC  C 2 8  ? 4.270   10.203  -16.181 1.00 37.46 ? 116 DC  C C2    1 
ATOM   780 O O2    . DC  C 2 8  ? 3.248   10.864  -16.391 1.00 38.03 ? 116 DC  C O2    1 
ATOM   781 N N3    . DC  C 2 8  ? 5.290   10.665  -15.408 1.00 36.92 ? 116 DC  C N3    1 
ATOM   782 C C4    . DC  C 2 8  ? 6.372   9.904   -15.218 1.00 36.48 ? 116 DC  C C4    1 
ATOM   783 N N4    . DC  C 2 8  ? 7.351   10.391  -14.452 1.00 36.38 ? 116 DC  C N4    1 
ATOM   784 C C5    . DC  C 2 8  ? 6.495   8.605   -15.808 1.00 36.67 ? 116 DC  C C5    1 
ATOM   785 C C6    . DC  C 2 8  ? 5.481   8.169   -16.567 1.00 36.88 ? 116 DC  C C6    1 
HETATM 786 O O     . HOH D 3 .  ? 5.697   7.421   1.989   1.00 18.33 ? 61  HOH A O     1 
HETATM 787 O O     . HOH D 3 .  ? 9.499   -0.330  18.009  1.00 49.94 ? 62  HOH A O     1 
HETATM 788 O O     . HOH D 3 .  ? 9.034   -1.595  -3.240  1.00 49.59 ? 63  HOH A O     1 
HETATM 789 O O     . HOH D 3 .  ? -3.021  -11.706 0.827   1.00 52.51 ? 64  HOH A O     1 
HETATM 790 O O     . HOH D 3 .  ? 0.015   -1.434  7.670   1.00 23.36 ? 65  HOH A O     1 
HETATM 791 O O     . HOH D 3 .  ? 10.811  -2.493  8.987   1.00 39.19 ? 66  HOH A O     1 
HETATM 792 O O     . HOH D 3 .  ? 1.368   -2.676  10.113  1.00 32.91 ? 67  HOH A O     1 
HETATM 793 O O     . HOH D 3 .  ? 14.152  -6.443  -0.158  1.00 60.37 ? 68  HOH A O     1 
HETATM 794 O O     . HOH D 3 .  ? 7.460   3.095   0.288   1.00 31.95 ? 69  HOH A O     1 
HETATM 795 O O     . HOH D 3 .  ? -0.977  -0.688  -8.773  1.00 33.42 ? 70  HOH A O     1 
HETATM 796 O O     . HOH D 3 .  ? -6.539  9.060   -8.665  1.00 37.67 ? 71  HOH A O     1 
HETATM 797 O O     . HOH D 3 .  ? -5.913  12.654  -20.855 1.00 48.39 ? 72  HOH A O     1 
HETATM 798 O O     . HOH D 3 .  ? -7.975  8.281   -14.543 1.00 48.81 ? 73  HOH A O     1 
HETATM 799 O O     . HOH D 3 .  ? -5.738  -16.023 2.869   1.00 40.87 ? 74  HOH A O     1 
HETATM 800 O O     . HOH D 3 .  ? 12.914  0.521   1.431   1.00 59.85 ? 75  HOH A O     1 
HETATM 801 O O     . HOH D 3 .  ? 13.081  -2.779  11.187  1.00 53.10 ? 76  HOH A O     1 
HETATM 802 O O     . HOH D 3 .  ? 4.740   -12.826 5.680   1.00 54.09 ? 77  HOH A O     1 
HETATM 803 O O     . HOH D 3 .  ? -2.005  4.912   -18.536 1.00 39.79 ? 78  HOH A O     1 
HETATM 804 O O     . HOH D 3 .  ? 2.723   -4.057  -4.597  1.00 41.68 ? 79  HOH A O     1 
HETATM 805 O O     . HOH D 3 .  ? -1.473  4.575   14.039  1.00 30.79 ? 80  HOH A O     1 
HETATM 806 O O     . HOH D 3 .  ? 10.161  2.229   8.757   1.00 41.43 ? 81  HOH A O     1 
HETATM 807 O O     . HOH D 3 .  ? 5.455   8.812   8.023   1.00 34.94 ? 82  HOH A O     1 
HETATM 808 O O     . HOH D 3 .  ? -0.796  5.130   -15.788 1.00 39.08 ? 83  HOH A O     1 
HETATM 809 O O     . HOH D 3 .  ? 1.153   -8.690  -2.494  1.00 39.56 ? 84  HOH A O     1 
HETATM 810 O O     . HOH D 3 .  ? 9.341   -4.628  9.509   1.00 53.27 ? 85  HOH A O     1 
HETATM 811 O O     . HOH D 3 .  ? -8.413  -4.206  7.413   1.00 47.75 ? 86  HOH A O     1 
HETATM 812 O O     . HOH D 3 .  ? 8.664   5.310   1.560   1.00 48.30 ? 87  HOH A O     1 
HETATM 813 O O     . HOH D 3 .  ? 12.877  8.366   9.848   1.00 53.69 ? 88  HOH A O     1 
HETATM 814 O O     . HOH D 3 .  ? 0.088   2.689   -14.970 1.00 51.01 ? 89  HOH A O     1 
HETATM 815 O O     . HOH D 3 .  ? 6.421   -2.506  17.467  1.00 55.91 ? 90  HOH A O     1 
HETATM 816 O O     . HOH D 3 .  ? -7.876  5.717   -14.057 1.00 57.33 ? 91  HOH A O     1 
HETATM 817 O O     . HOH D 3 .  ? 8.942   1.585   1.768   1.00 39.87 ? 92  HOH A O     1 
HETATM 818 O O     . HOH D 3 .  ? 0.096   -5.746  -10.111 1.00 53.86 ? 93  HOH A O     1 
HETATM 819 O O     . HOH D 3 .  ? -11.415 3.367   5.411   1.00 52.67 ? 94  HOH A O     1 
HETATM 820 O O     . HOH D 3 .  ? -2.370  -7.272  -9.968  1.00 53.33 ? 95  HOH A O     1 
HETATM 821 O O     . HOH D 3 .  ? -13.549 0.271   3.543   1.00 55.55 ? 96  HOH A O     1 
HETATM 822 O O     . HOH D 3 .  ? -10.823 7.377   4.229   1.00 52.52 ? 97  HOH A O     1 
HETATM 823 O O     . HOH D 3 .  ? 3.690   6.668   13.611  1.00 40.14 ? 98  HOH A O     1 
HETATM 824 O O     . HOH D 3 .  ? 13.181  6.108   7.301   1.00 49.37 ? 99  HOH A O     1 
HETATM 825 O O     . HOH D 3 .  ? -3.639  13.387  -17.877 1.00 44.23 ? 100 HOH A O     1 
HETATM 826 O O     . HOH D 3 .  ? 2.721   -6.410  -3.608  1.00 40.88 ? 101 HOH A O     1 
HETATM 827 O O     . HOH E 3 .  ? -7.717  13.599  -0.228  1.00 40.28 ? 6   HOH B O     1 
HETATM 828 O O     . HOH E 3 .  ? -5.481  6.885   7.618   1.00 36.51 ? 11  HOH B O     1 
HETATM 829 O O     . HOH E 3 .  ? -3.783  17.597  -9.976  1.00 49.34 ? 16  HOH B O     1 
HETATM 830 O O     . HOH E 3 .  ? 5.306   8.025   10.325  1.00 34.02 ? 17  HOH B O     1 
HETATM 831 O O     . HOH E 3 .  ? -2.616  16.238  -5.663  1.00 39.69 ? 30  HOH B O     1 
HETATM 832 O O     . HOH E 3 .  ? -1.434  17.051  -3.351  1.00 44.47 ? 35  HOH B O     1 
HETATM 833 O O     . HOH E 3 .  ? -4.605  18.503  -15.976 1.00 56.86 ? 40  HOH B O     1 
HETATM 834 O O     . HOH E 3 .  ? -4.431  14.871  8.208   1.00 47.31 ? 44  HOH B O     1 
HETATM 835 O O     . HOH E 3 .  ? -8.328  6.449   6.372   1.00 47.56 ? 50  HOH B O     1 
HETATM 836 O O     . HOH E 3 .  ? 3.427   10.077  6.669   1.00 46.63 ? 51  HOH B O     1 
HETATM 837 O O     . HOH E 3 .  ? -10.793 6.626   -3.271  1.00 56.50 ? 52  HOH B O     1 
HETATM 838 O O     . HOH E 3 .  ? -10.785 10.555  2.350   1.00 49.85 ? 56  HOH B O     1 
HETATM 839 O O     . HOH E 3 .  ? 4.028   12.667  6.439   1.00 38.09 ? 61  HOH B O     1 
HETATM 840 O O     . HOH E 3 .  ? 5.923   13.538  -8.235  1.00 46.79 ? 65  HOH B O     1 
HETATM 841 O O     . HOH E 3 .  ? -7.198  13.321  3.871   1.00 54.34 ? 70  HOH B O     1 
HETATM 842 O O     . HOH E 3 .  ? -3.013  17.885  0.210   1.00 45.39 ? 74  HOH B O     1 
HETATM 843 O O     . HOH E 3 .  ? -6.509  14.566  6.500   1.00 54.62 ? 78  HOH B O     1 
HETATM 844 O O     . HOH E 3 .  ? 6.096   11.279  14.339  1.00 51.84 ? 87  HOH B O     1 
HETATM 845 O O     . HOH F 3 .  ? 5.666   1.441   -3.911  1.00 33.34 ? 3   HOH C O     1 
HETATM 846 O O     . HOH F 3 .  ? 0.045   7.021   -11.553 1.00 32.84 ? 5   HOH C O     1 
HETATM 847 O O     . HOH F 3 .  ? 8.312   5.567   -8.592  1.00 38.60 ? 13  HOH C O     1 
HETATM 848 O O     . HOH F 3 .  ? 8.791   2.382   -2.321  1.00 43.32 ? 25  HOH C O     1 
HETATM 849 O O     . HOH F 3 .  ? 8.154   4.475   -12.707 1.00 48.49 ? 29  HOH C O     1 
HETATM 850 O O     . HOH F 3 .  ? 8.058   8.730   -4.348  1.00 40.67 ? 32  HOH C O     1 
HETATM 851 O O     . HOH F 3 .  ? -4.337  19.640  7.663   1.00 51.62 ? 36  HOH C O     1 
HETATM 852 O O     . HOH F 3 .  ? 5.139   15.510  -3.729  1.00 40.10 ? 38  HOH C O     1 
HETATM 853 O O     . HOH F 3 .  ? 8.463   12.900  -2.650  1.00 46.19 ? 42  HOH C O     1 
HETATM 854 O O     . HOH F 3 .  ? 8.409   7.716   -10.582 1.00 56.46 ? 43  HOH C O     1 
HETATM 855 O O     . HOH F 3 .  ? -0.180  0.875   -17.696 1.00 49.99 ? 45  HOH C O     1 
HETATM 856 O O     . HOH F 3 .  ? -1.055  26.268  6.831   1.00 55.30 ? 48  HOH C O     1 
HETATM 857 O O     . HOH F 3 .  ? 8.120   0.698   -7.053  1.00 57.47 ? 53  HOH C O     1 
HETATM 858 O O     . HOH F 3 .  ? 6.594   -0.527  -5.292  1.00 48.56 ? 55  HOH C O     1 
HETATM 859 O O     . HOH F 3 .  ? 3.512   14.444  -6.049  1.00 36.82 ? 60  HOH C O     1 
HETATM 860 O O     . HOH F 3 .  ? 2.544   18.393  -1.509  1.00 53.74 ? 66  HOH C O     1 
HETATM 861 O O     . HOH F 3 .  ? 5.621   -2.953  -5.504  1.00 56.35 ? 67  HOH C O     1 
HETATM 862 O O     . HOH F 3 .  ? 0.172   7.555   -14.137 1.00 58.09 ? 69  HOH C O     1 
HETATM 863 O O     . HOH F 3 .  ? 0.040   30.062  5.784   1.00 56.37 ? 71  HOH C O     1 
# 
loop_
_pdbx_poly_seq_scheme.asym_id 
_pdbx_poly_seq_scheme.entity_id 
_pdbx_poly_seq_scheme.seq_id 
_pdbx_poly_seq_scheme.mon_id 
_pdbx_poly_seq_scheme.ndb_seq_num 
_pdbx_poly_seq_scheme.pdb_seq_num 
_pdbx_poly_seq_scheme.auth_seq_num 
_pdbx_poly_seq_scheme.pdb_mon_id 
_pdbx_poly_seq_scheme.auth_mon_id 
_pdbx_poly_seq_scheme.pdb_strand_id 
_pdbx_poly_seq_scheme.pdb_ins_code 
_pdbx_poly_seq_scheme.hetero 
A 1 1  MET 1  1   ?   ?   ?   A . n 
A 1 2  SER 2  2   2   SER SER A . n 
A 1 3  SER 3  3   3   SER SER A . n 
A 1 4  GLY 4  4   4   GLY GLY A . n 
A 1 5  LYS 5  5   5   LYS LYS A . n 
A 1 6  LYS 6  6   6   LYS LYS A . n 
A 1 7  PRO 7  7   7   PRO PRO A . n 
A 1 8  VAL 8  8   8   VAL VAL A . n 
A 1 9  LYS 9  9   9   LYS LYS A . n 
A 1 10 VAL 10 10  10  VAL VAL A . n 
A 1 11 LYS 11 11  11  LYS LYS A . n 
A 1 12 THR 12 12  12  THR THR A . n 
A 1 13 PRO 13 13  13  PRO PRO A . n 
A 1 14 ALA 14 14  14  ALA ALA A . n 
A 1 15 GLY 15 15  15  GLY GLY A . n 
A 1 16 LYS 16 16  16  LYS LYS A . n 
A 1 17 GLU 17 17  17  GLU GLU A . n 
A 1 18 ALA 18 18  18  ALA ALA A . n 
A 1 19 GLU 19 19  19  GLU GLU A . n 
A 1 20 LEU 20 20  20  LEU LEU A . n 
A 1 21 VAL 21 21  21  VAL VAL A . n 
A 1 22 PRO 22 22  22  PRO PRO A . n 
A 1 23 GLU 23 23  23  GLU GLU A . n 
A 1 24 LYS 24 24  24  LYS LYS A . n 
A 1 25 VAL 25 25  25  VAL VAL A . n 
A 1 26 TRP 26 26  26  TRP TRP A . n 
A 1 27 ALA 27 27  27  ALA ALA A . n 
A 1 28 LEU 28 28  28  LEU LEU A . n 
A 1 29 ALA 29 29  29  ALA ALA A . n 
A 1 30 PRO 30 30  30  PRO PRO A . n 
A 1 31 LYS 31 31  31  LYS LYS A . n 
A 1 32 GLY 32 32  32  GLY GLY A . n 
A 1 33 ARG 33 33  33  ARG ARG A . n 
A 1 34 LYS 34 34  34  LYS LYS A . n 
A 1 35 GLY 35 35  35  GLY GLY A . n 
A 1 36 VAL 36 36  36  VAL VAL A . n 
A 1 37 LYS 37 37  37  LYS LYS A . n 
A 1 38 ILE 38 38  38  ILE ILE A . n 
A 1 39 GLY 39 39  39  GLY GLY A . n 
A 1 40 LEU 40 40  40  LEU LEU A . n 
A 1 41 PHE 41 41  41  PHE PHE A . n 
A 1 42 LYS 42 42  42  LYS LYS A . n 
A 1 43 ASP 43 43  43  ASP ASP A . n 
A 1 44 PRO 44 44  44  PRO PRO A . n 
A 1 45 GLU 45 45  45  GLU GLU A . n 
A 1 46 THR 46 46  46  THR THR A . n 
A 1 47 GLY 47 47  47  GLY GLY A . n 
A 1 48 LYS 48 48  48  LYS LYS A . n 
A 1 49 TYR 49 49  49  TYR TYR A . n 
A 1 50 PHE 50 50  50  PHE PHE A . n 
A 1 51 ARG 51 51  51  ARG ARG A . n 
A 1 52 HIS 52 52  52  HIS HIS A . n 
A 1 53 LYS 53 53  53  LYS LYS A . n 
A 1 54 LEU 54 54  54  LEU LEU A . n 
A 1 55 PRO 55 55  55  PRO PRO A . n 
A 1 56 ASP 56 56  56  ASP ASP A . n 
A 1 57 ASP 57 57  57  ASP ASP A . n 
A 1 58 TYR 58 58  58  TYR TYR A . n 
A 1 59 PRO 59 59  59  PRO PRO A . n 
A 1 60 ILE 60 60  60  ILE ILE A . n 
B 2 1  DG  1  101 101 DG  G   B . n 
B 2 2  DT  2  102 102 DT  T   B . n 
B 2 3  DA  3  103 103 DA  A   B . n 
B 2 4  DA  4  104 104 DA  A   B . n 
B 2 5  DT  5  105 105 DT  T   B . n 
B 2 6  DT  6  106 106 DT  T   B . n 
B 2 7  DA  7  107 107 DA  A   B . n 
B 2 8  DC  8  108 108 DC  C   B . n 
C 2 1  DG  1  109 109 DG  G   C . n 
C 2 2  DT  2  110 110 DT  T   C . n 
C 2 3  DA  3  111 111 DA  A   C . n 
C 2 4  DA  4  112 112 DA  A   C . n 
C 2 5  DT  5  113 113 DT  T   C . n 
C 2 6  DT  6  114 114 DT  T   C . n 
C 2 7  DA  7  115 115 DA  A   C . n 
C 2 8  DC  8  116 116 DC  C   C . n 
# 
loop_
_pdbx_nonpoly_scheme.asym_id 
_pdbx_nonpoly_scheme.entity_id 
_pdbx_nonpoly_scheme.mon_id 
_pdbx_nonpoly_scheme.ndb_seq_num 
_pdbx_nonpoly_scheme.pdb_seq_num 
_pdbx_nonpoly_scheme.auth_seq_num 
_pdbx_nonpoly_scheme.pdb_mon_id 
_pdbx_nonpoly_scheme.auth_mon_id 
_pdbx_nonpoly_scheme.pdb_strand_id 
_pdbx_nonpoly_scheme.pdb_ins_code 
D 3 HOH 1  61  1  HOH HOH A . 
D 3 HOH 2  62  62 HOH HOH A . 
D 3 HOH 3  63  63 HOH HOH A . 
D 3 HOH 4  64  64 HOH HOH A . 
D 3 HOH 5  65  2  HOH HOH A . 
D 3 HOH 6  66  4  HOH HOH A . 
D 3 HOH 7  67  7  HOH HOH A . 
D 3 HOH 8  68  68 HOH HOH A . 
D 3 HOH 9  69  8  HOH HOH A . 
D 3 HOH 10 70  9  HOH HOH A . 
D 3 HOH 11 71  10 HOH HOH A . 
D 3 HOH 12 72  12 HOH HOH A . 
D 3 HOH 13 73  73 HOH HOH A . 
D 3 HOH 14 74  14 HOH HOH A . 
D 3 HOH 15 75  75 HOH HOH A . 
D 3 HOH 16 76  76 HOH HOH A . 
D 3 HOH 17 77  77 HOH HOH A . 
D 3 HOH 18 78  15 HOH HOH A . 
D 3 HOH 19 79  79 HOH HOH A . 
D 3 HOH 20 80  18 HOH HOH A . 
D 3 HOH 21 81  19 HOH HOH A . 
D 3 HOH 22 82  20 HOH HOH A . 
D 3 HOH 23 83  21 HOH HOH A . 
D 3 HOH 24 84  22 HOH HOH A . 
D 3 HOH 25 85  23 HOH HOH A . 
D 3 HOH 26 86  24 HOH HOH A . 
D 3 HOH 27 87  26 HOH HOH A . 
D 3 HOH 28 88  28 HOH HOH A . 
D 3 HOH 29 89  31 HOH HOH A . 
D 3 HOH 30 90  33 HOH HOH A . 
D 3 HOH 31 91  34 HOH HOH A . 
D 3 HOH 32 92  37 HOH HOH A . 
D 3 HOH 33 93  39 HOH HOH A . 
D 3 HOH 34 94  41 HOH HOH A . 
D 3 HOH 35 95  46 HOH HOH A . 
D 3 HOH 36 96  47 HOH HOH A . 
D 3 HOH 37 97  49 HOH HOH A . 
D 3 HOH 38 98  54 HOH HOH A . 
D 3 HOH 39 99  57 HOH HOH A . 
D 3 HOH 40 100 58 HOH HOH A . 
D 3 HOH 41 101 59 HOH HOH A . 
E 3 HOH 1  6   6  HOH HOH B . 
E 3 HOH 2  11  11 HOH HOH B . 
E 3 HOH 3  16  16 HOH HOH B . 
E 3 HOH 4  17  17 HOH HOH B . 
E 3 HOH 5  30  30 HOH HOH B . 
E 3 HOH 6  35  35 HOH HOH B . 
E 3 HOH 7  40  40 HOH HOH B . 
E 3 HOH 8  44  44 HOH HOH B . 
E 3 HOH 9  50  50 HOH HOH B . 
E 3 HOH 10 51  51 HOH HOH B . 
E 3 HOH 11 52  52 HOH HOH B . 
E 3 HOH 12 56  56 HOH HOH B . 
E 3 HOH 13 61  61 HOH HOH B . 
E 3 HOH 14 65  65 HOH HOH B . 
E 3 HOH 15 70  70 HOH HOH B . 
E 3 HOH 16 74  74 HOH HOH B . 
E 3 HOH 17 78  78 HOH HOH B . 
E 3 HOH 18 87  27 HOH HOH B . 
F 3 HOH 1  3   3  HOH HOH C . 
F 3 HOH 2  5   5  HOH HOH C . 
F 3 HOH 3  13  13 HOH HOH C . 
F 3 HOH 4  25  25 HOH HOH C . 
F 3 HOH 5  29  29 HOH HOH C . 
F 3 HOH 6  32  32 HOH HOH C . 
F 3 HOH 7  36  36 HOH HOH C . 
F 3 HOH 8  38  38 HOH HOH C . 
F 3 HOH 9  42  42 HOH HOH C . 
F 3 HOH 10 43  43 HOH HOH C . 
F 3 HOH 11 45  45 HOH HOH C . 
F 3 HOH 12 48  48 HOH HOH C . 
F 3 HOH 13 53  53 HOH HOH C . 
F 3 HOH 14 55  55 HOH HOH C . 
F 3 HOH 15 60  60 HOH HOH C . 
F 3 HOH 16 66  66 HOH HOH C . 
F 3 HOH 17 67  67 HOH HOH C . 
F 3 HOH 18 69  69 HOH HOH C . 
F 3 HOH 19 71  71 HOH HOH C . 
# 
_pdbx_struct_assembly.id                   1 
_pdbx_struct_assembly.details              author_defined_assembly 
_pdbx_struct_assembly.method_details       ? 
_pdbx_struct_assembly.oligomeric_details   trimeric 
_pdbx_struct_assembly.oligomeric_count     3 
# 
_pdbx_struct_assembly_gen.assembly_id       1 
_pdbx_struct_assembly_gen.oper_expression   1 
_pdbx_struct_assembly_gen.asym_id_list      A,B,C,D,E,F 
# 
_pdbx_struct_oper_list.id                   1 
_pdbx_struct_oper_list.type                 'identity operation' 
_pdbx_struct_oper_list.name                 1_555 
_pdbx_struct_oper_list.symmetry_operation   x,y,z 
_pdbx_struct_oper_list.matrix[1][1]         1.0000000000 
_pdbx_struct_oper_list.matrix[1][2]         0.0000000000 
_pdbx_struct_oper_list.matrix[1][3]         0.0000000000 
_pdbx_struct_oper_list.vector[1]            0.0000000000 
_pdbx_struct_oper_list.matrix[2][1]         0.0000000000 
_pdbx_struct_oper_list.matrix[2][2]         1.0000000000 
_pdbx_struct_oper_list.matrix[2][3]         0.0000000000 
_pdbx_struct_oper_list.vector[2]            0.0000000000 
_pdbx_struct_oper_list.matrix[3][1]         0.0000000000 
_pdbx_struct_oper_list.matrix[3][2]         0.0000000000 
_pdbx_struct_oper_list.matrix[3][3]         1.0000000000 
_pdbx_struct_oper_list.vector[3]            0.0000000000 
# 
loop_
_pdbx_audit_revision_history.ordinal 
_pdbx_audit_revision_history.data_content_type 
_pdbx_audit_revision_history.major_revision 
_pdbx_audit_revision_history.minor_revision 
_pdbx_audit_revision_history.revision_date 
1 'Structure model' 1 0 2010-05-26 
2 'Structure model' 1 1 2011-07-13 
3 'Structure model' 1 2 2014-03-05 
4 'Structure model' 1 3 2023-11-01 
# 
_pdbx_audit_revision_details.ordinal             1 
_pdbx_audit_revision_details.revision_ordinal    1 
_pdbx_audit_revision_details.data_content_type   'Structure model' 
_pdbx_audit_revision_details.provider            repository 
_pdbx_audit_revision_details.type                'Initial release' 
_pdbx_audit_revision_details.description         ? 
_pdbx_audit_revision_details.details             ? 
# 
loop_
_pdbx_audit_revision_group.ordinal 
_pdbx_audit_revision_group.revision_ordinal 
_pdbx_audit_revision_group.data_content_type 
_pdbx_audit_revision_group.group 
1 2 'Structure model' Advisory                    
2 2 'Structure model' 'Refinement description'    
3 2 'Structure model' 'Version format compliance' 
4 3 'Structure model' 'Database references'       
5 4 'Structure model' 'Data collection'           
6 4 'Structure model' 'Database references'       
7 4 'Structure model' 'Refinement description'    
# 
loop_
_pdbx_audit_revision_category.ordinal 
_pdbx_audit_revision_category.revision_ordinal 
_pdbx_audit_revision_category.data_content_type 
_pdbx_audit_revision_category.category 
1 4 'Structure model' chem_comp_atom                
2 4 'Structure model' chem_comp_bond                
3 4 'Structure model' database_2                    
4 4 'Structure model' pdbx_initial_refinement_model 
# 
loop_
_pdbx_audit_revision_item.ordinal 
_pdbx_audit_revision_item.revision_ordinal 
_pdbx_audit_revision_item.data_content_type 
_pdbx_audit_revision_item.item 
1 4 'Structure model' '_database_2.pdbx_DOI'                
2 4 'Structure model' '_database_2.pdbx_database_accession' 
# 
loop_
_pdbx_refine_tls.pdbx_refine_id 
_pdbx_refine_tls.id 
_pdbx_refine_tls.details 
_pdbx_refine_tls.method 
_pdbx_refine_tls.origin_x 
_pdbx_refine_tls.origin_y 
_pdbx_refine_tls.origin_z 
_pdbx_refine_tls.T[1][1] 
_pdbx_refine_tls.T[2][2] 
_pdbx_refine_tls.T[3][3] 
_pdbx_refine_tls.T[1][2] 
_pdbx_refine_tls.T[1][3] 
_pdbx_refine_tls.T[2][3] 
_pdbx_refine_tls.L[1][1] 
_pdbx_refine_tls.L[2][2] 
_pdbx_refine_tls.L[3][3] 
_pdbx_refine_tls.L[1][2] 
_pdbx_refine_tls.L[1][3] 
_pdbx_refine_tls.L[2][3] 
_pdbx_refine_tls.S[1][1] 
_pdbx_refine_tls.S[2][2] 
_pdbx_refine_tls.S[3][3] 
_pdbx_refine_tls.S[1][2] 
_pdbx_refine_tls.S[1][3] 
_pdbx_refine_tls.S[2][3] 
_pdbx_refine_tls.S[2][1] 
_pdbx_refine_tls.S[3][1] 
_pdbx_refine_tls.S[3][2] 
'X-RAY DIFFRACTION' 1 ? refined 1.5697  -1.7422 1.6767  -0.2307 -0.1937 -0.2512 -0.0348 -0.0235 -0.0014 6.0571 7.4130 5.9642  1.5546 -0.7653 -2.8171 -0.1895 0.2490 -0.0597 0.2557 0.0106 -0.0195 -0.4661 0.0490  0.0697  
'X-RAY DIFFRACTION' 2 ? refined 2.1241  2.6477  2.6620  -0.2930 -0.2482 -0.3337 0.0102  -0.0640 0.0026  5.2750 9.1443 10.4646 1.5503 2.0519  -5.3037 -0.2742 0.1790 0.0951  0.1581 0.1151 0.2027  -0.1384 -0.2257 -0.0989 
'X-RAY DIFFRACTION' 3 ? refined -1.3588 13.4092 -2.3070 -0.0567 -0.0653 -0.0794 0.0175  -0.0639 0.0686  0.2989 7.8439 7.7022  1.1972 -1.1721 -1.6162 -0.0275 0.5878 -0.5604 0.2135 0.3407 0.2881  -0.2963 -0.5604 -0.2439 
# 
loop_
_pdbx_refine_tls_group.pdbx_refine_id 
_pdbx_refine_tls_group.id 
_pdbx_refine_tls_group.refine_tls_id 
_pdbx_refine_tls_group.beg_auth_asym_id 
_pdbx_refine_tls_group.beg_auth_seq_id 
_pdbx_refine_tls_group.end_auth_asym_id 
_pdbx_refine_tls_group.end_auth_seq_id 
_pdbx_refine_tls_group.selection_details 
_pdbx_refine_tls_group.beg_label_asym_id 
_pdbx_refine_tls_group.beg_label_seq_id 
_pdbx_refine_tls_group.end_label_asym_id 
_pdbx_refine_tls_group.end_label_seq_id 
_pdbx_refine_tls_group.selection 
'X-RAY DIFFRACTION' 1 1 A 8   A 12  ? . . . . ? 
'X-RAY DIFFRACTION' 2 1 A 15  A 29  ? . . . . ? 
'X-RAY DIFFRACTION' 3 2 A 36  A 43  ? . . . . ? 
'X-RAY DIFFRACTION' 4 2 A 47  A 53  ? . . . . ? 
'X-RAY DIFFRACTION' 5 3 B 101 B 108 ? . . . . ? 
'X-RAY DIFFRACTION' 6 3 C 109 C 116 ? . . . . ? 
# 
loop_
_software.name 
_software.classification 
_software.version 
_software.citation_id 
_software.pdbx_ordinal 
HKL-2000 'data collection' .        ? 1 
PHASER   phasing           .        ? 2 
REFMAC   refinement        5.2.0019 ? 3 
HKL-2000 'data reduction'  .        ? 4 
HKL-2000 'data scaling'    .        ? 5 
# 
loop_
_pdbx_validate_rmsd_angle.id 
_pdbx_validate_rmsd_angle.PDB_model_num 
_pdbx_validate_rmsd_angle.auth_atom_id_1 
_pdbx_validate_rmsd_angle.auth_asym_id_1 
_pdbx_validate_rmsd_angle.auth_comp_id_1 
_pdbx_validate_rmsd_angle.auth_seq_id_1 
_pdbx_validate_rmsd_angle.PDB_ins_code_1 
_pdbx_validate_rmsd_angle.label_alt_id_1 
_pdbx_validate_rmsd_angle.auth_atom_id_2 
_pdbx_validate_rmsd_angle.auth_asym_id_2 
_pdbx_validate_rmsd_angle.auth_comp_id_2 
_pdbx_validate_rmsd_angle.auth_seq_id_2 
_pdbx_validate_rmsd_angle.PDB_ins_code_2 
_pdbx_validate_rmsd_angle.label_alt_id_2 
_pdbx_validate_rmsd_angle.auth_atom_id_3 
_pdbx_validate_rmsd_angle.auth_asym_id_3 
_pdbx_validate_rmsd_angle.auth_comp_id_3 
_pdbx_validate_rmsd_angle.auth_seq_id_3 
_pdbx_validate_rmsd_angle.PDB_ins_code_3 
_pdbx_validate_rmsd_angle.label_alt_id_3 
_pdbx_validate_rmsd_angle.angle_value 
_pdbx_validate_rmsd_angle.angle_target_value 
_pdbx_validate_rmsd_angle.angle_deviation 
_pdbx_validate_rmsd_angle.angle_standard_deviation 
_pdbx_validate_rmsd_angle.linker_flag 
1 1 "C3'" B DT 102 ? ? "C2'" B DT 102 ? ? "C1'" B DT 102 ? ? 97.42  102.40 -4.98 0.80 N 
2 1 "C1'" B DT 105 ? ? "O4'" B DT 105 ? ? "C4'" B DT 105 ? ? 103.73 110.10 -6.37 1.00 N 
3 1 "C3'" B DT 106 ? ? "C2'" B DT 106 ? ? "C1'" B DT 106 ? ? 97.15  102.40 -5.25 0.80 N 
4 1 "O4'" C DA 111 ? ? "C1'" C DA 111 ? ? N9    C DA 111 ? ? 103.54 108.00 -4.46 0.70 N 
5 1 "O4'" C DT 113 ? ? "C4'" C DT 113 ? ? "C3'" C DT 113 ? ? 101.99 104.50 -2.51 0.40 N 
6 1 "O4'" C DC 116 ? ? "C1'" C DC 116 ? ? N1    C DC 116 ? ? 110.48 108.30 2.18  0.30 N 
# 
_pdbx_validate_torsion.id              1 
_pdbx_validate_torsion.PDB_model_num   1 
_pdbx_validate_torsion.auth_comp_id    LYS 
_pdbx_validate_torsion.auth_asym_id    A 
_pdbx_validate_torsion.auth_seq_id     5 
_pdbx_validate_torsion.PDB_ins_code    ? 
_pdbx_validate_torsion.label_alt_id    ? 
_pdbx_validate_torsion.phi             -113.51 
_pdbx_validate_torsion.psi             -76.15 
# 
_pdbx_unobs_or_zero_occ_residues.id               1 
_pdbx_unobs_or_zero_occ_residues.PDB_model_num    1 
_pdbx_unobs_or_zero_occ_residues.polymer_flag     Y 
_pdbx_unobs_or_zero_occ_residues.occupancy_flag   1 
_pdbx_unobs_or_zero_occ_residues.auth_asym_id     A 
_pdbx_unobs_or_zero_occ_residues.auth_comp_id     MET 
_pdbx_unobs_or_zero_occ_residues.auth_seq_id      1 
_pdbx_unobs_or_zero_occ_residues.PDB_ins_code     ? 
_pdbx_unobs_or_zero_occ_residues.label_asym_id    A 
_pdbx_unobs_or_zero_occ_residues.label_comp_id    MET 
_pdbx_unobs_or_zero_occ_residues.label_seq_id     1 
# 
loop_
_chem_comp_atom.comp_id 
_chem_comp_atom.atom_id 
_chem_comp_atom.type_symbol 
_chem_comp_atom.pdbx_aromatic_flag 
_chem_comp_atom.pdbx_stereo_config 
_chem_comp_atom.pdbx_ordinal 
ALA N      N N N 1   
ALA CA     C N S 2   
ALA C      C N N 3   
ALA O      O N N 4   
ALA CB     C N N 5   
ALA OXT    O N N 6   
ALA H      H N N 7   
ALA H2     H N N 8   
ALA HA     H N N 9   
ALA HB1    H N N 10  
ALA HB2    H N N 11  
ALA HB3    H N N 12  
ALA HXT    H N N 13  
ARG N      N N N 14  
ARG CA     C N S 15  
ARG C      C N N 16  
ARG O      O N N 17  
ARG CB     C N N 18  
ARG CG     C N N 19  
ARG CD     C N N 20  
ARG NE     N N N 21  
ARG CZ     C N N 22  
ARG NH1    N N N 23  
ARG NH2    N N N 24  
ARG OXT    O N N 25  
ARG H      H N N 26  
ARG H2     H N N 27  
ARG HA     H N N 28  
ARG HB2    H N N 29  
ARG HB3    H N N 30  
ARG HG2    H N N 31  
ARG HG3    H N N 32  
ARG HD2    H N N 33  
ARG HD3    H N N 34  
ARG HE     H N N 35  
ARG HH11   H N N 36  
ARG HH12   H N N 37  
ARG HH21   H N N 38  
ARG HH22   H N N 39  
ARG HXT    H N N 40  
ASP N      N N N 41  
ASP CA     C N S 42  
ASP C      C N N 43  
ASP O      O N N 44  
ASP CB     C N N 45  
ASP CG     C N N 46  
ASP OD1    O N N 47  
ASP OD2    O N N 48  
ASP OXT    O N N 49  
ASP H      H N N 50  
ASP H2     H N N 51  
ASP HA     H N N 52  
ASP HB2    H N N 53  
ASP HB3    H N N 54  
ASP HD2    H N N 55  
ASP HXT    H N N 56  
DA  OP3    O N N 57  
DA  P      P N N 58  
DA  OP1    O N N 59  
DA  OP2    O N N 60  
DA  "O5'"  O N N 61  
DA  "C5'"  C N N 62  
DA  "C4'"  C N R 63  
DA  "O4'"  O N N 64  
DA  "C3'"  C N S 65  
DA  "O3'"  O N N 66  
DA  "C2'"  C N N 67  
DA  "C1'"  C N R 68  
DA  N9     N Y N 69  
DA  C8     C Y N 70  
DA  N7     N Y N 71  
DA  C5     C Y N 72  
DA  C6     C Y N 73  
DA  N6     N N N 74  
DA  N1     N Y N 75  
DA  C2     C Y N 76  
DA  N3     N Y N 77  
DA  C4     C Y N 78  
DA  HOP3   H N N 79  
DA  HOP2   H N N 80  
DA  "H5'"  H N N 81  
DA  "H5''" H N N 82  
DA  "H4'"  H N N 83  
DA  "H3'"  H N N 84  
DA  "HO3'" H N N 85  
DA  "H2'"  H N N 86  
DA  "H2''" H N N 87  
DA  "H1'"  H N N 88  
DA  H8     H N N 89  
DA  H61    H N N 90  
DA  H62    H N N 91  
DA  H2     H N N 92  
DC  OP3    O N N 93  
DC  P      P N N 94  
DC  OP1    O N N 95  
DC  OP2    O N N 96  
DC  "O5'"  O N N 97  
DC  "C5'"  C N N 98  
DC  "C4'"  C N R 99  
DC  "O4'"  O N N 100 
DC  "C3'"  C N S 101 
DC  "O3'"  O N N 102 
DC  "C2'"  C N N 103 
DC  "C1'"  C N R 104 
DC  N1     N N N 105 
DC  C2     C N N 106 
DC  O2     O N N 107 
DC  N3     N N N 108 
DC  C4     C N N 109 
DC  N4     N N N 110 
DC  C5     C N N 111 
DC  C6     C N N 112 
DC  HOP3   H N N 113 
DC  HOP2   H N N 114 
DC  "H5'"  H N N 115 
DC  "H5''" H N N 116 
DC  "H4'"  H N N 117 
DC  "H3'"  H N N 118 
DC  "HO3'" H N N 119 
DC  "H2'"  H N N 120 
DC  "H2''" H N N 121 
DC  "H1'"  H N N 122 
DC  H41    H N N 123 
DC  H42    H N N 124 
DC  H5     H N N 125 
DC  H6     H N N 126 
DG  OP3    O N N 127 
DG  P      P N N 128 
DG  OP1    O N N 129 
DG  OP2    O N N 130 
DG  "O5'"  O N N 131 
DG  "C5'"  C N N 132 
DG  "C4'"  C N R 133 
DG  "O4'"  O N N 134 
DG  "C3'"  C N S 135 
DG  "O3'"  O N N 136 
DG  "C2'"  C N N 137 
DG  "C1'"  C N R 138 
DG  N9     N Y N 139 
DG  C8     C Y N 140 
DG  N7     N Y N 141 
DG  C5     C Y N 142 
DG  C6     C N N 143 
DG  O6     O N N 144 
DG  N1     N N N 145 
DG  C2     C N N 146 
DG  N2     N N N 147 
DG  N3     N N N 148 
DG  C4     C Y N 149 
DG  HOP3   H N N 150 
DG  HOP2   H N N 151 
DG  "H5'"  H N N 152 
DG  "H5''" H N N 153 
DG  "H4'"  H N N 154 
DG  "H3'"  H N N 155 
DG  "HO3'" H N N 156 
DG  "H2'"  H N N 157 
DG  "H2''" H N N 158 
DG  "H1'"  H N N 159 
DG  H8     H N N 160 
DG  H1     H N N 161 
DG  H21    H N N 162 
DG  H22    H N N 163 
DT  OP3    O N N 164 
DT  P      P N N 165 
DT  OP1    O N N 166 
DT  OP2    O N N 167 
DT  "O5'"  O N N 168 
DT  "C5'"  C N N 169 
DT  "C4'"  C N R 170 
DT  "O4'"  O N N 171 
DT  "C3'"  C N S 172 
DT  "O3'"  O N N 173 
DT  "C2'"  C N N 174 
DT  "C1'"  C N R 175 
DT  N1     N N N 176 
DT  C2     C N N 177 
DT  O2     O N N 178 
DT  N3     N N N 179 
DT  C4     C N N 180 
DT  O4     O N N 181 
DT  C5     C N N 182 
DT  C7     C N N 183 
DT  C6     C N N 184 
DT  HOP3   H N N 185 
DT  HOP2   H N N 186 
DT  "H5'"  H N N 187 
DT  "H5''" H N N 188 
DT  "H4'"  H N N 189 
DT  "H3'"  H N N 190 
DT  "HO3'" H N N 191 
DT  "H2'"  H N N 192 
DT  "H2''" H N N 193 
DT  "H1'"  H N N 194 
DT  H3     H N N 195 
DT  H71    H N N 196 
DT  H72    H N N 197 
DT  H73    H N N 198 
DT  H6     H N N 199 
GLU N      N N N 200 
GLU CA     C N S 201 
GLU C      C N N 202 
GLU O      O N N 203 
GLU CB     C N N 204 
GLU CG     C N N 205 
GLU CD     C N N 206 
GLU OE1    O N N 207 
GLU OE2    O N N 208 
GLU OXT    O N N 209 
GLU H      H N N 210 
GLU H2     H N N 211 
GLU HA     H N N 212 
GLU HB2    H N N 213 
GLU HB3    H N N 214 
GLU HG2    H N N 215 
GLU HG3    H N N 216 
GLU HE2    H N N 217 
GLU HXT    H N N 218 
GLY N      N N N 219 
GLY CA     C N N 220 
GLY C      C N N 221 
GLY O      O N N 222 
GLY OXT    O N N 223 
GLY H      H N N 224 
GLY H2     H N N 225 
GLY HA2    H N N 226 
GLY HA3    H N N 227 
GLY HXT    H N N 228 
HIS N      N N N 229 
HIS CA     C N S 230 
HIS C      C N N 231 
HIS O      O N N 232 
HIS CB     C N N 233 
HIS CG     C Y N 234 
HIS ND1    N Y N 235 
HIS CD2    C Y N 236 
HIS CE1    C Y N 237 
HIS NE2    N Y N 238 
HIS OXT    O N N 239 
HIS H      H N N 240 
HIS H2     H N N 241 
HIS HA     H N N 242 
HIS HB2    H N N 243 
HIS HB3    H N N 244 
HIS HD1    H N N 245 
HIS HD2    H N N 246 
HIS HE1    H N N 247 
HIS HE2    H N N 248 
HIS HXT    H N N 249 
HOH O      O N N 250 
HOH H1     H N N 251 
HOH H2     H N N 252 
ILE N      N N N 253 
ILE CA     C N S 254 
ILE C      C N N 255 
ILE O      O N N 256 
ILE CB     C N S 257 
ILE CG1    C N N 258 
ILE CG2    C N N 259 
ILE CD1    C N N 260 
ILE OXT    O N N 261 
ILE H      H N N 262 
ILE H2     H N N 263 
ILE HA     H N N 264 
ILE HB     H N N 265 
ILE HG12   H N N 266 
ILE HG13   H N N 267 
ILE HG21   H N N 268 
ILE HG22   H N N 269 
ILE HG23   H N N 270 
ILE HD11   H N N 271 
ILE HD12   H N N 272 
ILE HD13   H N N 273 
ILE HXT    H N N 274 
LEU N      N N N 275 
LEU CA     C N S 276 
LEU C      C N N 277 
LEU O      O N N 278 
LEU CB     C N N 279 
LEU CG     C N N 280 
LEU CD1    C N N 281 
LEU CD2    C N N 282 
LEU OXT    O N N 283 
LEU H      H N N 284 
LEU H2     H N N 285 
LEU HA     H N N 286 
LEU HB2    H N N 287 
LEU HB3    H N N 288 
LEU HG     H N N 289 
LEU HD11   H N N 290 
LEU HD12   H N N 291 
LEU HD13   H N N 292 
LEU HD21   H N N 293 
LEU HD22   H N N 294 
LEU HD23   H N N 295 
LEU HXT    H N N 296 
LYS N      N N N 297 
LYS CA     C N S 298 
LYS C      C N N 299 
LYS O      O N N 300 
LYS CB     C N N 301 
LYS CG     C N N 302 
LYS CD     C N N 303 
LYS CE     C N N 304 
LYS NZ     N N N 305 
LYS OXT    O N N 306 
LYS H      H N N 307 
LYS H2     H N N 308 
LYS HA     H N N 309 
LYS HB2    H N N 310 
LYS HB3    H N N 311 
LYS HG2    H N N 312 
LYS HG3    H N N 313 
LYS HD2    H N N 314 
LYS HD3    H N N 315 
LYS HE2    H N N 316 
LYS HE3    H N N 317 
LYS HZ1    H N N 318 
LYS HZ2    H N N 319 
LYS HZ3    H N N 320 
LYS HXT    H N N 321 
MET N      N N N 322 
MET CA     C N S 323 
MET C      C N N 324 
MET O      O N N 325 
MET CB     C N N 326 
MET CG     C N N 327 
MET SD     S N N 328 
MET CE     C N N 329 
MET OXT    O N N 330 
MET H      H N N 331 
MET H2     H N N 332 
MET HA     H N N 333 
MET HB2    H N N 334 
MET HB3    H N N 335 
MET HG2    H N N 336 
MET HG3    H N N 337 
MET HE1    H N N 338 
MET HE2    H N N 339 
MET HE3    H N N 340 
MET HXT    H N N 341 
PHE N      N N N 342 
PHE CA     C N S 343 
PHE C      C N N 344 
PHE O      O N N 345 
PHE CB     C N N 346 
PHE CG     C Y N 347 
PHE CD1    C Y N 348 
PHE CD2    C Y N 349 
PHE CE1    C Y N 350 
PHE CE2    C Y N 351 
PHE CZ     C Y N 352 
PHE OXT    O N N 353 
PHE H      H N N 354 
PHE H2     H N N 355 
PHE HA     H N N 356 
PHE HB2    H N N 357 
PHE HB3    H N N 358 
PHE HD1    H N N 359 
PHE HD2    H N N 360 
PHE HE1    H N N 361 
PHE HE2    H N N 362 
PHE HZ     H N N 363 
PHE HXT    H N N 364 
PRO N      N N N 365 
PRO CA     C N S 366 
PRO C      C N N 367 
PRO O      O N N 368 
PRO CB     C N N 369 
PRO CG     C N N 370 
PRO CD     C N N 371 
PRO OXT    O N N 372 
PRO H      H N N 373 
PRO HA     H N N 374 
PRO HB2    H N N 375 
PRO HB3    H N N 376 
PRO HG2    H N N 377 
PRO HG3    H N N 378 
PRO HD2    H N N 379 
PRO HD3    H N N 380 
PRO HXT    H N N 381 
SER N      N N N 382 
SER CA     C N S 383 
SER C      C N N 384 
SER O      O N N 385 
SER CB     C N N 386 
SER OG     O N N 387 
SER OXT    O N N 388 
SER H      H N N 389 
SER H2     H N N 390 
SER HA     H N N 391 
SER HB2    H N N 392 
SER HB3    H N N 393 
SER HG     H N N 394 
SER HXT    H N N 395 
THR N      N N N 396 
THR CA     C N S 397 
THR C      C N N 398 
THR O      O N N 399 
THR CB     C N R 400 
THR OG1    O N N 401 
THR CG2    C N N 402 
THR OXT    O N N 403 
THR H      H N N 404 
THR H2     H N N 405 
THR HA     H N N 406 
THR HB     H N N 407 
THR HG1    H N N 408 
THR HG21   H N N 409 
THR HG22   H N N 410 
THR HG23   H N N 411 
THR HXT    H N N 412 
TRP N      N N N 413 
TRP CA     C N S 414 
TRP C      C N N 415 
TRP O      O N N 416 
TRP CB     C N N 417 
TRP CG     C Y N 418 
TRP CD1    C Y N 419 
TRP CD2    C Y N 420 
TRP NE1    N Y N 421 
TRP CE2    C Y N 422 
TRP CE3    C Y N 423 
TRP CZ2    C Y N 424 
TRP CZ3    C Y N 425 
TRP CH2    C Y N 426 
TRP OXT    O N N 427 
TRP H      H N N 428 
TRP H2     H N N 429 
TRP HA     H N N 430 
TRP HB2    H N N 431 
TRP HB3    H N N 432 
TRP HD1    H N N 433 
TRP HE1    H N N 434 
TRP HE3    H N N 435 
TRP HZ2    H N N 436 
TRP HZ3    H N N 437 
TRP HH2    H N N 438 
TRP HXT    H N N 439 
TYR N      N N N 440 
TYR CA     C N S 441 
TYR C      C N N 442 
TYR O      O N N 443 
TYR CB     C N N 444 
TYR CG     C Y N 445 
TYR CD1    C Y N 446 
TYR CD2    C Y N 447 
TYR CE1    C Y N 448 
TYR CE2    C Y N 449 
TYR CZ     C Y N 450 
TYR OH     O N N 451 
TYR OXT    O N N 452 
TYR H      H N N 453 
TYR H2     H N N 454 
TYR HA     H N N 455 
TYR HB2    H N N 456 
TYR HB3    H N N 457 
TYR HD1    H N N 458 
TYR HD2    H N N 459 
TYR HE1    H N N 460 
TYR HE2    H N N 461 
TYR HH     H N N 462 
TYR HXT    H N N 463 
VAL N      N N N 464 
VAL CA     C N S 465 
VAL C      C N N 466 
VAL O      O N N 467 
VAL CB     C N N 468 
VAL CG1    C N N 469 
VAL CG2    C N N 470 
VAL OXT    O N N 471 
VAL H      H N N 472 
VAL H2     H N N 473 
VAL HA     H N N 474 
VAL HB     H N N 475 
VAL HG11   H N N 476 
VAL HG12   H N N 477 
VAL HG13   H N N 478 
VAL HG21   H N N 479 
VAL HG22   H N N 480 
VAL HG23   H N N 481 
VAL HXT    H N N 482 
# 
loop_
_chem_comp_bond.comp_id 
_chem_comp_bond.atom_id_1 
_chem_comp_bond.atom_id_2 
_chem_comp_bond.value_order 
_chem_comp_bond.pdbx_aromatic_flag 
_chem_comp_bond.pdbx_stereo_config 
_chem_comp_bond.pdbx_ordinal 
ALA N     CA     sing N N 1   
ALA N     H      sing N N 2   
ALA N     H2     sing N N 3   
ALA CA    C      sing N N 4   
ALA CA    CB     sing N N 5   
ALA CA    HA     sing N N 6   
ALA C     O      doub N N 7   
ALA C     OXT    sing N N 8   
ALA CB    HB1    sing N N 9   
ALA CB    HB2    sing N N 10  
ALA CB    HB3    sing N N 11  
ALA OXT   HXT    sing N N 12  
ARG N     CA     sing N N 13  
ARG N     H      sing N N 14  
ARG N     H2     sing N N 15  
ARG CA    C      sing N N 16  
ARG CA    CB     sing N N 17  
ARG CA    HA     sing N N 18  
ARG C     O      doub N N 19  
ARG C     OXT    sing N N 20  
ARG CB    CG     sing N N 21  
ARG CB    HB2    sing N N 22  
ARG CB    HB3    sing N N 23  
ARG CG    CD     sing N N 24  
ARG CG    HG2    sing N N 25  
ARG CG    HG3    sing N N 26  
ARG CD    NE     sing N N 27  
ARG CD    HD2    sing N N 28  
ARG CD    HD3    sing N N 29  
ARG NE    CZ     sing N N 30  
ARG NE    HE     sing N N 31  
ARG CZ    NH1    sing N N 32  
ARG CZ    NH2    doub N N 33  
ARG NH1   HH11   sing N N 34  
ARG NH1   HH12   sing N N 35  
ARG NH2   HH21   sing N N 36  
ARG NH2   HH22   sing N N 37  
ARG OXT   HXT    sing N N 38  
ASP N     CA     sing N N 39  
ASP N     H      sing N N 40  
ASP N     H2     sing N N 41  
ASP CA    C      sing N N 42  
ASP CA    CB     sing N N 43  
ASP CA    HA     sing N N 44  
ASP C     O      doub N N 45  
ASP C     OXT    sing N N 46  
ASP CB    CG     sing N N 47  
ASP CB    HB2    sing N N 48  
ASP CB    HB3    sing N N 49  
ASP CG    OD1    doub N N 50  
ASP CG    OD2    sing N N 51  
ASP OD2   HD2    sing N N 52  
ASP OXT   HXT    sing N N 53  
DA  OP3   P      sing N N 54  
DA  OP3   HOP3   sing N N 55  
DA  P     OP1    doub N N 56  
DA  P     OP2    sing N N 57  
DA  P     "O5'"  sing N N 58  
DA  OP2   HOP2   sing N N 59  
DA  "O5'" "C5'"  sing N N 60  
DA  "C5'" "C4'"  sing N N 61  
DA  "C5'" "H5'"  sing N N 62  
DA  "C5'" "H5''" sing N N 63  
DA  "C4'" "O4'"  sing N N 64  
DA  "C4'" "C3'"  sing N N 65  
DA  "C4'" "H4'"  sing N N 66  
DA  "O4'" "C1'"  sing N N 67  
DA  "C3'" "O3'"  sing N N 68  
DA  "C3'" "C2'"  sing N N 69  
DA  "C3'" "H3'"  sing N N 70  
DA  "O3'" "HO3'" sing N N 71  
DA  "C2'" "C1'"  sing N N 72  
DA  "C2'" "H2'"  sing N N 73  
DA  "C2'" "H2''" sing N N 74  
DA  "C1'" N9     sing N N 75  
DA  "C1'" "H1'"  sing N N 76  
DA  N9    C8     sing Y N 77  
DA  N9    C4     sing Y N 78  
DA  C8    N7     doub Y N 79  
DA  C8    H8     sing N N 80  
DA  N7    C5     sing Y N 81  
DA  C5    C6     sing Y N 82  
DA  C5    C4     doub Y N 83  
DA  C6    N6     sing N N 84  
DA  C6    N1     doub Y N 85  
DA  N6    H61    sing N N 86  
DA  N6    H62    sing N N 87  
DA  N1    C2     sing Y N 88  
DA  C2    N3     doub Y N 89  
DA  C2    H2     sing N N 90  
DA  N3    C4     sing Y N 91  
DC  OP3   P      sing N N 92  
DC  OP3   HOP3   sing N N 93  
DC  P     OP1    doub N N 94  
DC  P     OP2    sing N N 95  
DC  P     "O5'"  sing N N 96  
DC  OP2   HOP2   sing N N 97  
DC  "O5'" "C5'"  sing N N 98  
DC  "C5'" "C4'"  sing N N 99  
DC  "C5'" "H5'"  sing N N 100 
DC  "C5'" "H5''" sing N N 101 
DC  "C4'" "O4'"  sing N N 102 
DC  "C4'" "C3'"  sing N N 103 
DC  "C4'" "H4'"  sing N N 104 
DC  "O4'" "C1'"  sing N N 105 
DC  "C3'" "O3'"  sing N N 106 
DC  "C3'" "C2'"  sing N N 107 
DC  "C3'" "H3'"  sing N N 108 
DC  "O3'" "HO3'" sing N N 109 
DC  "C2'" "C1'"  sing N N 110 
DC  "C2'" "H2'"  sing N N 111 
DC  "C2'" "H2''" sing N N 112 
DC  "C1'" N1     sing N N 113 
DC  "C1'" "H1'"  sing N N 114 
DC  N1    C2     sing N N 115 
DC  N1    C6     sing N N 116 
DC  C2    O2     doub N N 117 
DC  C2    N3     sing N N 118 
DC  N3    C4     doub N N 119 
DC  C4    N4     sing N N 120 
DC  C4    C5     sing N N 121 
DC  N4    H41    sing N N 122 
DC  N4    H42    sing N N 123 
DC  C5    C6     doub N N 124 
DC  C5    H5     sing N N 125 
DC  C6    H6     sing N N 126 
DG  OP3   P      sing N N 127 
DG  OP3   HOP3   sing N N 128 
DG  P     OP1    doub N N 129 
DG  P     OP2    sing N N 130 
DG  P     "O5'"  sing N N 131 
DG  OP2   HOP2   sing N N 132 
DG  "O5'" "C5'"  sing N N 133 
DG  "C5'" "C4'"  sing N N 134 
DG  "C5'" "H5'"  sing N N 135 
DG  "C5'" "H5''" sing N N 136 
DG  "C4'" "O4'"  sing N N 137 
DG  "C4'" "C3'"  sing N N 138 
DG  "C4'" "H4'"  sing N N 139 
DG  "O4'" "C1'"  sing N N 140 
DG  "C3'" "O3'"  sing N N 141 
DG  "C3'" "C2'"  sing N N 142 
DG  "C3'" "H3'"  sing N N 143 
DG  "O3'" "HO3'" sing N N 144 
DG  "C2'" "C1'"  sing N N 145 
DG  "C2'" "H2'"  sing N N 146 
DG  "C2'" "H2''" sing N N 147 
DG  "C1'" N9     sing N N 148 
DG  "C1'" "H1'"  sing N N 149 
DG  N9    C8     sing Y N 150 
DG  N9    C4     sing Y N 151 
DG  C8    N7     doub Y N 152 
DG  C8    H8     sing N N 153 
DG  N7    C5     sing Y N 154 
DG  C5    C6     sing N N 155 
DG  C5    C4     doub Y N 156 
DG  C6    O6     doub N N 157 
DG  C6    N1     sing N N 158 
DG  N1    C2     sing N N 159 
DG  N1    H1     sing N N 160 
DG  C2    N2     sing N N 161 
DG  C2    N3     doub N N 162 
DG  N2    H21    sing N N 163 
DG  N2    H22    sing N N 164 
DG  N3    C4     sing N N 165 
DT  OP3   P      sing N N 166 
DT  OP3   HOP3   sing N N 167 
DT  P     OP1    doub N N 168 
DT  P     OP2    sing N N 169 
DT  P     "O5'"  sing N N 170 
DT  OP2   HOP2   sing N N 171 
DT  "O5'" "C5'"  sing N N 172 
DT  "C5'" "C4'"  sing N N 173 
DT  "C5'" "H5'"  sing N N 174 
DT  "C5'" "H5''" sing N N 175 
DT  "C4'" "O4'"  sing N N 176 
DT  "C4'" "C3'"  sing N N 177 
DT  "C4'" "H4'"  sing N N 178 
DT  "O4'" "C1'"  sing N N 179 
DT  "C3'" "O3'"  sing N N 180 
DT  "C3'" "C2'"  sing N N 181 
DT  "C3'" "H3'"  sing N N 182 
DT  "O3'" "HO3'" sing N N 183 
DT  "C2'" "C1'"  sing N N 184 
DT  "C2'" "H2'"  sing N N 185 
DT  "C2'" "H2''" sing N N 186 
DT  "C1'" N1     sing N N 187 
DT  "C1'" "H1'"  sing N N 188 
DT  N1    C2     sing N N 189 
DT  N1    C6     sing N N 190 
DT  C2    O2     doub N N 191 
DT  C2    N3     sing N N 192 
DT  N3    C4     sing N N 193 
DT  N3    H3     sing N N 194 
DT  C4    O4     doub N N 195 
DT  C4    C5     sing N N 196 
DT  C5    C7     sing N N 197 
DT  C5    C6     doub N N 198 
DT  C7    H71    sing N N 199 
DT  C7    H72    sing N N 200 
DT  C7    H73    sing N N 201 
DT  C6    H6     sing N N 202 
GLU N     CA     sing N N 203 
GLU N     H      sing N N 204 
GLU N     H2     sing N N 205 
GLU CA    C      sing N N 206 
GLU CA    CB     sing N N 207 
GLU CA    HA     sing N N 208 
GLU C     O      doub N N 209 
GLU C     OXT    sing N N 210 
GLU CB    CG     sing N N 211 
GLU CB    HB2    sing N N 212 
GLU CB    HB3    sing N N 213 
GLU CG    CD     sing N N 214 
GLU CG    HG2    sing N N 215 
GLU CG    HG3    sing N N 216 
GLU CD    OE1    doub N N 217 
GLU CD    OE2    sing N N 218 
GLU OE2   HE2    sing N N 219 
GLU OXT   HXT    sing N N 220 
GLY N     CA     sing N N 221 
GLY N     H      sing N N 222 
GLY N     H2     sing N N 223 
GLY CA    C      sing N N 224 
GLY CA    HA2    sing N N 225 
GLY CA    HA3    sing N N 226 
GLY C     O      doub N N 227 
GLY C     OXT    sing N N 228 
GLY OXT   HXT    sing N N 229 
HIS N     CA     sing N N 230 
HIS N     H      sing N N 231 
HIS N     H2     sing N N 232 
HIS CA    C      sing N N 233 
HIS CA    CB     sing N N 234 
HIS CA    HA     sing N N 235 
HIS C     O      doub N N 236 
HIS C     OXT    sing N N 237 
HIS CB    CG     sing N N 238 
HIS CB    HB2    sing N N 239 
HIS CB    HB3    sing N N 240 
HIS CG    ND1    sing Y N 241 
HIS CG    CD2    doub Y N 242 
HIS ND1   CE1    doub Y N 243 
HIS ND1   HD1    sing N N 244 
HIS CD2   NE2    sing Y N 245 
HIS CD2   HD2    sing N N 246 
HIS CE1   NE2    sing Y N 247 
HIS CE1   HE1    sing N N 248 
HIS NE2   HE2    sing N N 249 
HIS OXT   HXT    sing N N 250 
HOH O     H1     sing N N 251 
HOH O     H2     sing N N 252 
ILE N     CA     sing N N 253 
ILE N     H      sing N N 254 
ILE N     H2     sing N N 255 
ILE CA    C      sing N N 256 
ILE CA    CB     sing N N 257 
ILE CA    HA     sing N N 258 
ILE C     O      doub N N 259 
ILE C     OXT    sing N N 260 
ILE CB    CG1    sing N N 261 
ILE CB    CG2    sing N N 262 
ILE CB    HB     sing N N 263 
ILE CG1   CD1    sing N N 264 
ILE CG1   HG12   sing N N 265 
ILE CG1   HG13   sing N N 266 
ILE CG2   HG21   sing N N 267 
ILE CG2   HG22   sing N N 268 
ILE CG2   HG23   sing N N 269 
ILE CD1   HD11   sing N N 270 
ILE CD1   HD12   sing N N 271 
ILE CD1   HD13   sing N N 272 
ILE OXT   HXT    sing N N 273 
LEU N     CA     sing N N 274 
LEU N     H      sing N N 275 
LEU N     H2     sing N N 276 
LEU CA    C      sing N N 277 
LEU CA    CB     sing N N 278 
LEU CA    HA     sing N N 279 
LEU C     O      doub N N 280 
LEU C     OXT    sing N N 281 
LEU CB    CG     sing N N 282 
LEU CB    HB2    sing N N 283 
LEU CB    HB3    sing N N 284 
LEU CG    CD1    sing N N 285 
LEU CG    CD2    sing N N 286 
LEU CG    HG     sing N N 287 
LEU CD1   HD11   sing N N 288 
LEU CD1   HD12   sing N N 289 
LEU CD1   HD13   sing N N 290 
LEU CD2   HD21   sing N N 291 
LEU CD2   HD22   sing N N 292 
LEU CD2   HD23   sing N N 293 
LEU OXT   HXT    sing N N 294 
LYS N     CA     sing N N 295 
LYS N     H      sing N N 296 
LYS N     H2     sing N N 297 
LYS CA    C      sing N N 298 
LYS CA    CB     sing N N 299 
LYS CA    HA     sing N N 300 
LYS C     O      doub N N 301 
LYS C     OXT    sing N N 302 
LYS CB    CG     sing N N 303 
LYS CB    HB2    sing N N 304 
LYS CB    HB3    sing N N 305 
LYS CG    CD     sing N N 306 
LYS CG    HG2    sing N N 307 
LYS CG    HG3    sing N N 308 
LYS CD    CE     sing N N 309 
LYS CD    HD2    sing N N 310 
LYS CD    HD3    sing N N 311 
LYS CE    NZ     sing N N 312 
LYS CE    HE2    sing N N 313 
LYS CE    HE3    sing N N 314 
LYS NZ    HZ1    sing N N 315 
LYS NZ    HZ2    sing N N 316 
LYS NZ    HZ3    sing N N 317 
LYS OXT   HXT    sing N N 318 
MET N     CA     sing N N 319 
MET N     H      sing N N 320 
MET N     H2     sing N N 321 
MET CA    C      sing N N 322 
MET CA    CB     sing N N 323 
MET CA    HA     sing N N 324 
MET C     O      doub N N 325 
MET C     OXT    sing N N 326 
MET CB    CG     sing N N 327 
MET CB    HB2    sing N N 328 
MET CB    HB3    sing N N 329 
MET CG    SD     sing N N 330 
MET CG    HG2    sing N N 331 
MET CG    HG3    sing N N 332 
MET SD    CE     sing N N 333 
MET CE    HE1    sing N N 334 
MET CE    HE2    sing N N 335 
MET CE    HE3    sing N N 336 
MET OXT   HXT    sing N N 337 
PHE N     CA     sing N N 338 
PHE N     H      sing N N 339 
PHE N     H2     sing N N 340 
PHE CA    C      sing N N 341 
PHE CA    CB     sing N N 342 
PHE CA    HA     sing N N 343 
PHE C     O      doub N N 344 
PHE C     OXT    sing N N 345 
PHE CB    CG     sing N N 346 
PHE CB    HB2    sing N N 347 
PHE CB    HB3    sing N N 348 
PHE CG    CD1    doub Y N 349 
PHE CG    CD2    sing Y N 350 
PHE CD1   CE1    sing Y N 351 
PHE CD1   HD1    sing N N 352 
PHE CD2   CE2    doub Y N 353 
PHE CD2   HD2    sing N N 354 
PHE CE1   CZ     doub Y N 355 
PHE CE1   HE1    sing N N 356 
PHE CE2   CZ     sing Y N 357 
PHE CE2   HE2    sing N N 358 
PHE CZ    HZ     sing N N 359 
PHE OXT   HXT    sing N N 360 
PRO N     CA     sing N N 361 
PRO N     CD     sing N N 362 
PRO N     H      sing N N 363 
PRO CA    C      sing N N 364 
PRO CA    CB     sing N N 365 
PRO CA    HA     sing N N 366 
PRO C     O      doub N N 367 
PRO C     OXT    sing N N 368 
PRO CB    CG     sing N N 369 
PRO CB    HB2    sing N N 370 
PRO CB    HB3    sing N N 371 
PRO CG    CD     sing N N 372 
PRO CG    HG2    sing N N 373 
PRO CG    HG3    sing N N 374 
PRO CD    HD2    sing N N 375 
PRO CD    HD3    sing N N 376 
PRO OXT   HXT    sing N N 377 
SER N     CA     sing N N 378 
SER N     H      sing N N 379 
SER N     H2     sing N N 380 
SER CA    C      sing N N 381 
SER CA    CB     sing N N 382 
SER CA    HA     sing N N 383 
SER C     O      doub N N 384 
SER C     OXT    sing N N 385 
SER CB    OG     sing N N 386 
SER CB    HB2    sing N N 387 
SER CB    HB3    sing N N 388 
SER OG    HG     sing N N 389 
SER OXT   HXT    sing N N 390 
THR N     CA     sing N N 391 
THR N     H      sing N N 392 
THR N     H2     sing N N 393 
THR CA    C      sing N N 394 
THR CA    CB     sing N N 395 
THR CA    HA     sing N N 396 
THR C     O      doub N N 397 
THR C     OXT    sing N N 398 
THR CB    OG1    sing N N 399 
THR CB    CG2    sing N N 400 
THR CB    HB     sing N N 401 
THR OG1   HG1    sing N N 402 
THR CG2   HG21   sing N N 403 
THR CG2   HG22   sing N N 404 
THR CG2   HG23   sing N N 405 
THR OXT   HXT    sing N N 406 
TRP N     CA     sing N N 407 
TRP N     H      sing N N 408 
TRP N     H2     sing N N 409 
TRP CA    C      sing N N 410 
TRP CA    CB     sing N N 411 
TRP CA    HA     sing N N 412 
TRP C     O      doub N N 413 
TRP C     OXT    sing N N 414 
TRP CB    CG     sing N N 415 
TRP CB    HB2    sing N N 416 
TRP CB    HB3    sing N N 417 
TRP CG    CD1    doub Y N 418 
TRP CG    CD2    sing Y N 419 
TRP CD1   NE1    sing Y N 420 
TRP CD1   HD1    sing N N 421 
TRP CD2   CE2    doub Y N 422 
TRP CD2   CE3    sing Y N 423 
TRP NE1   CE2    sing Y N 424 
TRP NE1   HE1    sing N N 425 
TRP CE2   CZ2    sing Y N 426 
TRP CE3   CZ3    doub Y N 427 
TRP CE3   HE3    sing N N 428 
TRP CZ2   CH2    doub Y N 429 
TRP CZ2   HZ2    sing N N 430 
TRP CZ3   CH2    sing Y N 431 
TRP CZ3   HZ3    sing N N 432 
TRP CH2   HH2    sing N N 433 
TRP OXT   HXT    sing N N 434 
TYR N     CA     sing N N 435 
TYR N     H      sing N N 436 
TYR N     H2     sing N N 437 
TYR CA    C      sing N N 438 
TYR CA    CB     sing N N 439 
TYR CA    HA     sing N N 440 
TYR C     O      doub N N 441 
TYR C     OXT    sing N N 442 
TYR CB    CG     sing N N 443 
TYR CB    HB2    sing N N 444 
TYR CB    HB3    sing N N 445 
TYR CG    CD1    doub Y N 446 
TYR CG    CD2    sing Y N 447 
TYR CD1   CE1    sing Y N 448 
TYR CD1   HD1    sing N N 449 
TYR CD2   CE2    doub Y N 450 
TYR CD2   HD2    sing N N 451 
TYR CE1   CZ     doub Y N 452 
TYR CE1   HE1    sing N N 453 
TYR CE2   CZ     sing Y N 454 
TYR CE2   HE2    sing N N 455 
TYR CZ    OH     sing N N 456 
TYR OH    HH     sing N N 457 
TYR OXT   HXT    sing N N 458 
VAL N     CA     sing N N 459 
VAL N     H      sing N N 460 
VAL N     H2     sing N N 461 
VAL CA    C      sing N N 462 
VAL CA    CB     sing N N 463 
VAL CA    HA     sing N N 464 
VAL C     O      doub N N 465 
VAL C     OXT    sing N N 466 
VAL CB    CG1    sing N N 467 
VAL CB    CG2    sing N N 468 
VAL CB    HB     sing N N 469 
VAL CG1   HG11   sing N N 470 
VAL CG1   HG12   sing N N 471 
VAL CG1   HG13   sing N N 472 
VAL CG2   HG21   sing N N 473 
VAL CG2   HG22   sing N N 474 
VAL CG2   HG23   sing N N 475 
VAL OXT   HXT    sing N N 476 
# 
_ndb_struct_conf_na.entry_id   3LWH 
_ndb_struct_conf_na.feature    'b-form double helix' 
# 
loop_
_ndb_struct_na_base_pair.model_number 
_ndb_struct_na_base_pair.i_label_asym_id 
_ndb_struct_na_base_pair.i_label_comp_id 
_ndb_struct_na_base_pair.i_label_seq_id 
_ndb_struct_na_base_pair.i_symmetry 
_ndb_struct_na_base_pair.j_label_asym_id 
_ndb_struct_na_base_pair.j_label_comp_id 
_ndb_struct_na_base_pair.j_label_seq_id 
_ndb_struct_na_base_pair.j_symmetry 
_ndb_struct_na_base_pair.shear 
_ndb_struct_na_base_pair.stretch 
_ndb_struct_na_base_pair.stagger 
_ndb_struct_na_base_pair.buckle 
_ndb_struct_na_base_pair.propeller 
_ndb_struct_na_base_pair.opening 
_ndb_struct_na_base_pair.pair_number 
_ndb_struct_na_base_pair.pair_name 
_ndb_struct_na_base_pair.i_auth_asym_id 
_ndb_struct_na_base_pair.i_auth_seq_id 
_ndb_struct_na_base_pair.i_PDB_ins_code 
_ndb_struct_na_base_pair.j_auth_asym_id 
_ndb_struct_na_base_pair.j_auth_seq_id 
_ndb_struct_na_base_pair.j_PDB_ins_code 
_ndb_struct_na_base_pair.hbond_type_28 
_ndb_struct_na_base_pair.hbond_type_12 
1 B DG 1 1_555 C DC 8 1_555 -0.446 -0.090 0.089  0.545   -5.099  1.291  1 B_DG101:DC116_C B 101 ? C 116 ? 19 1 
1 B DT 2 1_555 C DA 7 1_555 -0.049 -0.256 -0.074 6.549   -6.730  4.613  2 B_DT102:DA115_C B 102 ? C 115 ? 20 1 
1 B DA 3 1_555 C DT 6 1_555 0.122  -0.151 0.187  24.951  -9.757  4.639  3 B_DA103:DT114_C B 103 ? C 114 ? 20 1 
1 B DA 4 1_555 C DT 5 1_555 0.052  -0.084 -0.308 -18.353 2.755   3.139  4 B_DA104:DT113_C B 104 ? C 113 ? 20 1 
1 B DT 5 1_555 C DA 4 1_555 -0.176 -0.104 0.094  -0.147  -4.899  6.040  5 B_DT105:DA112_C B 105 ? C 112 ? 20 1 
1 B DT 6 1_555 C DA 3 1_555 -0.104 -0.160 -0.224 10.462  -1.219  1.564  6 B_DT106:DA111_C B 106 ? C 111 ? 20 1 
1 B DA 7 1_555 C DT 2 1_555 0.121  -0.098 0.185  9.677   -10.367 -2.260 7 B_DA107:DT110_C B 107 ? C 110 ? 20 1 
1 B DC 8 1_555 C DG 1 1_555 0.378  -0.182 0.025  6.899   -7.148  1.290  8 B_DC108:DG109_C B 108 ? C 109 ? 19 1 
# 
loop_
_ndb_struct_na_base_pair_step.model_number 
_ndb_struct_na_base_pair_step.i_label_asym_id_1 
_ndb_struct_na_base_pair_step.i_label_comp_id_1 
_ndb_struct_na_base_pair_step.i_label_seq_id_1 
_ndb_struct_na_base_pair_step.i_symmetry_1 
_ndb_struct_na_base_pair_step.j_label_asym_id_1 
_ndb_struct_na_base_pair_step.j_label_comp_id_1 
_ndb_struct_na_base_pair_step.j_label_seq_id_1 
_ndb_struct_na_base_pair_step.j_symmetry_1 
_ndb_struct_na_base_pair_step.i_label_asym_id_2 
_ndb_struct_na_base_pair_step.i_label_comp_id_2 
_ndb_struct_na_base_pair_step.i_label_seq_id_2 
_ndb_struct_na_base_pair_step.i_symmetry_2 
_ndb_struct_na_base_pair_step.j_label_asym_id_2 
_ndb_struct_na_base_pair_step.j_label_comp_id_2 
_ndb_struct_na_base_pair_step.j_label_seq_id_2 
_ndb_struct_na_base_pair_step.j_symmetry_2 
_ndb_struct_na_base_pair_step.shift 
_ndb_struct_na_base_pair_step.slide 
_ndb_struct_na_base_pair_step.rise 
_ndb_struct_na_base_pair_step.tilt 
_ndb_struct_na_base_pair_step.roll 
_ndb_struct_na_base_pair_step.twist 
_ndb_struct_na_base_pair_step.x_displacement 
_ndb_struct_na_base_pair_step.y_displacement 
_ndb_struct_na_base_pair_step.helical_rise 
_ndb_struct_na_base_pair_step.inclination 
_ndb_struct_na_base_pair_step.tip 
_ndb_struct_na_base_pair_step.helical_twist 
_ndb_struct_na_base_pair_step.step_number 
_ndb_struct_na_base_pair_step.step_name 
_ndb_struct_na_base_pair_step.i_auth_asym_id_1 
_ndb_struct_na_base_pair_step.i_auth_seq_id_1 
_ndb_struct_na_base_pair_step.i_PDB_ins_code_1 
_ndb_struct_na_base_pair_step.j_auth_asym_id_1 
_ndb_struct_na_base_pair_step.j_auth_seq_id_1 
_ndb_struct_na_base_pair_step.j_PDB_ins_code_1 
_ndb_struct_na_base_pair_step.i_auth_asym_id_2 
_ndb_struct_na_base_pair_step.i_auth_seq_id_2 
_ndb_struct_na_base_pair_step.i_PDB_ins_code_2 
_ndb_struct_na_base_pair_step.j_auth_asym_id_2 
_ndb_struct_na_base_pair_step.j_auth_seq_id_2 
_ndb_struct_na_base_pair_step.j_PDB_ins_code_2 
1 B DG 1 1_555 C DC 8 1_555 B DT 2 1_555 C DA 7 1_555 -0.247 -0.273 3.132 0.867  -0.361 30.756 -0.446 0.628  3.127 -0.680 -1.633  
30.770 1 BB_DG101DT102:DA115DC116_CC B 101 ? C 116 ? B 102 ? C 115 ? 
1 B DT 2 1_555 C DA 7 1_555 B DA 3 1_555 C DT 6 1_555 0.215  1.272  3.031 1.855  8.575  26.986 0.638  -0.016 3.280 17.789 -3.849  
28.351 2 BB_DT102DA103:DT114DA115_CC B 102 ? C 115 ? B 103 ? C 114 ? 
1 B DA 3 1_555 C DT 6 1_555 B DA 4 1_555 C DT 5 1_555 -0.064 1.394  5.675 -0.668 52.710 20.287 -5.033 -0.015 3.414 70.427 0.892   
56.221 3 BB_DA103DA104:DT113DT114_CC B 103 ? C 114 ? B 104 ? C 113 ? 
1 B DA 4 1_555 C DT 5 1_555 B DT 5 1_555 C DA 4 1_555 0.127  -0.281 2.947 -4.545 6.164  22.159 -2.546 -1.679 2.692 15.456 11.395  
23.430 4 BB_DA104DT105:DA112DT113_CC B 104 ? C 113 ? B 105 ? C 112 ? 
1 B DT 5 1_555 C DA 4 1_555 B DT 6 1_555 C DA 3 1_555 -0.286 0.441  3.218 5.148  11.214 23.559 -2.020 1.990  2.990 25.358 -11.640 
26.554 5 BB_DT105DT106:DA111DA112_CC B 105 ? C 112 ? B 106 ? C 111 ? 
1 B DT 6 1_555 C DA 3 1_555 B DA 7 1_555 C DT 2 1_555 -0.159 1.197  3.347 -1.964 -3.798 46.756 1.820  0.036  3.249 -4.774 2.469   
46.941 6 BB_DT106DA107:DT110DA111_CC B 106 ? C 111 ? B 107 ? C 110 ? 
1 B DA 7 1_555 C DT 2 1_555 B DC 8 1_555 C DG 1 1_555 0.784  -0.477 3.374 0.511  -1.070 34.743 -0.630 -1.232 3.398 -1.791 -0.856  
34.763 7 BB_DA107DC108:DG109DT110_CC B 107 ? C 110 ? B 108 ? C 109 ? 
# 
_pdbx_entity_nonpoly.entity_id   3 
_pdbx_entity_nonpoly.name        water 
_pdbx_entity_nonpoly.comp_id     HOH 
# 
_pdbx_initial_refinement_model.id               1 
_pdbx_initial_refinement_model.entity_id_list   ? 
_pdbx_initial_refinement_model.type             'experimental model' 
_pdbx_initial_refinement_model.source_name      PDB 
_pdbx_initial_refinement_model.accession_code   2JTM 
_pdbx_initial_refinement_model.details          'PDB ENTRY 2JTM' 
# 
